data_7BTR
#
_entry.id   7BTR
#
_cell.length_a   1.00
_cell.length_b   1.00
_cell.length_c   1.00
_cell.angle_alpha   90.00
_cell.angle_beta   90.00
_cell.angle_gamma   90.00
#
_symmetry.space_group_name_H-M   'P 1'
#
loop_
_entity.id
_entity.type
_entity.pdbx_description
1 polymer 'Antirestriction protein ArdA'
2 polymer 'Type I restriction enzyme R Protein'
3 polymer 'Type I restriction enzyme EcoR124II M protein'
4 polymer 'Type-1 restriction enzyme EcoR124II specificity protein'
#
loop_
_entity_poly.entity_id
_entity_poly.type
_entity_poly.pdbx_seq_one_letter_code
_entity_poly.pdbx_strand_id
1 'polypeptide(L)'
;MDDMQVYIANLGKYNEGELVGAWFTFPIDFEEVKEKIGLNDEYEEYAIHDYELPFTVDEYTSIGELNRLWEMVSELPEEL
QSELSALLTHFSSIEELSEHQEDIIIHSDCDDMYDVARYYIEETGALGEVPASLQNYIDYQAYGRDLDLSGTFISTNHGI
FEIVY
;
B,F
2 'polypeptide(L)'
;MTHQTHTIAESNNFIVLDKYIKAEPTGDSYQSESDLERELIQDLRNQGYEFISVKSQSAMLANVREQLQNLNGVVFNDSE
WRRFTEQYLDNPSDGILDKTRKIHIDYICDFIFDDERLENIYLIDKKNLMRNKVQIIQQFEQAGSHANRYDVTILVNGLP
LVQIELKKRGVAIREAFNQIHRYSKESFNSENSLFKYLQLFVISNGTDTRYFANTTKRDKNSFDFTMNWAKSDNTLIKDL
KDFTATCFQKHTLLNVLVNYSVFDSSQTLLVMRPYQIAATERILWKIKSSFTAKNWSKPESGGYIWHTTGSGKTLTSFKA
ARLATELDFIDKVFFVVDRKDLDYQTMKEYQRFSPDSVNGSENTAGLKRNLDKDDNKIIVTTIQKLNNLMKAESDLPVYN
QQVVFIFDECHRSQFGEAQKNLKKKFKRYYQFGFTGTPIFPENALGSETTASVFGRELHSYVITDAIRDEKVLKFKVDYN
DVRPQFKSLETETDEKKLSAAENQQAFLHPMRIQEITQYILNNFRQKTHRTFPGSKGFNAMLAVSSVDAAKAYYATFKRL
QEEAANKSATYKPLRIATIFSFAANEEQNAIGEISDETFDTSAMDSSAKEFLDAAIREYNSHFKTNFSTDSNGFQNYYRD
LAQRVKNQDIDLLIVVGMFLTGFDAPTLNTLFVDKNLRYHGLMQAFSRTNRIYDATKTFGNIVTFRDLERSTIDAITLFG
DKNTKNVVLEKSYTEYMEGFTDAATGEAKRGFMTVVSELEQRFPDPTSIESEKEKKDFVKLFGEYLRAENILQNYDEFAT
LKALQQIDLSDPVAVEKFKAEHYVDDEKFAELQTIRLPADRKIQDYRSAYNDIRDWQRREKEAEKKEKSTTDWDDVVFEV
DLLKSQEINLDYILGLIFEHNRQNKGKGEMIEEVKRLIRSSLGNRAKEGLVVDFIQQTNLDDLPDKASIIDAFFTFAQRE
QQREAEALIKEENLNEDAAKRYIRTSLKREYATENGTELNETLPKLSPLNPQYKTKKQAVFQKIVSFIEKFKGVGGKI
;
C
3 'polypeptide(L)'
;MKMTSIQQRAELHRQIWQIANDVRGSVDGWDFKQYVLGALFYRFISENFSSYIEAGDDSICYAKLDDSVITDDIKDDAIK
TKGYFIYPSQLFCNVAAKANTNDRLNADLNSIFVAIESSAYGYPSEADIKGLFADFDTTSNRLGNTVKDKNARLAAVLKG
VEGLKLGDFNEHQIDLFGDAYEFLISNYAANAGKSGGEFFTPQHVSKLIAQLAMHGQTHVNKIYDPAAGSGSLLLQAKKQ
FDNHIIEEGFFGQEINHTTYNLARMNMFLHNINYDKFDIKLGNTLTEPHFRDEKPFDAIVSNPPYSVKWIGSDDPTLIND
ERFAPAGVLAPKSKADFAFVLHALNYLSAKGRAAIVCFPGIFYRGGAEQKIRQYLVDNNYVETVISLAPNLFFGTTIAVN
ILVLSKHKTDTNVQFIDASELFKKETNNNILTDAHIEQIMQVFASKEDVAHLAKSVAFETVVANDYNLSVSSYVEAKDNR
EIIDIAELNAELKTTVSKIDQLRKDIDAIVAEIEGCEVQK
;
D,A
4 'polypeptide(L)'
;MSEMSYLEKLLDGVEVEWLPLGEITKYEQPTKYLVKAKDYHDTYTIPVLTAGKTFILGYTNETHGIYQASKAPVIIFDDF
TTANKWVDFDFKAKSSAMKMVTSCDDNKTLLKYVYYWLNTLPSEFAEGDHKRQWISNYSQKKIPIPCPDNPEKSLAIQSE
IVRILDKFTALTAELTAELNMRKKQYNYYRDQLLSFKEGEVEWKTLGEIGKWYGGGTPSKNKIEFWENGSIPWISPKDMG
RTLVDSSEDYITEEAVLHSSTKLIPANSIAIVVRSSILDKVLPSALIKVPATLNQDMKAVIPHENILVKYIYHMIGSRGS
DILRAAKKTGGSVASIDSKKLFSFKIPVPNINEQQRIVEILDKFDTLTNSITEGLPREIELRQKQYEYYRDLLFSFPKPE
TVSN
;
E
#
# COMPACT_ATOMS: atom_id res chain seq x y z
N ASP A 3 12.97 42.61 -24.02
CA ASP A 3 12.52 42.54 -22.65
C ASP A 3 11.89 43.87 -22.28
N MET A 4 10.60 43.82 -21.92
CA MET A 4 9.85 44.94 -21.35
C MET A 4 9.78 46.13 -22.31
N GLN A 5 9.09 45.94 -23.44
CA GLN A 5 8.99 46.97 -24.45
C GLN A 5 7.58 46.99 -25.02
N VAL A 6 7.12 48.19 -25.39
CA VAL A 6 5.71 48.40 -25.70
C VAL A 6 5.55 49.00 -27.08
N TYR A 7 4.46 48.63 -27.74
CA TYR A 7 4.06 49.21 -29.01
C TYR A 7 2.95 50.21 -28.68
N ILE A 8 3.30 51.48 -28.54
CA ILE A 8 2.31 52.45 -28.09
C ILE A 8 2.20 53.68 -28.98
N ALA A 9 1.36 53.59 -30.02
CA ALA A 9 0.88 54.69 -30.86
C ALA A 9 -0.14 54.18 -31.86
N ASN A 10 -1.19 54.94 -32.19
CA ASN A 10 -1.62 56.21 -31.57
C ASN A 10 -3.15 56.27 -31.60
N LEU A 11 -3.75 57.11 -30.75
CA LEU A 11 -5.20 57.24 -30.78
C LEU A 11 -5.68 58.08 -31.95
N GLY A 12 -4.81 58.89 -32.53
CA GLY A 12 -5.14 59.54 -33.79
C GLY A 12 -5.19 58.51 -34.90
N LYS A 13 -6.27 58.56 -35.68
CA LYS A 13 -6.72 57.47 -36.55
C LYS A 13 -6.83 56.18 -35.74
N TYR A 14 -7.83 56.24 -34.84
CA TYR A 14 -8.14 55.28 -33.78
C TYR A 14 -8.11 53.81 -34.19
N ASN A 15 -8.34 53.51 -35.47
CA ASN A 15 -8.41 52.16 -36.01
C ASN A 15 -7.03 51.55 -36.28
N GLU A 16 -6.03 52.00 -35.53
CA GLU A 16 -4.60 51.79 -35.72
C GLU A 16 -4.13 52.28 -37.09
N GLY A 17 -4.81 53.29 -37.63
CA GLY A 17 -4.18 54.14 -38.61
C GLY A 17 -3.17 55.04 -37.95
N GLU A 18 -2.25 55.56 -38.77
CA GLU A 18 -1.02 56.21 -38.33
C GLU A 18 -0.26 55.29 -37.38
N LEU A 19 -0.14 54.03 -37.79
CA LEU A 19 0.54 53.04 -36.95
C LEU A 19 2.04 53.30 -37.01
N VAL A 20 2.58 53.82 -35.91
CA VAL A 20 3.99 54.14 -35.80
C VAL A 20 4.48 53.74 -34.42
N GLY A 21 5.79 53.69 -34.28
CA GLY A 21 6.42 53.60 -32.98
C GLY A 21 6.52 52.15 -32.60
N ALA A 22 7.68 51.53 -32.79
CA ALA A 22 7.71 50.08 -32.76
C ALA A 22 7.78 49.55 -31.34
N TRP A 23 8.89 49.80 -30.67
CA TRP A 23 9.07 49.24 -29.33
C TRP A 23 9.83 50.26 -28.51
N PHE A 24 9.47 50.34 -27.23
CA PHE A 24 10.02 51.38 -26.35
C PHE A 24 10.43 50.68 -25.06
N THR A 25 11.73 50.52 -24.87
CA THR A 25 12.19 50.00 -23.60
C THR A 25 12.31 51.13 -22.59
N PHE A 26 12.33 50.79 -21.44
CA PHE A 26 12.24 51.72 -20.34
C PHE A 26 13.61 52.29 -19.99
N PRO A 27 13.69 53.56 -19.57
CA PRO A 27 12.61 54.56 -19.37
C PRO A 27 12.11 55.16 -20.67
N ILE A 28 10.84 55.57 -20.66
CA ILE A 28 10.13 56.00 -21.85
C ILE A 28 9.64 57.42 -21.61
N ASP A 29 9.91 58.30 -22.57
CA ASP A 29 9.62 59.72 -22.44
C ASP A 29 8.49 60.12 -23.39
N PHE A 30 7.77 61.17 -22.99
CA PHE A 30 6.76 61.76 -23.87
C PHE A 30 7.37 62.31 -25.13
N GLU A 31 8.46 63.08 -25.01
CA GLU A 31 9.02 63.73 -26.18
C GLU A 31 9.82 62.75 -27.04
N GLU A 32 10.35 61.69 -26.44
CA GLU A 32 11.03 60.65 -27.19
C GLU A 32 10.07 59.93 -28.13
N VAL A 33 8.94 59.47 -27.57
CA VAL A 33 7.90 58.83 -28.39
C VAL A 33 7.26 59.86 -29.31
N LYS A 34 7.20 61.13 -28.89
CA LYS A 34 6.57 62.16 -29.70
C LYS A 34 7.41 62.45 -30.94
N GLU A 35 8.73 62.47 -30.79
CA GLU A 35 9.60 62.55 -31.96
C GLU A 35 9.59 61.25 -32.76
N LYS A 36 9.33 60.12 -32.10
CA LYS A 36 9.18 58.86 -32.81
C LYS A 36 7.94 58.88 -33.72
N ILE A 37 6.87 59.55 -33.29
CA ILE A 37 5.59 59.45 -33.99
C ILE A 37 5.17 60.74 -34.66
N GLY A 38 5.74 61.89 -34.28
CA GLY A 38 5.21 63.16 -34.72
C GLY A 38 4.11 63.60 -33.78
N LEU A 39 2.97 63.99 -34.33
CA LEU A 39 1.74 64.06 -33.55
C LEU A 39 0.58 63.82 -34.50
N ASN A 40 -0.58 63.57 -33.93
CA ASN A 40 -1.79 63.31 -34.70
C ASN A 40 -2.65 64.57 -34.84
N ASP A 41 -1.95 65.72 -34.92
CA ASP A 41 -2.37 67.12 -34.98
C ASP A 41 -2.85 67.61 -33.61
N GLU A 42 -3.01 66.71 -32.65
CA GLU A 42 -3.42 67.04 -31.29
C GLU A 42 -2.59 66.14 -30.38
N TYR A 43 -3.04 65.95 -29.16
CA TYR A 43 -2.42 64.96 -28.28
C TYR A 43 -3.45 63.89 -27.91
N GLU A 44 -3.44 62.79 -28.67
CA GLU A 44 -4.14 61.56 -28.28
C GLU A 44 -3.26 60.38 -28.71
N GLU A 45 -2.43 59.92 -27.78
CA GLU A 45 -1.39 58.96 -28.11
C GLU A 45 -1.26 57.93 -26.99
N TYR A 46 -0.13 57.23 -27.02
CA TYR A 46 0.14 55.99 -26.30
C TYR A 46 -1.04 55.03 -26.36
N ALA A 47 -1.34 54.62 -27.58
CA ALA A 47 -2.33 53.56 -27.79
C ALA A 47 -1.67 52.26 -27.41
N ILE A 48 -1.91 51.82 -26.18
CA ILE A 48 -1.40 50.53 -25.71
C ILE A 48 -2.11 49.43 -26.50
N HIS A 49 -1.34 48.71 -27.30
CA HIS A 49 -1.87 47.56 -28.01
C HIS A 49 -0.98 46.33 -27.93
N ASP A 50 0.30 46.47 -27.64
CA ASP A 50 1.17 45.32 -27.56
C ASP A 50 2.30 45.59 -26.58
N TYR A 51 2.74 44.54 -25.90
CA TYR A 51 3.77 44.70 -24.88
C TYR A 51 4.49 43.39 -24.58
N GLU A 52 5.81 43.45 -24.50
CA GLU A 52 6.63 42.42 -23.87
C GLU A 52 6.84 42.88 -22.44
N LEU A 53 5.95 42.44 -21.56
CA LEU A 53 6.03 42.72 -20.13
C LEU A 53 5.79 41.43 -19.36
N PRO A 54 6.40 41.29 -18.20
CA PRO A 54 6.19 40.06 -17.41
C PRO A 54 4.93 40.10 -16.56
N PHE A 55 4.03 41.04 -16.83
CA PHE A 55 2.84 41.21 -16.02
C PHE A 55 1.71 41.69 -16.91
N THR A 56 0.62 42.12 -16.29
CA THR A 56 -0.58 42.56 -17.00
C THR A 56 -0.66 44.07 -16.90
N VAL A 57 -0.80 44.73 -18.05
CA VAL A 57 -0.89 46.17 -18.13
C VAL A 57 -2.19 46.52 -18.85
N ASP A 58 -2.62 47.77 -18.70
CA ASP A 58 -3.91 48.22 -19.19
C ASP A 58 -3.74 49.03 -20.47
N GLU A 59 -4.86 49.22 -21.15
CA GLU A 59 -4.87 49.77 -22.51
C GLU A 59 -4.74 51.29 -22.53
N TYR A 60 -4.79 51.97 -21.38
CA TYR A 60 -4.71 53.42 -21.32
C TYR A 60 -3.79 53.90 -20.20
N THR A 61 -2.87 53.06 -19.76
CA THR A 61 -1.95 53.41 -18.69
C THR A 61 -0.99 54.49 -19.16
N SER A 62 -0.87 55.56 -18.37
CA SER A 62 0.02 56.65 -18.73
C SER A 62 1.47 56.21 -18.63
N ILE A 63 2.32 56.89 -19.40
CA ILE A 63 3.71 56.46 -19.56
C ILE A 63 4.51 56.69 -18.29
N GLY A 64 4.14 57.70 -17.50
CA GLY A 64 4.74 57.86 -16.19
C GLY A 64 4.43 56.70 -15.26
N GLU A 65 3.19 56.19 -15.33
CA GLU A 65 2.85 54.99 -14.60
C GLU A 65 3.59 53.77 -15.14
N LEU A 66 3.90 53.76 -16.44
CA LEU A 66 4.66 52.67 -17.02
C LEU A 66 6.09 52.66 -16.50
N ASN A 67 6.71 53.84 -16.44
CA ASN A 67 8.04 53.94 -15.86
C ASN A 67 8.02 53.66 -14.36
N ARG A 68 6.91 53.98 -13.69
CA ARG A 68 6.73 53.65 -12.30
C ARG A 68 6.72 52.14 -12.09
N LEU A 69 5.94 51.44 -12.91
CA LEU A 69 5.90 49.97 -12.90
C LEU A 69 7.27 49.38 -13.19
N TRP A 70 7.99 49.96 -14.14
CA TRP A 70 9.31 49.46 -14.49
C TRP A 70 10.30 49.67 -13.35
N GLU A 71 10.21 50.81 -12.66
CA GLU A 71 11.10 51.06 -11.53
C GLU A 71 10.78 50.13 -10.38
N MET A 72 9.50 49.76 -10.22
CA MET A 72 9.18 48.74 -9.23
C MET A 72 9.67 47.37 -9.66
N VAL A 73 9.69 47.09 -10.95
CA VAL A 73 10.27 45.84 -11.45
C VAL A 73 11.76 45.79 -11.18
N SER A 74 12.48 46.82 -11.60
CA SER A 74 13.92 46.93 -11.41
C SER A 74 14.30 47.00 -9.94
N GLU A 75 13.37 47.46 -9.09
CA GLU A 75 13.59 47.42 -7.66
C GLU A 75 13.68 45.99 -7.15
N LEU A 76 12.87 45.10 -7.69
CA LEU A 76 12.79 43.75 -7.17
C LEU A 76 13.97 42.91 -7.65
N PRO A 77 14.33 41.86 -6.88
CA PRO A 77 15.37 40.94 -7.35
C PRO A 77 14.94 40.17 -8.58
N GLU A 78 15.94 39.75 -9.35
CA GLU A 78 15.72 39.24 -10.70
C GLU A 78 15.05 37.88 -10.73
N GLU A 79 15.28 37.06 -9.69
CA GLU A 79 14.54 35.81 -9.58
C GLU A 79 13.08 36.07 -9.30
N LEU A 80 12.76 37.19 -8.65
CA LEU A 80 11.37 37.56 -8.46
C LEU A 80 10.83 38.23 -9.71
N GLN A 81 11.70 38.92 -10.44
CA GLN A 81 11.33 39.49 -11.73
C GLN A 81 11.03 38.39 -12.74
N SER A 82 11.64 37.23 -12.59
CA SER A 82 11.35 36.09 -13.45
C SER A 82 10.01 35.45 -13.13
N GLU A 83 9.49 35.63 -11.92
CA GLU A 83 8.32 34.90 -11.47
C GLU A 83 7.25 35.87 -10.98
N LEU A 84 7.33 37.12 -11.46
CA LEU A 84 6.28 38.11 -11.23
C LEU A 84 4.91 37.61 -11.65
N SER A 85 4.85 36.85 -12.74
CA SER A 85 3.60 36.28 -13.22
C SER A 85 2.98 35.35 -12.19
N ALA A 86 3.80 34.52 -11.55
CA ALA A 86 3.28 33.63 -10.53
C ALA A 86 2.98 34.35 -9.24
N LEU A 87 3.82 35.30 -8.84
CA LEU A 87 3.65 35.96 -7.56
C LEU A 87 2.46 36.91 -7.57
N LEU A 88 2.18 37.51 -8.71
CA LEU A 88 1.08 38.47 -8.79
C LEU A 88 -0.27 37.77 -8.77
N THR A 89 -0.31 36.45 -8.97
CA THR A 89 -1.55 35.70 -8.82
C THR A 89 -2.09 35.78 -7.41
N HIS A 90 -1.22 35.70 -6.41
CA HIS A 90 -1.68 35.86 -5.04
C HIS A 90 -2.02 37.29 -4.72
N PHE A 91 -1.28 38.22 -5.28
CA PHE A 91 -1.45 39.64 -4.96
C PHE A 91 -2.37 40.29 -5.99
N SER A 92 -2.40 41.62 -5.99
CA SER A 92 -3.12 42.36 -7.02
C SER A 92 -2.34 43.53 -7.60
N SER A 93 -1.38 44.10 -6.86
CA SER A 93 -0.56 45.18 -7.40
C SER A 93 0.86 44.96 -6.93
N ILE A 94 1.72 45.94 -7.20
CA ILE A 94 3.15 45.79 -7.02
C ILE A 94 3.62 46.47 -5.74
N GLU A 95 3.02 47.61 -5.41
CA GLU A 95 3.26 48.21 -4.11
C GLU A 95 2.73 47.30 -3.01
N GLU A 96 1.61 46.64 -3.27
CA GLU A 96 1.15 45.53 -2.46
C GLU A 96 2.22 44.45 -2.36
N LEU A 97 2.84 44.11 -3.48
CA LEU A 97 3.94 43.16 -3.45
C LEU A 97 5.15 43.76 -2.76
N SER A 98 5.34 45.08 -2.89
CA SER A 98 6.45 45.74 -2.21
C SER A 98 6.23 45.85 -0.71
N GLU A 99 5.01 45.65 -0.23
CA GLU A 99 4.78 45.57 1.20
C GLU A 99 5.43 44.33 1.79
N HIS A 100 5.10 43.17 1.22
CA HIS A 100 5.54 41.89 1.74
C HIS A 100 6.67 41.31 0.93
N GLN A 101 7.47 42.17 0.27
CA GLN A 101 8.62 41.72 -0.49
C GLN A 101 9.73 41.17 0.40
N GLU A 102 9.67 41.46 1.69
CA GLU A 102 10.50 40.85 2.69
C GLU A 102 9.98 39.49 3.15
N ASP A 103 8.74 39.16 2.79
CA ASP A 103 8.03 38.02 3.38
C ASP A 103 8.00 36.80 2.47
N ILE A 104 8.99 36.65 1.60
CA ILE A 104 9.00 35.57 0.62
C ILE A 104 10.13 34.63 0.98
N ILE A 105 9.79 33.36 1.17
CA ILE A 105 10.79 32.33 1.39
C ILE A 105 11.10 31.68 0.05
N ILE A 106 12.37 31.69 -0.31
CA ILE A 106 12.85 31.24 -1.61
C ILE A 106 13.41 29.85 -1.43
N HIS A 107 13.02 28.94 -2.31
CA HIS A 107 13.58 27.58 -2.32
C HIS A 107 14.03 27.18 -3.71
N SER A 108 15.28 27.51 -4.02
CA SER A 108 15.98 26.80 -5.06
C SER A 108 16.33 25.39 -4.59
N ASP A 109 16.58 25.23 -3.30
CA ASP A 109 16.95 23.92 -2.76
C ASP A 109 15.77 22.95 -2.79
N CYS A 110 14.59 23.43 -2.44
CA CYS A 110 13.39 22.60 -2.43
C CYS A 110 12.69 22.72 -3.76
N ASP A 111 12.29 21.59 -4.32
CA ASP A 111 11.74 21.55 -5.66
C ASP A 111 10.32 21.03 -5.72
N ASP A 112 9.90 20.20 -4.79
CA ASP A 112 8.49 19.88 -4.61
C ASP A 112 8.11 20.12 -3.15
N MET A 113 6.90 19.70 -2.80
CA MET A 113 6.44 19.85 -1.43
C MET A 113 7.17 18.90 -0.49
N TYR A 114 7.57 17.74 -1.02
CA TYR A 114 8.33 16.74 -0.27
C TYR A 114 9.65 17.32 0.21
N ASP A 115 10.32 18.07 -0.65
CA ASP A 115 11.58 18.69 -0.27
C ASP A 115 11.38 19.78 0.76
N VAL A 116 10.26 20.50 0.67
CA VAL A 116 9.91 21.51 1.66
C VAL A 116 9.74 20.87 3.03
N ALA A 117 9.03 19.74 3.07
CA ALA A 117 8.83 19.03 4.33
C ALA A 117 10.15 18.51 4.88
N ARG A 118 10.98 17.94 4.01
CA ARG A 118 12.26 17.40 4.46
C ARG A 118 13.20 18.50 4.93
N TYR A 119 13.14 19.67 4.31
CA TYR A 119 13.95 20.79 4.75
C TYR A 119 13.49 21.30 6.11
N TYR A 120 12.19 21.59 6.25
CA TYR A 120 11.70 22.17 7.49
C TYR A 120 11.72 21.18 8.64
N ILE A 121 11.82 19.89 8.36
CA ILE A 121 11.96 18.94 9.44
C ILE A 121 13.42 18.67 9.75
N GLU A 122 14.20 18.26 8.75
CA GLU A 122 15.51 17.69 9.01
C GLU A 122 16.52 18.78 9.33
N GLU A 123 16.79 19.65 8.37
CA GLU A 123 17.87 20.61 8.52
C GLU A 123 17.48 21.79 9.39
N THR A 124 16.20 22.16 9.35
CA THR A 124 15.72 23.17 10.28
C THR A 124 15.75 22.64 11.71
N GLY A 125 15.45 21.36 11.89
CA GLY A 125 15.44 20.79 13.22
C GLY A 125 14.23 21.27 13.98
N ALA A 126 13.05 21.11 13.39
CA ALA A 126 11.82 21.59 14.01
C ALA A 126 11.36 20.67 15.13
N LEU A 127 11.98 19.51 15.30
CA LEU A 127 11.62 18.55 16.33
C LEU A 127 12.81 17.96 17.07
N GLY A 128 14.03 18.12 16.56
CA GLY A 128 15.20 17.72 17.32
C GLY A 128 15.64 16.31 17.04
N GLU A 129 15.21 15.39 17.90
CA GLU A 129 15.60 13.99 17.79
C GLU A 129 15.12 13.37 16.50
N VAL A 130 16.06 12.80 15.75
CA VAL A 130 15.72 11.86 14.69
C VAL A 130 16.40 10.55 15.06
N PRO A 131 15.76 9.69 15.86
CA PRO A 131 16.34 8.38 16.15
C PRO A 131 16.39 7.51 14.91
N ALA A 132 17.33 6.57 14.89
CA ALA A 132 17.43 5.65 13.76
C ALA A 132 16.23 4.71 13.71
N SER A 133 15.58 4.49 14.85
CA SER A 133 14.30 3.78 14.86
C SER A 133 13.18 4.66 14.34
N LEU A 134 13.43 5.96 14.21
CA LEU A 134 12.38 6.88 13.81
C LEU A 134 12.79 7.65 12.56
N GLN A 135 13.94 7.31 11.98
CA GLN A 135 14.54 8.10 10.92
C GLN A 135 13.72 8.10 9.64
N ASN A 136 13.25 6.93 9.21
CA ASN A 136 12.39 6.86 8.03
C ASN A 136 11.03 7.44 8.30
N TYR A 137 10.64 7.48 9.56
CA TYR A 137 9.24 7.42 9.94
C TYR A 137 8.75 8.81 10.28
N ILE A 138 8.78 9.65 9.25
CA ILE A 138 8.36 11.03 9.30
C ILE A 138 7.61 11.25 8.00
N ASP A 139 6.29 11.32 8.07
CA ASP A 139 5.48 11.39 6.85
C ASP A 139 5.63 12.77 6.23
N TYR A 140 6.57 12.87 5.30
CA TYR A 140 6.81 14.13 4.60
C TYR A 140 5.62 14.49 3.72
N GLN A 141 4.90 13.49 3.23
CA GLN A 141 3.74 13.74 2.38
C GLN A 141 2.63 14.43 3.15
N ALA A 142 2.25 13.86 4.29
CA ALA A 142 1.22 14.49 5.11
C ALA A 142 1.69 15.80 5.71
N TYR A 143 2.98 15.92 5.98
CA TYR A 143 3.51 17.17 6.49
C TYR A 143 3.40 18.26 5.44
N GLY A 144 3.64 17.90 4.18
CA GLY A 144 3.46 18.83 3.09
C GLY A 144 2.02 19.16 2.83
N ARG A 145 1.12 18.18 3.01
CA ARG A 145 -0.31 18.46 2.91
C ARG A 145 -0.75 19.46 3.96
N ASP A 146 -0.24 19.30 5.19
CA ASP A 146 -0.67 20.18 6.27
C ASP A 146 -0.07 21.57 6.10
N LEU A 147 1.17 21.66 5.64
CA LEU A 147 1.74 22.97 5.33
C LEU A 147 1.05 23.60 4.13
N ASP A 148 0.57 22.80 3.19
CA ASP A 148 -0.15 23.34 2.06
C ASP A 148 -1.51 23.87 2.49
N LEU A 149 -2.14 23.21 3.46
CA LEU A 149 -3.35 23.76 4.06
C LEU A 149 -3.07 25.06 4.79
N SER A 150 -1.99 25.11 5.55
CA SER A 150 -1.70 26.32 6.31
C SER A 150 -1.03 27.37 5.44
N GLY A 151 0.15 27.07 4.92
CA GLY A 151 0.97 28.09 4.29
C GLY A 151 0.56 28.37 2.86
N THR A 152 0.75 29.61 2.45
CA THR A 152 0.59 30.00 1.06
C THR A 152 1.84 29.65 0.29
N PHE A 153 1.74 28.67 -0.60
CA PHE A 153 2.89 28.18 -1.34
C PHE A 153 2.67 28.41 -2.83
N ILE A 154 3.76 28.65 -3.54
CA ILE A 154 3.70 28.83 -4.99
C ILE A 154 4.81 27.99 -5.61
N SER A 155 4.42 27.09 -6.52
CA SER A 155 5.36 26.25 -7.24
C SER A 155 5.78 26.98 -8.51
N THR A 156 7.09 27.18 -8.67
CA THR A 156 7.62 27.92 -9.80
C THR A 156 8.70 27.10 -10.50
N ASN A 157 9.38 27.77 -11.44
CA ASN A 157 10.48 27.14 -12.16
C ASN A 157 11.74 27.13 -11.33
N HIS A 158 12.10 28.28 -10.77
CA HIS A 158 13.38 28.41 -10.08
C HIS A 158 13.35 27.83 -8.67
N GLY A 159 12.17 27.50 -8.16
CA GLY A 159 12.06 26.91 -6.84
C GLY A 159 10.62 26.99 -6.36
N ILE A 160 10.47 27.00 -5.04
CA ILE A 160 9.18 27.15 -4.39
C ILE A 160 9.22 28.43 -3.58
N PHE A 161 8.19 29.25 -3.71
CA PHE A 161 8.13 30.52 -2.99
C PHE A 161 7.01 30.45 -1.97
N GLU A 162 7.37 30.63 -0.71
CA GLU A 162 6.42 30.59 0.39
C GLU A 162 6.07 32.02 0.76
N ILE A 163 4.82 32.40 0.55
CA ILE A 163 4.30 33.64 1.08
C ILE A 163 3.91 33.35 2.52
N VAL A 164 4.83 33.60 3.42
CA VAL A 164 4.54 33.62 4.83
C VAL A 164 4.19 35.06 5.18
N TYR A 165 3.30 35.26 6.12
CA TYR A 165 3.08 36.62 6.57
C TYR A 165 4.07 36.93 7.68
N ASN B 13 -32.39 -41.59 -26.87
CA ASN B 13 -31.96 -41.76 -25.48
C ASN B 13 -30.45 -41.62 -25.35
N PHE B 14 -29.73 -42.62 -25.86
CA PHE B 14 -28.30 -42.72 -25.63
C PHE B 14 -27.51 -41.94 -26.68
N ILE B 15 -26.19 -42.09 -26.58
CA ILE B 15 -25.29 -41.64 -27.63
C ILE B 15 -24.68 -42.83 -28.34
N VAL B 16 -24.03 -43.70 -27.59
CA VAL B 16 -23.51 -44.96 -28.12
C VAL B 16 -24.55 -46.02 -27.83
N LEU B 17 -25.09 -46.63 -28.89
CA LEU B 17 -26.13 -47.61 -28.74
C LEU B 17 -25.52 -49.01 -28.77
N ASP B 18 -26.26 -49.98 -28.23
CA ASP B 18 -25.78 -51.36 -28.16
C ASP B 18 -25.83 -52.04 -29.52
N LYS B 19 -26.93 -51.87 -30.25
CA LYS B 19 -26.99 -52.27 -31.63
C LYS B 19 -26.06 -51.40 -32.45
N TYR B 20 -25.41 -52.01 -33.44
CA TYR B 20 -24.48 -51.29 -34.30
C TYR B 20 -25.11 -51.06 -35.67
N ILE B 21 -25.06 -49.81 -36.14
CA ILE B 21 -25.64 -49.42 -37.42
C ILE B 21 -24.81 -49.95 -38.57
N LYS B 22 -25.35 -49.89 -39.77
CA LYS B 22 -24.71 -50.55 -40.90
C LYS B 22 -23.52 -49.75 -41.39
N ALA B 23 -22.64 -50.44 -42.12
CA ALA B 23 -21.43 -49.87 -42.67
C ALA B 23 -21.46 -49.97 -44.19
N GLU B 24 -21.24 -48.84 -44.84
CA GLU B 24 -21.22 -48.75 -46.29
C GLU B 24 -20.13 -47.80 -46.72
N PRO B 25 -19.66 -47.90 -47.96
CA PRO B 25 -18.84 -46.84 -48.55
C PRO B 25 -19.68 -45.86 -49.38
N THR B 26 -19.11 -44.67 -49.59
CA THR B 26 -19.75 -43.66 -50.42
C THR B 26 -18.95 -43.44 -51.70
N GLY B 27 -18.26 -44.48 -52.17
CA GLY B 27 -17.28 -44.34 -53.23
C GLY B 27 -17.90 -44.48 -54.62
N ASP B 28 -17.49 -43.63 -55.59
CA ASP B 28 -16.68 -42.37 -55.59
C ASP B 28 -15.28 -42.38 -54.96
N SER B 29 -14.37 -43.11 -55.62
CA SER B 29 -13.09 -43.59 -55.08
C SER B 29 -12.31 -42.52 -54.33
N TYR B 30 -12.00 -42.82 -53.07
CA TYR B 30 -11.41 -41.95 -52.05
C TYR B 30 -10.00 -41.49 -52.37
N GLN B 31 -9.35 -41.95 -53.43
CA GLN B 31 -8.08 -41.36 -53.86
C GLN B 31 -8.27 -39.94 -54.34
N SER B 32 -9.39 -39.65 -54.98
CA SER B 32 -9.79 -38.27 -55.24
C SER B 32 -10.48 -37.70 -54.01
N GLU B 33 -10.10 -36.48 -53.64
CA GLU B 33 -10.64 -35.80 -52.48
C GLU B 33 -11.79 -34.86 -52.84
N SER B 34 -12.58 -35.21 -53.84
CA SER B 34 -13.61 -34.29 -54.33
C SER B 34 -14.95 -34.92 -54.64
N ASP B 35 -15.14 -36.23 -54.50
CA ASP B 35 -16.33 -36.90 -54.99
C ASP B 35 -17.19 -37.51 -53.89
N LEU B 36 -16.62 -38.36 -53.05
CA LEU B 36 -17.34 -38.99 -51.96
C LEU B 36 -17.62 -38.03 -50.81
N GLU B 37 -16.92 -36.89 -50.78
CA GLU B 37 -17.26 -35.80 -49.88
C GLU B 37 -18.68 -35.32 -50.13
N ARG B 38 -19.09 -35.29 -51.40
CA ARG B 38 -20.43 -34.88 -51.76
C ARG B 38 -21.47 -35.85 -51.24
N GLU B 39 -21.20 -37.16 -51.35
CA GLU B 39 -22.11 -38.15 -50.82
C GLU B 39 -22.15 -38.10 -49.30
N LEU B 40 -21.02 -37.76 -48.69
CA LEU B 40 -20.96 -37.54 -47.25
C LEU B 40 -21.85 -36.36 -46.84
N ILE B 41 -21.77 -35.26 -47.61
CA ILE B 41 -22.60 -34.09 -47.37
C ILE B 41 -24.08 -34.44 -47.53
N GLN B 42 -24.41 -35.24 -48.55
CA GLN B 42 -25.80 -35.63 -48.76
C GLN B 42 -26.30 -36.55 -47.65
N ASP B 43 -25.40 -37.36 -47.09
CA ASP B 43 -25.77 -38.16 -45.93
C ASP B 43 -25.99 -37.29 -44.69
N LEU B 44 -25.21 -36.22 -44.56
CA LEU B 44 -25.44 -35.28 -43.46
C LEU B 44 -26.73 -34.51 -43.63
N ARG B 45 -27.10 -34.22 -44.88
CA ARG B 45 -28.39 -33.65 -45.17
C ARG B 45 -29.50 -34.65 -44.90
N ASN B 46 -29.22 -35.94 -45.09
CA ASN B 46 -30.13 -36.97 -44.66
C ASN B 46 -30.16 -37.08 -43.13
N GLN B 47 -29.06 -36.71 -42.48
CA GLN B 47 -29.05 -36.51 -41.04
C GLN B 47 -29.57 -35.14 -40.65
N GLY B 48 -29.93 -34.31 -41.62
CA GLY B 48 -30.49 -33.01 -41.32
C GLY B 48 -29.48 -31.92 -41.15
N TYR B 49 -28.36 -31.99 -41.86
CA TYR B 49 -27.41 -30.89 -41.85
C TYR B 49 -27.61 -30.08 -43.12
N GLU B 50 -27.06 -28.87 -43.12
CA GLU B 50 -27.44 -27.87 -44.11
C GLU B 50 -26.19 -27.38 -44.82
N PHE B 51 -25.98 -27.85 -46.05
CA PHE B 51 -24.87 -27.38 -46.84
C PHE B 51 -25.21 -26.03 -47.43
N ILE B 52 -24.40 -25.03 -47.09
CA ILE B 52 -24.46 -23.73 -47.72
C ILE B 52 -23.15 -23.50 -48.44
N SER B 53 -23.16 -22.54 -49.35
CA SER B 53 -22.00 -22.26 -50.18
C SER B 53 -21.53 -20.84 -49.87
N VAL B 54 -20.68 -20.72 -48.86
CA VAL B 54 -19.98 -19.46 -48.59
C VAL B 54 -18.50 -19.78 -48.73
N LYS B 55 -17.99 -19.61 -49.95
CA LYS B 55 -16.57 -19.83 -50.23
C LYS B 55 -15.79 -18.54 -50.09
N SER B 56 -15.98 -17.86 -48.98
CA SER B 56 -15.45 -16.53 -48.80
C SER B 56 -15.20 -16.31 -47.31
N GLN B 57 -14.98 -15.07 -46.93
CA GLN B 57 -14.67 -14.71 -45.56
C GLN B 57 -15.71 -13.81 -44.92
N SER B 58 -16.06 -12.71 -45.59
CA SER B 58 -16.88 -11.68 -44.98
C SER B 58 -18.31 -12.14 -44.81
N ALA B 59 -18.90 -12.73 -45.85
CA ALA B 59 -20.26 -13.22 -45.79
C ALA B 59 -20.41 -14.33 -44.76
N MET B 60 -19.36 -15.15 -44.60
CA MET B 60 -19.30 -16.14 -43.53
C MET B 60 -19.39 -15.46 -42.17
N LEU B 61 -18.70 -14.33 -42.01
CA LEU B 61 -18.86 -13.49 -40.82
C LEU B 61 -20.30 -13.02 -40.67
N ALA B 62 -20.93 -12.64 -41.78
CA ALA B 62 -22.34 -12.25 -41.73
C ALA B 62 -23.21 -13.45 -41.43
N ASN B 63 -22.75 -14.66 -41.79
CA ASN B 63 -23.43 -15.88 -41.40
C ASN B 63 -23.53 -15.97 -39.88
N VAL B 64 -22.51 -15.46 -39.18
CA VAL B 64 -22.55 -15.42 -37.72
C VAL B 64 -23.68 -14.51 -37.25
N ARG B 65 -23.78 -13.32 -37.85
CA ARG B 65 -24.95 -12.52 -37.50
C ARG B 65 -26.19 -12.95 -38.27
N GLU B 66 -26.08 -13.99 -39.08
CA GLU B 66 -27.26 -14.74 -39.45
C GLU B 66 -27.68 -15.66 -38.32
N GLN B 67 -26.72 -16.37 -37.72
CA GLN B 67 -27.07 -17.45 -36.81
C GLN B 67 -27.54 -16.93 -35.47
N LEU B 68 -26.92 -15.85 -35.01
CA LEU B 68 -27.15 -15.39 -33.65
C LEU B 68 -28.52 -14.76 -33.50
N GLN B 69 -29.05 -14.20 -34.60
CA GLN B 69 -30.45 -13.83 -34.67
C GLN B 69 -31.34 -15.02 -34.36
N ASN B 70 -30.98 -16.19 -34.90
CA ASN B 70 -31.69 -17.40 -34.55
C ASN B 70 -31.34 -17.84 -33.13
N LEU B 71 -30.11 -17.56 -32.70
CA LEU B 71 -29.62 -18.21 -31.49
C LEU B 71 -30.11 -17.49 -30.24
N ASN B 72 -29.66 -16.26 -30.05
CA ASN B 72 -30.12 -15.53 -28.87
C ASN B 72 -31.45 -14.85 -29.08
N GLY B 73 -31.94 -14.82 -30.33
CA GLY B 73 -33.25 -14.24 -30.58
C GLY B 73 -33.28 -12.73 -30.46
N VAL B 74 -32.18 -12.05 -30.77
CA VAL B 74 -32.10 -10.61 -30.61
C VAL B 74 -31.45 -10.06 -31.86
N VAL B 75 -31.53 -8.74 -32.04
CA VAL B 75 -31.26 -8.09 -33.32
C VAL B 75 -30.09 -7.14 -33.17
N PHE B 76 -29.12 -7.27 -34.06
CA PHE B 76 -28.05 -6.29 -34.19
C PHE B 76 -28.40 -5.20 -35.18
N ASN B 77 -27.78 -4.03 -35.01
CA ASN B 77 -27.56 -3.13 -36.12
C ASN B 77 -26.18 -3.43 -36.70
N ASP B 78 -25.64 -2.53 -37.50
CA ASP B 78 -24.30 -2.77 -37.99
C ASP B 78 -23.22 -2.36 -37.00
N SER B 79 -23.42 -1.26 -36.26
CA SER B 79 -22.35 -0.72 -35.43
C SER B 79 -22.09 -1.57 -34.20
N GLU B 80 -23.15 -2.02 -33.53
CA GLU B 80 -22.97 -2.93 -32.41
C GLU B 80 -22.42 -4.28 -32.87
N TRP B 81 -22.76 -4.69 -34.09
CA TRP B 81 -22.16 -5.90 -34.64
C TRP B 81 -20.68 -5.71 -34.93
N ARG B 82 -20.28 -4.52 -35.37
CA ARG B 82 -18.85 -4.23 -35.51
C ARG B 82 -18.15 -4.25 -34.16
N ARG B 83 -18.82 -3.71 -33.14
CA ARG B 83 -18.30 -3.75 -31.77
C ARG B 83 -18.11 -5.17 -31.28
N PHE B 84 -19.11 -6.02 -31.51
CA PHE B 84 -19.05 -7.40 -31.05
C PHE B 84 -18.02 -8.20 -31.82
N THR B 85 -17.90 -7.95 -33.13
CA THR B 85 -16.93 -8.66 -33.94
C THR B 85 -15.52 -8.24 -33.59
N GLU B 86 -15.32 -6.95 -33.34
CA GLU B 86 -14.01 -6.41 -33.03
C GLU B 86 -13.55 -6.81 -31.64
N GLN B 87 -14.43 -6.65 -30.65
CA GLN B 87 -14.00 -6.67 -29.27
C GLN B 87 -14.08 -8.05 -28.63
N TYR B 88 -14.93 -8.92 -29.13
CA TYR B 88 -15.10 -10.23 -28.53
C TYR B 88 -14.95 -11.38 -29.51
N LEU B 89 -15.45 -11.22 -30.73
CA LEU B 89 -15.43 -12.32 -31.68
C LEU B 89 -14.05 -12.48 -32.30
N ASP B 90 -13.57 -11.45 -32.98
CA ASP B 90 -12.35 -11.51 -33.78
C ASP B 90 -11.33 -10.51 -33.25
N ASN B 91 -11.07 -10.56 -31.94
CA ASN B 91 -9.90 -9.89 -31.38
C ASN B 91 -8.64 -10.41 -32.06
N PRO B 92 -7.94 -9.57 -32.83
CA PRO B 92 -6.85 -10.10 -33.68
C PRO B 92 -5.61 -10.46 -32.90
N SER B 93 -5.51 -10.02 -31.65
CA SER B 93 -4.30 -10.19 -30.85
C SER B 93 -4.31 -11.49 -30.05
N ASP B 94 -5.17 -12.44 -30.40
CA ASP B 94 -5.34 -13.63 -29.60
C ASP B 94 -5.11 -14.87 -30.44
N GLY B 95 -4.60 -15.91 -29.79
CA GLY B 95 -4.30 -17.17 -30.45
C GLY B 95 -5.39 -18.20 -30.27
N ILE B 96 -5.01 -19.45 -30.55
CA ILE B 96 -5.95 -20.56 -30.48
C ILE B 96 -6.25 -20.97 -29.05
N LEU B 97 -5.40 -20.60 -28.09
CA LEU B 97 -5.58 -21.09 -26.73
C LEU B 97 -6.69 -20.34 -26.01
N ASP B 98 -6.64 -19.00 -26.02
CA ASP B 98 -7.71 -18.24 -25.42
C ASP B 98 -9.00 -18.35 -26.22
N LYS B 99 -8.90 -18.62 -27.51
CA LYS B 99 -10.10 -18.85 -28.29
C LYS B 99 -10.72 -20.19 -27.93
N THR B 100 -9.89 -21.19 -27.64
CA THR B 100 -10.38 -22.45 -27.11
C THR B 100 -11.02 -22.26 -25.74
N ARG B 101 -10.46 -21.34 -24.93
CA ARG B 101 -11.10 -20.97 -23.68
C ARG B 101 -12.47 -20.35 -23.94
N LYS B 102 -12.57 -19.51 -24.96
CA LYS B 102 -13.87 -18.96 -25.35
C LYS B 102 -14.82 -20.04 -25.85
N ILE B 103 -14.28 -21.13 -26.40
CA ILE B 103 -15.14 -22.27 -26.74
C ILE B 103 -15.70 -22.90 -25.48
N HIS B 104 -14.84 -23.31 -24.56
CA HIS B 104 -15.30 -24.18 -23.49
C HIS B 104 -15.58 -23.47 -22.18
N ILE B 105 -15.04 -22.28 -21.95
CA ILE B 105 -15.26 -21.54 -20.71
C ILE B 105 -15.97 -20.22 -20.96
N ASP B 106 -15.36 -19.36 -21.78
CA ASP B 106 -15.90 -18.03 -22.00
C ASP B 106 -16.79 -18.02 -23.25
N TYR B 107 -17.85 -18.83 -23.18
CA TYR B 107 -18.78 -18.97 -24.29
C TYR B 107 -19.97 -18.03 -24.17
N ILE B 108 -19.96 -17.13 -23.20
CA ILE B 108 -21.00 -16.12 -23.01
C ILE B 108 -20.31 -14.78 -22.87
N CYS B 109 -20.81 -13.76 -23.56
CA CYS B 109 -20.33 -12.41 -23.36
C CYS B 109 -21.49 -11.48 -23.07
N ASP B 110 -21.33 -10.67 -22.04
CA ASP B 110 -22.26 -9.58 -21.77
C ASP B 110 -22.24 -8.58 -22.93
N PHE B 111 -23.38 -7.96 -23.19
CA PHE B 111 -23.37 -6.88 -24.17
C PHE B 111 -24.41 -5.83 -23.83
N ILE B 112 -24.05 -4.58 -24.09
CA ILE B 112 -24.87 -3.41 -23.81
C ILE B 112 -25.38 -2.86 -25.13
N PHE B 113 -26.69 -2.74 -25.25
CA PHE B 113 -27.27 -2.20 -26.47
C PHE B 113 -27.18 -0.69 -26.51
N ASP B 114 -27.67 -0.12 -27.61
CA ASP B 114 -27.96 1.31 -27.66
C ASP B 114 -29.19 1.68 -26.84
N ASP B 115 -30.00 0.70 -26.47
CA ASP B 115 -31.01 0.88 -25.43
C ASP B 115 -30.41 0.78 -24.04
N GLU B 116 -29.14 0.39 -23.96
CA GLU B 116 -28.38 0.25 -22.71
C GLU B 116 -29.06 -0.73 -21.75
N ARG B 117 -29.37 -1.90 -22.27
CA ARG B 117 -29.71 -3.03 -21.44
C ARG B 117 -28.66 -4.11 -21.64
N LEU B 118 -28.32 -4.79 -20.56
CA LEU B 118 -27.29 -5.82 -20.59
C LEU B 118 -27.95 -7.14 -20.93
N GLU B 119 -27.49 -7.79 -21.98
CA GLU B 119 -27.99 -9.10 -22.33
C GLU B 119 -26.82 -10.03 -22.61
N ASN B 120 -27.00 -11.30 -22.24
CA ASN B 120 -25.93 -12.28 -22.29
C ASN B 120 -25.97 -12.97 -23.65
N ILE B 121 -25.08 -12.53 -24.53
CA ILE B 121 -24.91 -13.16 -25.82
C ILE B 121 -24.30 -14.54 -25.58
N TYR B 122 -24.99 -15.58 -26.00
CA TYR B 122 -24.41 -16.91 -25.89
C TYR B 122 -23.63 -17.24 -27.15
N LEU B 123 -22.98 -18.38 -27.11
CA LEU B 123 -22.42 -18.99 -28.30
C LEU B 123 -23.00 -20.36 -28.57
N ILE B 124 -23.12 -21.18 -27.53
CA ILE B 124 -23.71 -22.50 -27.62
C ILE B 124 -24.81 -22.57 -26.57
N ASP B 125 -25.98 -23.08 -26.96
CA ASP B 125 -27.00 -23.43 -25.97
C ASP B 125 -26.56 -24.74 -25.34
N LYS B 126 -25.82 -24.63 -24.25
CA LYS B 126 -25.42 -25.82 -23.51
C LYS B 126 -26.54 -26.42 -22.69
N LYS B 127 -27.68 -25.73 -22.57
CA LYS B 127 -28.85 -26.34 -21.96
C LYS B 127 -29.60 -27.19 -22.96
N ASN B 128 -30.11 -26.56 -24.02
CA ASN B 128 -30.85 -27.27 -25.07
C ASN B 128 -29.94 -27.31 -26.29
N LEU B 129 -29.21 -28.41 -26.41
CA LEU B 129 -28.33 -28.62 -27.55
C LEU B 129 -29.11 -28.76 -28.86
N MET B 130 -30.38 -29.16 -28.78
CA MET B 130 -31.20 -29.24 -29.98
C MET B 130 -31.52 -27.87 -30.56
N ARG B 131 -31.42 -26.81 -29.76
CA ARG B 131 -31.63 -25.46 -30.27
C ARG B 131 -30.50 -25.03 -31.19
N ASN B 132 -29.30 -25.54 -30.96
CA ASN B 132 -28.12 -25.07 -31.66
C ASN B 132 -28.15 -25.48 -33.13
N LYS B 133 -28.16 -24.48 -34.00
CA LYS B 133 -28.26 -24.68 -35.43
C LYS B 133 -26.88 -25.00 -36.00
N VAL B 134 -26.83 -25.97 -36.90
CA VAL B 134 -25.59 -26.44 -37.46
C VAL B 134 -25.58 -26.16 -38.95
N GLN B 135 -24.39 -26.19 -39.53
CA GLN B 135 -24.18 -26.02 -40.95
C GLN B 135 -22.95 -26.82 -41.33
N ILE B 136 -22.84 -27.14 -42.62
CA ILE B 136 -21.69 -27.85 -43.15
C ILE B 136 -21.22 -27.14 -44.41
N ILE B 137 -19.90 -27.00 -44.56
CA ILE B 137 -19.28 -26.43 -45.74
C ILE B 137 -18.07 -27.29 -46.11
N GLN B 138 -17.40 -26.88 -47.19
CA GLN B 138 -16.38 -27.71 -47.79
C GLN B 138 -15.21 -26.83 -48.21
N GLN B 139 -14.40 -27.38 -49.12
CA GLN B 139 -13.22 -26.74 -49.68
C GLN B 139 -13.49 -25.35 -50.26
N PHE B 140 -12.56 -24.43 -49.94
CA PHE B 140 -12.25 -23.25 -50.74
C PHE B 140 -10.89 -22.75 -50.25
N GLU B 141 -10.41 -21.67 -50.87
CA GLU B 141 -9.05 -21.14 -50.72
C GLU B 141 -7.99 -22.22 -50.93
N ASN B 148 -3.55 -25.31 -51.60
CA ASN B 148 -3.91 -25.93 -50.34
C ASN B 148 -4.46 -27.33 -50.55
N ARG B 149 -5.46 -27.71 -49.76
CA ARG B 149 -6.05 -29.03 -49.87
C ARG B 149 -7.56 -29.00 -50.05
N TYR B 150 -8.18 -30.18 -50.00
CA TYR B 150 -9.60 -30.34 -50.23
C TYR B 150 -10.21 -30.80 -48.90
N ASP B 151 -10.93 -29.89 -48.24
CA ASP B 151 -11.28 -30.08 -46.84
C ASP B 151 -12.78 -29.95 -46.62
N VAL B 152 -13.25 -30.49 -45.51
CA VAL B 152 -14.65 -30.45 -45.09
C VAL B 152 -14.72 -29.80 -43.72
N THR B 153 -15.63 -28.85 -43.54
CA THR B 153 -15.70 -28.11 -42.29
C THR B 153 -17.13 -28.13 -41.77
N ILE B 154 -17.32 -28.68 -40.59
CA ILE B 154 -18.59 -28.57 -39.90
C ILE B 154 -18.55 -27.29 -39.08
N LEU B 155 -19.53 -26.43 -39.32
CA LEU B 155 -19.59 -25.09 -38.75
C LEU B 155 -20.90 -24.93 -38.02
N VAL B 156 -20.83 -24.80 -36.70
CA VAL B 156 -22.01 -24.82 -35.86
C VAL B 156 -22.24 -23.42 -35.33
N ASN B 157 -23.48 -22.94 -35.47
CA ASN B 157 -23.94 -21.65 -34.96
C ASN B 157 -23.14 -20.49 -35.51
N GLY B 158 -22.61 -20.64 -36.72
CA GLY B 158 -21.75 -19.65 -37.29
C GLY B 158 -20.28 -19.98 -37.11
N LEU B 159 -19.96 -20.66 -36.02
CA LEU B 159 -18.53 -20.84 -35.83
C LEU B 159 -18.08 -22.18 -36.41
N PRO B 160 -16.93 -22.19 -37.09
CA PRO B 160 -16.40 -23.45 -37.64
C PRO B 160 -15.76 -24.27 -36.53
N LEU B 161 -16.12 -25.54 -36.47
CA LEU B 161 -15.64 -26.40 -35.40
C LEU B 161 -14.82 -27.58 -35.91
N VAL B 162 -15.36 -28.39 -36.82
CA VAL B 162 -14.81 -29.71 -37.07
C VAL B 162 -14.15 -29.72 -38.44
N GLN B 163 -12.86 -30.05 -38.45
CA GLN B 163 -12.13 -30.24 -39.70
C GLN B 163 -12.14 -31.71 -40.07
N ILE B 164 -12.34 -31.99 -41.35
CA ILE B 164 -12.35 -33.35 -41.89
C ILE B 164 -11.51 -33.33 -43.15
N GLU B 165 -10.47 -34.17 -43.20
CA GLU B 165 -9.72 -34.36 -44.43
C GLU B 165 -9.60 -35.84 -44.73
N LEU B 166 -10.02 -36.21 -45.93
CA LEU B 166 -9.82 -37.54 -46.47
C LEU B 166 -8.45 -37.62 -47.12
N LYS B 167 -7.91 -38.83 -47.19
CA LYS B 167 -6.62 -39.08 -47.79
C LYS B 167 -6.75 -40.22 -48.79
N LYS B 168 -5.60 -40.71 -49.24
CA LYS B 168 -5.57 -41.84 -50.15
C LYS B 168 -5.51 -43.15 -49.39
N ARG B 169 -5.50 -44.25 -50.14
CA ARG B 169 -5.18 -45.53 -49.54
C ARG B 169 -3.72 -45.60 -49.15
N GLY B 170 -2.86 -44.92 -49.92
CA GLY B 170 -1.44 -44.92 -49.64
C GLY B 170 -1.06 -44.23 -48.36
N VAL B 171 -1.85 -43.26 -47.91
CA VAL B 171 -1.57 -42.57 -46.65
C VAL B 171 -1.90 -43.50 -45.50
N ALA B 172 -0.88 -44.06 -44.88
CA ALA B 172 -1.06 -44.97 -43.77
C ALA B 172 -1.55 -44.22 -42.52
N ILE B 173 -2.07 -45.00 -41.57
CA ILE B 173 -2.67 -44.44 -40.36
C ILE B 173 -1.63 -43.80 -39.47
N ARG B 174 -0.37 -44.24 -39.55
CA ARG B 174 0.67 -43.59 -38.77
C ARG B 174 1.04 -42.24 -39.39
N GLU B 175 1.09 -42.19 -40.72
CA GLU B 175 1.31 -40.94 -41.42
C GLU B 175 0.02 -40.21 -41.74
N ALA B 176 -1.06 -40.50 -41.01
CA ALA B 176 -2.24 -39.64 -41.08
C ALA B 176 -1.90 -38.23 -40.59
N PHE B 177 -1.07 -38.14 -39.56
CA PHE B 177 -0.51 -36.87 -39.15
C PHE B 177 0.94 -36.72 -39.59
N ASN B 178 1.67 -37.83 -39.64
CA ASN B 178 3.11 -37.79 -39.86
C ASN B 178 3.50 -37.50 -41.30
N GLN B 179 2.55 -37.50 -42.24
CA GLN B 179 2.90 -37.13 -43.61
C GLN B 179 2.57 -35.67 -43.87
N ILE B 180 1.40 -35.23 -43.43
CA ILE B 180 0.93 -33.87 -43.66
C ILE B 180 0.76 -33.18 -42.32
N HIS B 181 1.66 -32.23 -42.04
CA HIS B 181 1.64 -31.37 -40.85
C HIS B 181 1.60 -32.14 -39.53
N SER B 190 -3.98 -16.27 -41.49
CA SER B 190 -3.83 -15.02 -40.77
C SER B 190 -3.26 -13.91 -41.66
N GLU B 191 -4.10 -13.25 -42.48
CA GLU B 191 -5.54 -13.49 -42.59
C GLU B 191 -5.81 -14.62 -43.59
N ASN B 192 -6.81 -15.49 -43.37
CA ASN B 192 -7.91 -15.34 -42.41
C ASN B 192 -7.60 -15.77 -40.98
N SER B 193 -8.18 -15.02 -40.03
CA SER B 193 -8.11 -15.33 -38.61
C SER B 193 -9.41 -15.92 -38.08
N LEU B 194 -10.44 -16.04 -38.92
CA LEU B 194 -11.69 -16.61 -38.46
C LEU B 194 -11.62 -18.13 -38.34
N PHE B 195 -10.67 -18.76 -39.03
CA PHE B 195 -10.48 -20.20 -38.92
C PHE B 195 -9.68 -20.60 -37.70
N LYS B 196 -9.43 -19.68 -36.77
CA LYS B 196 -8.78 -20.01 -35.52
C LYS B 196 -9.69 -20.73 -34.55
N TYR B 197 -11.00 -20.70 -34.78
CA TYR B 197 -11.97 -21.38 -33.93
C TYR B 197 -12.00 -22.89 -34.14
N LEU B 198 -11.21 -23.42 -35.07
CA LEU B 198 -11.25 -24.85 -35.39
C LEU B 198 -10.65 -25.65 -34.25
N GLN B 199 -11.42 -26.57 -33.70
CA GLN B 199 -11.05 -27.28 -32.49
C GLN B 199 -10.64 -28.72 -32.72
N LEU B 200 -11.41 -29.48 -33.49
CA LEU B 200 -11.17 -30.91 -33.63
C LEU B 200 -10.56 -31.22 -35.00
N PHE B 201 -9.48 -31.98 -34.96
CA PHE B 201 -8.80 -32.47 -36.15
C PHE B 201 -9.25 -33.90 -36.37
N VAL B 202 -10.34 -34.07 -37.10
CA VAL B 202 -10.87 -35.39 -37.40
C VAL B 202 -10.29 -35.79 -38.76
N ILE B 203 -9.24 -36.61 -38.73
CA ILE B 203 -8.47 -36.95 -39.93
C ILE B 203 -8.88 -38.34 -40.40
N SER B 204 -9.24 -38.45 -41.67
CA SER B 204 -9.58 -39.72 -42.27
C SER B 204 -8.64 -40.02 -43.44
N ASN B 205 -8.72 -41.26 -43.92
CA ASN B 205 -7.95 -41.69 -45.07
C ASN B 205 -8.74 -42.51 -46.09
N GLY B 206 -9.90 -43.04 -45.74
CA GLY B 206 -10.63 -43.93 -46.61
C GLY B 206 -10.83 -45.29 -45.99
N THR B 207 -9.88 -45.72 -45.16
CA THR B 207 -9.99 -46.96 -44.42
C THR B 207 -9.96 -46.78 -42.91
N ASP B 208 -9.81 -45.55 -42.42
CA ASP B 208 -9.73 -45.28 -41.00
C ASP B 208 -10.03 -43.81 -40.78
N THR B 209 -10.39 -43.47 -39.56
CA THR B 209 -10.59 -42.07 -39.21
C THR B 209 -10.23 -41.89 -37.75
N ARG B 210 -9.32 -40.97 -37.47
CA ARG B 210 -8.95 -40.64 -36.10
C ARG B 210 -9.17 -39.16 -35.86
N TYR B 211 -9.10 -38.78 -34.59
CA TYR B 211 -9.61 -37.49 -34.16
C TYR B 211 -8.98 -37.16 -32.82
N PHE B 212 -8.75 -35.88 -32.59
CA PHE B 212 -8.02 -35.42 -31.40
C PHE B 212 -8.24 -33.91 -31.26
N ALA B 213 -7.62 -33.36 -30.22
CA ALA B 213 -7.84 -32.00 -29.76
C ALA B 213 -6.84 -31.05 -30.41
N ASN B 214 -6.68 -29.86 -29.84
CA ASN B 214 -5.77 -28.84 -30.35
C ASN B 214 -4.34 -29.07 -29.85
N THR B 215 -3.79 -30.26 -30.07
CA THR B 215 -2.40 -30.60 -29.75
C THR B 215 -1.79 -31.27 -30.97
N THR B 216 -0.72 -30.69 -31.51
CA THR B 216 -0.13 -31.15 -32.77
C THR B 216 1.34 -31.57 -32.61
N LYS B 217 1.67 -32.35 -31.59
CA LYS B 217 3.02 -32.90 -31.53
C LYS B 217 3.20 -33.97 -32.59
N ARG B 218 4.44 -34.11 -33.06
CA ARG B 218 4.71 -34.82 -34.30
C ARG B 218 4.50 -36.32 -34.22
N ASP B 219 5.32 -37.01 -33.43
CA ASP B 219 5.24 -38.46 -33.39
C ASP B 219 4.63 -38.98 -32.10
N LYS B 220 4.51 -38.13 -31.09
CA LYS B 220 3.87 -38.56 -29.85
C LYS B 220 2.36 -38.56 -30.00
N ASN B 221 1.81 -37.56 -30.70
CA ASN B 221 0.37 -37.50 -30.97
C ASN B 221 -0.01 -38.21 -32.24
N SER B 222 0.68 -39.30 -32.58
CA SER B 222 0.32 -40.18 -33.67
C SER B 222 -0.83 -41.10 -33.23
N PHE B 223 -1.00 -42.20 -33.96
CA PHE B 223 -2.06 -43.20 -33.75
C PHE B 223 -2.20 -43.69 -32.31
N ASP B 224 -1.12 -43.64 -31.52
CA ASP B 224 -1.21 -44.05 -30.12
C ASP B 224 -2.04 -43.08 -29.29
N PHE B 225 -1.82 -41.77 -29.47
CA PHE B 225 -2.55 -40.80 -28.66
C PHE B 225 -3.86 -40.35 -29.27
N THR B 226 -4.13 -40.71 -30.51
CA THR B 226 -5.42 -40.42 -31.11
C THR B 226 -6.32 -41.65 -30.97
N MET B 227 -7.58 -41.49 -31.33
CA MET B 227 -8.56 -42.54 -31.07
C MET B 227 -9.25 -42.98 -32.34
N ASN B 228 -9.40 -44.29 -32.48
CA ASN B 228 -10.44 -44.83 -33.32
C ASN B 228 -11.76 -44.79 -32.57
N TRP B 229 -12.85 -44.66 -33.31
CA TRP B 229 -14.15 -44.86 -32.69
C TRP B 229 -14.37 -46.36 -32.51
N ALA B 230 -15.21 -46.71 -31.53
CA ALA B 230 -15.46 -48.11 -31.23
C ALA B 230 -16.95 -48.39 -31.22
N LYS B 231 -17.29 -49.67 -31.12
CA LYS B 231 -18.68 -50.06 -30.94
C LYS B 231 -19.12 -49.90 -29.50
N SER B 232 -20.23 -50.56 -29.14
CA SER B 232 -20.88 -50.32 -27.85
C SER B 232 -19.98 -50.70 -26.68
N ASP B 233 -19.34 -51.85 -26.75
CA ASP B 233 -18.44 -52.28 -25.68
C ASP B 233 -16.97 -52.06 -26.02
N ASN B 234 -16.47 -52.71 -27.07
CA ASN B 234 -15.03 -52.67 -27.33
C ASN B 234 -14.63 -52.49 -28.79
N THR B 235 -15.48 -52.83 -29.76
CA THR B 235 -15.01 -53.17 -31.09
C THR B 235 -14.81 -51.91 -31.94
N LEU B 236 -13.57 -51.70 -32.39
CA LEU B 236 -13.21 -50.48 -33.08
C LEU B 236 -13.84 -50.40 -34.47
N ILE B 237 -13.77 -49.20 -35.04
CA ILE B 237 -14.42 -48.88 -36.30
C ILE B 237 -13.34 -48.50 -37.29
N LYS B 238 -13.52 -48.92 -38.54
CA LYS B 238 -12.60 -48.57 -39.63
C LYS B 238 -13.24 -47.72 -40.71
N ASP B 239 -14.50 -47.99 -41.07
CA ASP B 239 -15.09 -47.40 -42.27
C ASP B 239 -15.52 -45.96 -42.00
N LEU B 240 -16.28 -45.39 -42.94
CA LEU B 240 -16.52 -43.96 -42.99
C LEU B 240 -17.99 -43.58 -42.78
N LYS B 241 -18.89 -44.21 -43.54
CA LYS B 241 -20.29 -43.83 -43.45
C LYS B 241 -20.94 -44.35 -42.18
N ASP B 242 -20.49 -45.50 -41.68
CA ASP B 242 -20.89 -45.95 -40.36
C ASP B 242 -20.33 -45.03 -39.28
N PHE B 243 -19.09 -44.58 -39.47
CA PHE B 243 -18.50 -43.56 -38.60
C PHE B 243 -19.32 -42.28 -38.63
N THR B 244 -19.86 -41.96 -39.81
CA THR B 244 -20.73 -40.81 -39.95
C THR B 244 -22.04 -41.01 -39.21
N ALA B 245 -22.63 -42.19 -39.33
CA ALA B 245 -23.92 -42.43 -38.70
C ALA B 245 -23.79 -42.62 -37.19
N THR B 246 -22.58 -42.89 -36.71
CA THR B 246 -22.39 -42.93 -35.27
C THR B 246 -22.05 -41.55 -34.71
N CYS B 247 -20.92 -40.99 -35.11
CA CYS B 247 -20.40 -39.88 -34.33
C CYS B 247 -20.87 -38.53 -34.86
N PHE B 248 -21.23 -38.45 -36.13
CA PHE B 248 -21.69 -37.18 -36.70
C PHE B 248 -23.18 -36.97 -36.56
N GLN B 249 -23.82 -37.61 -35.58
CA GLN B 249 -25.20 -37.30 -35.28
C GLN B 249 -25.28 -35.93 -34.61
N LYS B 250 -26.51 -35.42 -34.51
CA LYS B 250 -26.72 -34.09 -33.98
C LYS B 250 -26.37 -34.02 -32.50
N HIS B 251 -27.05 -34.81 -31.68
CA HIS B 251 -26.79 -34.79 -30.25
C HIS B 251 -25.41 -35.37 -29.94
N THR B 252 -24.97 -36.33 -30.75
CA THR B 252 -23.69 -37.00 -30.49
C THR B 252 -22.53 -36.05 -30.63
N LEU B 253 -22.45 -35.35 -31.76
CA LEU B 253 -21.32 -34.47 -32.03
C LEU B 253 -21.33 -33.26 -31.09
N LEU B 254 -22.50 -32.82 -30.68
CA LEU B 254 -22.56 -31.70 -29.74
C LEU B 254 -22.11 -32.13 -28.35
N ASN B 255 -22.54 -33.32 -27.90
CA ASN B 255 -22.10 -33.81 -26.61
C ASN B 255 -20.62 -34.13 -26.61
N VAL B 256 -20.07 -34.47 -27.77
CA VAL B 256 -18.63 -34.47 -27.95
C VAL B 256 -18.08 -33.07 -27.72
N LEU B 257 -18.68 -32.07 -28.37
CA LEU B 257 -18.12 -30.73 -28.30
C LEU B 257 -18.35 -30.05 -26.97
N VAL B 258 -19.32 -30.48 -26.18
CA VAL B 258 -19.61 -29.76 -24.95
C VAL B 258 -19.47 -30.66 -23.74
N ASN B 259 -20.27 -31.71 -23.68
CA ASN B 259 -20.45 -32.44 -22.44
C ASN B 259 -19.29 -33.35 -22.09
N TYR B 260 -18.40 -33.64 -23.03
CA TYR B 260 -17.32 -34.56 -22.72
C TYR B 260 -15.96 -34.00 -23.12
N SER B 261 -15.90 -32.69 -23.30
CA SER B 261 -14.64 -32.00 -23.56
C SER B 261 -14.10 -31.48 -22.25
N VAL B 262 -12.83 -31.74 -21.98
CA VAL B 262 -12.22 -31.38 -20.72
C VAL B 262 -11.14 -30.36 -21.05
N PHE B 263 -11.46 -29.08 -20.95
CA PHE B 263 -10.43 -28.08 -21.21
C PHE B 263 -9.65 -27.89 -19.93
N ASP B 264 -8.60 -28.69 -19.78
CA ASP B 264 -7.65 -28.52 -18.70
C ASP B 264 -6.93 -27.18 -18.85
N SER B 265 -6.60 -26.57 -17.71
CA SER B 265 -5.93 -25.29 -17.67
C SER B 265 -4.42 -25.43 -17.70
N SER B 266 -3.92 -26.50 -18.31
CA SER B 266 -2.50 -26.61 -18.68
C SER B 266 -1.97 -25.40 -19.47
N GLN B 267 -2.53 -25.02 -20.64
CA GLN B 267 -3.86 -25.26 -21.22
C GLN B 267 -3.82 -26.40 -22.22
N THR B 268 -4.72 -27.36 -22.04
CA THR B 268 -4.77 -28.53 -22.92
C THR B 268 -6.21 -29.03 -22.95
N LEU B 269 -6.75 -29.20 -24.16
CA LEU B 269 -8.05 -29.82 -24.27
C LEU B 269 -7.90 -31.33 -24.31
N LEU B 270 -8.76 -32.02 -23.58
CA LEU B 270 -8.73 -33.47 -23.49
C LEU B 270 -10.07 -34.03 -23.91
N VAL B 271 -10.03 -35.10 -24.68
CA VAL B 271 -11.23 -35.79 -25.15
C VAL B 271 -11.26 -37.15 -24.48
N MET B 272 -12.41 -37.51 -23.96
CA MET B 272 -12.53 -38.76 -23.22
C MET B 272 -12.57 -39.95 -24.18
N ARG B 273 -12.29 -41.12 -23.65
CA ARG B 273 -12.42 -42.33 -24.44
C ARG B 273 -13.89 -42.60 -24.72
N PRO B 274 -14.20 -43.26 -25.84
CA PRO B 274 -15.62 -43.54 -26.15
C PRO B 274 -16.29 -44.46 -25.16
N TYR B 275 -15.59 -45.46 -24.64
CA TYR B 275 -16.20 -46.34 -23.65
C TYR B 275 -16.39 -45.63 -22.32
N GLN B 276 -15.52 -44.67 -22.01
CA GLN B 276 -15.71 -43.82 -20.84
C GLN B 276 -17.00 -43.03 -20.95
N ILE B 277 -17.21 -42.41 -22.12
CA ILE B 277 -18.40 -41.64 -22.35
C ILE B 277 -19.63 -42.54 -22.34
N ALA B 278 -19.48 -43.76 -22.85
CA ALA B 278 -20.61 -44.69 -22.88
C ALA B 278 -21.02 -45.12 -21.49
N ALA B 279 -20.05 -45.49 -20.65
CA ALA B 279 -20.36 -45.86 -19.28
C ALA B 279 -20.88 -44.67 -18.49
N THR B 280 -20.40 -43.47 -18.80
CA THR B 280 -20.94 -42.26 -18.19
C THR B 280 -22.40 -42.08 -18.56
N GLU B 281 -22.73 -42.33 -19.82
CA GLU B 281 -24.11 -42.28 -20.28
C GLU B 281 -24.97 -43.32 -19.58
N ARG B 282 -24.39 -44.50 -19.33
CA ARG B 282 -25.11 -45.53 -18.59
C ARG B 282 -25.41 -45.06 -17.17
N ILE B 283 -24.43 -44.39 -16.55
CA ILE B 283 -24.61 -43.88 -15.20
C ILE B 283 -25.70 -42.81 -15.16
N LEU B 284 -25.58 -41.82 -16.04
CA LEU B 284 -26.49 -40.68 -15.99
C LEU B 284 -27.89 -41.08 -16.44
N TRP B 285 -27.98 -42.02 -17.38
CA TRP B 285 -29.28 -42.54 -17.76
C TRP B 285 -29.87 -43.42 -16.68
N LYS B 286 -29.04 -44.11 -15.90
CA LYS B 286 -29.53 -44.85 -14.75
C LYS B 286 -30.10 -43.91 -13.71
N ILE B 287 -29.44 -42.75 -13.52
CA ILE B 287 -29.98 -41.69 -12.66
C ILE B 287 -31.32 -41.21 -13.19
N LYS B 288 -31.38 -40.96 -14.49
CA LYS B 288 -32.59 -40.45 -15.14
C LYS B 288 -33.74 -41.45 -15.01
N SER B 289 -33.44 -42.72 -15.17
CA SER B 289 -34.47 -43.76 -15.11
C SER B 289 -34.94 -43.98 -13.67
N SER B 290 -34.00 -43.97 -12.73
CA SER B 290 -34.38 -44.23 -11.34
C SER B 290 -35.05 -43.04 -10.70
N PHE B 291 -34.71 -41.82 -11.14
CA PHE B 291 -35.28 -40.63 -10.51
C PHE B 291 -36.71 -40.43 -10.95
N THR B 292 -37.01 -40.69 -12.23
CA THR B 292 -38.38 -40.64 -12.69
C THR B 292 -39.21 -41.81 -12.22
N ALA B 293 -38.57 -42.88 -11.74
CA ALA B 293 -39.27 -43.98 -11.11
C ALA B 293 -39.39 -43.79 -9.61
N LYS B 294 -38.94 -42.64 -9.10
CA LYS B 294 -38.83 -42.24 -7.69
C LYS B 294 -38.37 -43.36 -6.77
N ASN B 295 -37.41 -44.14 -7.22
CA ASN B 295 -36.84 -45.20 -6.41
C ASN B 295 -35.47 -44.78 -5.89
N TRP B 296 -35.11 -45.35 -4.76
CA TRP B 296 -33.80 -45.15 -4.18
C TRP B 296 -33.47 -46.37 -3.34
N SER B 297 -32.21 -46.48 -2.94
CA SER B 297 -31.67 -47.43 -1.98
C SER B 297 -31.79 -48.89 -2.40
N LYS B 298 -32.15 -49.15 -3.62
CA LYS B 298 -32.11 -50.55 -3.98
C LYS B 298 -30.72 -50.93 -4.45
N PRO B 299 -30.34 -52.20 -4.27
CA PRO B 299 -29.11 -52.69 -4.92
C PRO B 299 -29.17 -52.59 -6.43
N GLU B 300 -30.27 -53.06 -7.04
CA GLU B 300 -30.44 -52.99 -8.48
C GLU B 300 -30.67 -51.56 -8.98
N SER B 301 -30.97 -50.62 -8.09
CA SER B 301 -30.92 -49.21 -8.45
C SER B 301 -29.50 -48.70 -8.58
N GLY B 302 -28.52 -49.47 -8.10
CA GLY B 302 -27.13 -49.07 -8.18
C GLY B 302 -26.46 -49.50 -9.47
N GLY B 303 -25.39 -50.25 -9.36
CA GLY B 303 -24.56 -50.63 -10.49
C GLY B 303 -23.12 -50.21 -10.30
N TYR B 304 -22.26 -50.79 -11.14
CA TYR B 304 -20.83 -50.60 -10.98
C TYR B 304 -20.13 -50.87 -12.31
N ILE B 305 -18.91 -50.32 -12.40
CA ILE B 305 -18.13 -50.32 -13.63
C ILE B 305 -16.80 -50.99 -13.36
N TRP B 306 -16.44 -51.94 -14.23
CA TRP B 306 -15.11 -52.54 -14.21
C TRP B 306 -14.23 -51.78 -15.20
N HIS B 307 -13.69 -50.66 -14.76
CA HIS B 307 -12.61 -49.98 -15.47
C HIS B 307 -11.43 -49.98 -14.51
N THR B 308 -10.70 -51.11 -14.51
CA THR B 308 -9.59 -51.24 -13.59
C THR B 308 -8.33 -50.57 -14.13
N THR B 309 -8.27 -50.35 -15.43
CA THR B 309 -7.10 -49.76 -16.07
C THR B 309 -7.56 -49.12 -17.39
N GLY B 310 -6.74 -48.21 -17.89
CA GLY B 310 -7.09 -47.47 -19.08
C GLY B 310 -8.26 -46.52 -18.88
N SER B 311 -8.53 -46.11 -17.65
CA SER B 311 -9.73 -45.33 -17.37
C SER B 311 -9.46 -43.86 -17.19
N GLY B 312 -8.43 -43.49 -16.43
CA GLY B 312 -8.41 -42.16 -15.87
C GLY B 312 -9.63 -42.08 -14.98
N LYS B 313 -9.67 -42.96 -13.98
CA LYS B 313 -10.82 -43.06 -13.08
C LYS B 313 -11.06 -41.75 -12.36
N THR B 314 -9.98 -41.03 -12.05
CA THR B 314 -10.05 -39.64 -11.64
C THR B 314 -10.82 -38.80 -12.66
N LEU B 315 -10.37 -38.82 -13.92
CA LEU B 315 -10.97 -37.99 -14.96
C LEU B 315 -12.43 -38.35 -15.23
N THR B 316 -12.70 -39.65 -15.42
CA THR B 316 -14.04 -40.07 -15.76
C THR B 316 -14.97 -39.86 -14.58
N SER B 317 -14.47 -40.05 -13.37
CA SER B 317 -15.24 -39.75 -12.18
C SER B 317 -15.53 -38.28 -12.07
N PHE B 318 -14.57 -37.43 -12.42
CA PHE B 318 -14.77 -35.98 -12.38
C PHE B 318 -15.85 -35.57 -13.34
N LYS B 319 -15.80 -36.10 -14.55
CA LYS B 319 -16.81 -35.74 -15.54
C LYS B 319 -18.18 -36.20 -15.14
N ALA B 320 -18.30 -37.46 -14.67
CA ALA B 320 -19.59 -37.98 -14.23
C ALA B 320 -20.11 -37.21 -13.04
N ALA B 321 -19.22 -36.80 -12.15
CA ALA B 321 -19.62 -36.04 -10.96
C ALA B 321 -20.11 -34.66 -11.33
N ARG B 322 -19.40 -33.98 -12.23
CA ARG B 322 -19.80 -32.63 -12.61
C ARG B 322 -21.10 -32.66 -13.40
N LEU B 323 -21.28 -33.69 -14.22
CA LEU B 323 -22.55 -33.84 -14.92
C LEU B 323 -23.68 -34.17 -13.96
N ALA B 324 -23.36 -34.85 -12.86
CA ALA B 324 -24.36 -35.06 -11.82
C ALA B 324 -24.71 -33.75 -11.12
N THR B 325 -23.72 -32.89 -10.89
CA THR B 325 -23.96 -31.63 -10.21
C THR B 325 -24.83 -30.70 -11.04
N GLU B 326 -24.57 -30.64 -12.33
CA GLU B 326 -25.45 -29.86 -13.19
C GLU B 326 -26.75 -30.58 -13.48
N LEU B 327 -26.80 -31.88 -13.23
CA LEU B 327 -27.94 -32.70 -13.67
C LEU B 327 -29.20 -32.41 -12.86
N ASP B 328 -29.05 -31.83 -11.66
CA ASP B 328 -30.06 -31.07 -10.93
C ASP B 328 -31.21 -31.91 -10.41
N PHE B 329 -31.14 -33.24 -10.50
CA PHE B 329 -32.14 -34.06 -9.82
C PHE B 329 -31.94 -34.05 -8.32
N ILE B 330 -30.73 -33.71 -7.88
CA ILE B 330 -30.24 -34.04 -6.54
C ILE B 330 -29.72 -32.81 -5.83
N ASP B 331 -29.12 -33.02 -4.66
CA ASP B 331 -28.49 -31.95 -3.91
C ASP B 331 -26.99 -32.14 -3.75
N LYS B 332 -26.55 -33.31 -3.32
CA LYS B 332 -25.14 -33.53 -3.05
C LYS B 332 -24.61 -34.71 -3.84
N VAL B 333 -23.34 -34.61 -4.21
CA VAL B 333 -22.60 -35.69 -4.84
C VAL B 333 -21.43 -35.99 -3.93
N PHE B 334 -21.44 -37.16 -3.32
CA PHE B 334 -20.32 -37.55 -2.47
C PHE B 334 -19.54 -38.60 -3.23
N PHE B 335 -18.47 -38.17 -3.88
CA PHE B 335 -17.47 -39.10 -4.35
C PHE B 335 -16.56 -39.40 -3.19
N VAL B 336 -16.66 -40.60 -2.67
CA VAL B 336 -15.88 -40.99 -1.51
C VAL B 336 -14.89 -42.05 -1.96
N VAL B 337 -13.76 -42.10 -1.27
CA VAL B 337 -12.74 -43.12 -1.45
C VAL B 337 -12.31 -43.59 -0.07
N ASP B 338 -11.35 -44.50 -0.06
CA ASP B 338 -10.53 -44.76 1.10
C ASP B 338 -9.20 -44.03 0.91
N ARG B 339 -8.40 -43.96 1.97
CA ARG B 339 -7.21 -43.13 1.89
C ARG B 339 -5.95 -43.97 1.97
N LYS B 340 -5.09 -43.81 0.98
CA LYS B 340 -3.63 -43.90 1.19
C LYS B 340 -2.98 -42.97 0.17
N ASP B 341 -2.84 -41.71 0.56
CA ASP B 341 -2.54 -40.57 -0.32
C ASP B 341 -3.41 -40.60 -1.57
N LEU B 342 -4.71 -40.78 -1.38
CA LEU B 342 -5.67 -40.66 -2.45
C LEU B 342 -6.43 -39.35 -2.41
N ASP B 343 -6.85 -38.96 -1.20
CA ASP B 343 -7.64 -37.75 -1.02
C ASP B 343 -6.86 -36.51 -1.41
N TYR B 344 -5.60 -36.42 -1.00
CA TYR B 344 -4.79 -35.29 -1.43
C TYR B 344 -4.43 -35.41 -2.90
N GLN B 345 -4.41 -36.63 -3.42
CA GLN B 345 -4.02 -36.85 -4.80
C GLN B 345 -5.08 -36.36 -5.76
N THR B 346 -6.29 -36.90 -5.65
CA THR B 346 -7.33 -36.64 -6.62
C THR B 346 -7.84 -35.20 -6.54
N MET B 347 -7.83 -34.63 -5.33
CA MET B 347 -8.03 -33.19 -5.16
C MET B 347 -7.02 -32.41 -5.98
N LYS B 348 -5.76 -32.81 -5.90
CA LYS B 348 -4.73 -32.24 -6.76
C LYS B 348 -5.00 -32.57 -8.22
N GLU B 349 -5.63 -33.72 -8.50
CA GLU B 349 -6.04 -34.01 -9.86
C GLU B 349 -7.19 -33.12 -10.30
N TYR B 350 -7.97 -32.60 -9.35
CA TYR B 350 -9.17 -31.90 -9.73
C TYR B 350 -9.06 -30.40 -9.60
N GLN B 351 -8.07 -29.90 -8.88
CA GLN B 351 -7.74 -28.50 -9.05
C GLN B 351 -6.92 -28.28 -10.30
N ARG B 352 -6.37 -29.35 -10.88
CA ARG B 352 -5.99 -29.30 -12.28
C ARG B 352 -7.20 -29.06 -13.15
N PHE B 353 -8.32 -29.70 -12.82
CA PHE B 353 -9.58 -29.50 -13.56
C PHE B 353 -10.28 -28.31 -12.91
N SER B 354 -9.74 -27.13 -13.20
CA SER B 354 -9.51 -26.02 -12.28
C SER B 354 -10.55 -25.68 -11.22
N PRO B 355 -11.80 -25.29 -11.56
CA PRO B 355 -12.55 -24.38 -10.68
C PRO B 355 -12.97 -24.91 -9.30
N ASP B 356 -13.71 -26.02 -9.25
CA ASP B 356 -14.55 -26.28 -8.09
C ASP B 356 -14.48 -27.72 -7.62
N SER B 357 -14.08 -27.91 -6.36
CA SER B 357 -14.20 -29.16 -5.62
C SER B 357 -13.97 -28.87 -4.14
N VAL B 358 -14.92 -29.25 -3.29
CA VAL B 358 -14.76 -29.14 -1.85
C VAL B 358 -14.09 -30.41 -1.34
N ASN B 359 -12.96 -30.26 -0.67
CA ASN B 359 -12.28 -31.38 -0.08
C ASN B 359 -12.94 -31.80 1.24
N GLY B 360 -12.62 -33.00 1.68
CA GLY B 360 -12.97 -33.47 3.00
C GLY B 360 -11.96 -33.11 4.07
N SER B 361 -11.04 -32.20 3.77
CA SER B 361 -10.18 -31.64 4.79
C SER B 361 -11.02 -30.84 5.77
N GLU B 362 -10.76 -30.99 7.08
CA GLU B 362 -9.70 -31.84 7.60
C GLU B 362 -10.25 -32.95 8.46
N ASN B 363 -11.54 -32.86 8.75
CA ASN B 363 -12.20 -33.73 9.72
C ASN B 363 -13.69 -33.64 9.50
N THR B 364 -14.45 -34.15 10.47
CA THR B 364 -15.90 -33.97 10.50
C THR B 364 -16.28 -32.72 11.30
N ALA B 365 -15.53 -31.65 11.05
CA ALA B 365 -15.74 -30.38 11.75
C ALA B 365 -15.54 -29.29 10.70
N GLY B 366 -16.63 -28.72 10.24
CA GLY B 366 -16.63 -27.96 9.02
C GLY B 366 -16.99 -28.80 7.82
N LEU B 367 -16.89 -30.12 7.95
CA LEU B 367 -17.50 -31.01 6.98
C LEU B 367 -19.01 -30.83 7.00
N LYS B 368 -19.57 -30.66 8.19
CA LYS B 368 -20.99 -30.31 8.28
C LYS B 368 -21.25 -28.93 7.68
N ARG B 369 -20.30 -28.01 7.83
CA ARG B 369 -20.37 -26.75 7.11
C ARG B 369 -20.28 -26.95 5.61
N ASN B 370 -19.55 -27.98 5.17
CA ASN B 370 -19.51 -28.28 3.75
C ASN B 370 -20.81 -28.88 3.26
N LEU B 371 -21.50 -29.65 4.09
CA LEU B 371 -22.83 -30.14 3.72
C LEU B 371 -23.83 -29.00 3.73
N ASP B 372 -23.61 -28.01 4.59
CA ASP B 372 -24.38 -26.76 4.52
C ASP B 372 -24.08 -26.00 3.24
N LYS B 373 -22.87 -26.09 2.73
CA LYS B 373 -22.42 -25.27 1.62
C LYS B 373 -22.78 -25.93 0.29
N ASP B 374 -23.00 -25.08 -0.72
CA ASP B 374 -23.12 -25.51 -2.10
C ASP B 374 -22.34 -24.49 -2.94
N ASP B 375 -22.60 -24.47 -4.26
CA ASP B 375 -21.92 -23.74 -5.33
C ASP B 375 -20.53 -24.29 -5.63
N ASN B 376 -20.06 -25.25 -4.86
CA ASN B 376 -18.79 -25.93 -5.03
C ASN B 376 -19.05 -27.42 -4.83
N LYS B 377 -20.04 -27.92 -5.57
CA LYS B 377 -20.92 -28.99 -5.11
C LYS B 377 -20.20 -30.29 -4.82
N ILE B 378 -19.17 -30.64 -5.59
CA ILE B 378 -18.54 -31.94 -5.45
C ILE B 378 -17.73 -32.01 -4.16
N ILE B 379 -18.11 -32.92 -3.27
CA ILE B 379 -17.46 -33.11 -1.99
C ILE B 379 -16.75 -34.45 -2.01
N VAL B 380 -15.44 -34.42 -1.77
CA VAL B 380 -14.61 -35.61 -1.80
C VAL B 380 -13.96 -35.79 -0.44
N THR B 381 -14.08 -36.98 0.12
CA THR B 381 -13.49 -37.26 1.43
C THR B 381 -13.14 -38.73 1.52
N THR B 382 -12.55 -39.11 2.65
CA THR B 382 -12.29 -40.51 2.90
C THR B 382 -13.56 -41.17 3.36
N ILE B 383 -13.60 -42.50 3.22
CA ILE B 383 -14.70 -43.24 3.80
C ILE B 383 -14.64 -43.21 5.31
N GLN B 384 -13.47 -43.05 5.90
CA GLN B 384 -13.35 -43.09 7.35
C GLN B 384 -13.82 -41.79 8.00
N LYS B 385 -13.65 -40.65 7.32
CA LYS B 385 -14.28 -39.42 7.80
C LYS B 385 -15.79 -39.54 7.77
N LEU B 386 -16.30 -40.22 6.75
CA LEU B 386 -17.72 -40.44 6.65
C LEU B 386 -18.20 -41.37 7.76
N ASN B 387 -17.38 -42.37 8.08
CA ASN B 387 -17.69 -43.27 9.18
C ASN B 387 -17.65 -42.54 10.50
N ASN B 388 -16.78 -41.55 10.61
CA ASN B 388 -16.78 -40.69 11.78
C ASN B 388 -18.02 -39.82 11.83
N LEU B 389 -18.69 -39.63 10.69
CA LEU B 389 -19.97 -38.95 10.71
C LEU B 389 -21.13 -39.92 10.87
N MET B 390 -20.94 -41.17 10.48
CA MET B 390 -22.05 -42.13 10.45
C MET B 390 -22.18 -42.98 11.70
N LYS B 391 -21.15 -43.02 12.55
CA LYS B 391 -21.31 -43.71 13.82
C LYS B 391 -22.16 -42.92 14.80
N ALA B 392 -22.34 -41.63 14.54
CA ALA B 392 -22.98 -40.73 15.49
C ALA B 392 -23.66 -39.63 14.70
N GLU B 393 -23.87 -38.48 15.36
CA GLU B 393 -24.17 -37.17 14.78
C GLU B 393 -25.61 -37.02 14.30
N SER B 394 -26.41 -38.11 14.37
CA SER B 394 -27.84 -38.06 14.67
C SER B 394 -28.65 -37.24 13.66
N ASP B 395 -28.73 -37.79 12.43
CA ASP B 395 -29.63 -37.30 11.38
C ASP B 395 -29.31 -35.86 10.97
N LEU B 396 -28.18 -35.74 10.30
CA LEU B 396 -27.78 -34.59 9.51
C LEU B 396 -28.91 -34.08 8.60
N PRO B 397 -28.98 -32.76 8.33
CA PRO B 397 -30.15 -32.22 7.60
C PRO B 397 -30.16 -32.55 6.12
N VAL B 398 -29.21 -33.32 5.61
CA VAL B 398 -29.13 -33.62 4.19
C VAL B 398 -29.59 -35.07 4.07
N TYR B 399 -30.35 -35.51 5.07
CA TYR B 399 -30.68 -36.93 5.19
C TYR B 399 -31.70 -37.37 4.14
N ASN B 400 -32.88 -36.75 4.16
CA ASN B 400 -33.96 -37.12 3.26
C ASN B 400 -33.91 -36.35 1.96
N GLN B 401 -32.73 -35.96 1.54
CA GLN B 401 -32.52 -35.24 0.31
C GLN B 401 -31.95 -36.19 -0.74
N GLN B 402 -32.22 -35.89 -2.00
CA GLN B 402 -31.72 -36.70 -3.11
C GLN B 402 -30.22 -36.47 -3.21
N VAL B 403 -29.44 -37.51 -2.92
CA VAL B 403 -27.98 -37.43 -2.84
C VAL B 403 -27.40 -38.63 -3.58
N VAL B 404 -26.36 -38.40 -4.36
CA VAL B 404 -25.71 -39.46 -5.11
C VAL B 404 -24.37 -39.80 -4.46
N PHE B 405 -24.22 -41.06 -4.06
CA PHE B 405 -22.98 -41.56 -3.50
C PHE B 405 -22.21 -42.27 -4.59
N ILE B 406 -21.21 -41.59 -5.12
CA ILE B 406 -20.25 -42.21 -6.02
C ILE B 406 -19.15 -42.75 -5.14
N PHE B 407 -19.15 -44.05 -4.95
CA PHE B 407 -18.09 -44.70 -4.20
C PHE B 407 -16.89 -44.86 -5.11
N ASP B 408 -15.79 -45.33 -4.55
CA ASP B 408 -14.76 -45.94 -5.37
C ASP B 408 -14.38 -47.20 -4.63
N GLU B 409 -13.84 -48.17 -5.39
CA GLU B 409 -13.48 -49.50 -4.89
C GLU B 409 -14.71 -50.20 -4.30
N CYS B 410 -15.61 -50.57 -5.20
CA CYS B 410 -16.95 -51.05 -4.87
C CYS B 410 -16.95 -52.33 -4.06
N HIS B 411 -18.15 -52.81 -3.73
CA HIS B 411 -18.51 -53.65 -2.59
C HIS B 411 -17.63 -54.89 -2.37
N ARG B 412 -16.87 -55.29 -3.39
CA ARG B 412 -15.72 -56.16 -3.18
C ARG B 412 -14.59 -55.47 -2.44
N SER B 413 -14.64 -54.14 -2.26
CA SER B 413 -13.65 -53.43 -1.46
C SER B 413 -14.29 -52.47 -0.48
N GLN B 414 -15.58 -52.65 -0.17
CA GLN B 414 -16.23 -51.99 0.95
C GLN B 414 -17.35 -52.89 1.45
N PHE B 415 -17.38 -53.14 2.77
CA PHE B 415 -18.39 -54.05 3.30
C PHE B 415 -19.03 -53.61 4.61
N GLY B 416 -18.37 -52.81 5.42
CA GLY B 416 -18.64 -52.84 6.84
C GLY B 416 -19.58 -51.80 7.40
N GLU B 417 -19.04 -51.03 8.35
CA GLU B 417 -19.83 -50.02 9.07
C GLU B 417 -20.38 -48.98 8.11
N ALA B 418 -19.61 -48.64 7.08
CA ALA B 418 -20.08 -47.80 6.00
C ALA B 418 -21.33 -48.39 5.36
N GLN B 419 -21.26 -49.64 4.92
CA GLN B 419 -22.40 -50.21 4.22
C GLN B 419 -23.56 -50.54 5.14
N LYS B 420 -23.28 -51.05 6.34
CA LYS B 420 -24.40 -51.43 7.20
C LYS B 420 -25.09 -50.21 7.79
N ASN B 421 -24.34 -49.17 8.18
CA ASN B 421 -25.01 -47.96 8.59
C ASN B 421 -25.47 -47.14 7.40
N LEU B 422 -25.04 -47.50 6.20
CA LEU B 422 -25.58 -46.87 5.01
C LEU B 422 -26.98 -47.37 4.74
N LYS B 423 -27.15 -48.69 4.76
CA LYS B 423 -28.49 -49.25 4.62
C LYS B 423 -29.34 -48.97 5.86
N LYS B 424 -28.70 -48.79 7.01
CA LYS B 424 -29.43 -48.47 8.22
C LYS B 424 -29.88 -47.02 8.22
N LYS B 425 -28.91 -46.09 8.20
CA LYS B 425 -29.24 -44.69 8.31
C LYS B 425 -29.81 -44.16 7.00
N PHE B 426 -28.99 -44.08 5.96
CA PHE B 426 -29.34 -43.28 4.80
C PHE B 426 -30.37 -43.97 3.92
N LYS B 427 -31.25 -43.16 3.34
CA LYS B 427 -32.34 -43.70 2.53
C LYS B 427 -32.23 -43.27 1.07
N ARG B 428 -32.26 -41.97 0.78
CA ARG B 428 -32.40 -41.52 -0.60
C ARG B 428 -31.05 -41.40 -1.30
N TYR B 429 -30.28 -42.48 -1.27
CA TYR B 429 -28.97 -42.49 -1.89
C TYR B 429 -29.03 -43.17 -3.24
N TYR B 430 -28.29 -42.62 -4.19
CA TYR B 430 -28.12 -43.28 -5.48
C TYR B 430 -26.70 -43.84 -5.44
N GLN B 431 -26.61 -45.16 -5.37
CA GLN B 431 -25.42 -45.84 -4.85
C GLN B 431 -24.61 -46.40 -6.02
N PHE B 432 -23.68 -45.61 -6.51
CA PHE B 432 -22.89 -46.03 -7.66
C PHE B 432 -21.45 -46.15 -7.23
N GLY B 433 -20.59 -46.37 -8.21
CA GLY B 433 -19.17 -46.28 -7.97
C GLY B 433 -18.40 -46.92 -9.09
N PHE B 434 -17.32 -46.25 -9.46
CA PHE B 434 -16.26 -46.86 -10.24
C PHE B 434 -15.54 -47.85 -9.35
N THR B 435 -14.99 -48.88 -9.96
CA THR B 435 -14.16 -49.78 -9.20
C THR B 435 -13.13 -50.42 -10.13
N GLY B 436 -11.95 -50.62 -9.58
CA GLY B 436 -10.98 -51.52 -10.15
C GLY B 436 -11.08 -52.82 -9.42
N THR B 437 -11.95 -52.85 -8.41
CA THR B 437 -12.16 -54.04 -7.58
C THR B 437 -13.61 -54.54 -7.67
N PRO B 438 -14.00 -55.25 -8.74
CA PRO B 438 -15.13 -56.17 -8.62
C PRO B 438 -14.71 -57.47 -7.95
N ILE B 439 -15.62 -58.43 -7.91
CA ILE B 439 -15.29 -59.74 -7.36
C ILE B 439 -14.39 -60.47 -8.35
N PHE B 440 -13.10 -60.53 -8.03
CA PHE B 440 -12.13 -61.27 -8.81
C PHE B 440 -11.85 -62.63 -8.17
N PRO B 441 -11.21 -63.54 -8.92
CA PRO B 441 -10.50 -64.65 -8.26
C PRO B 441 -9.10 -64.30 -7.80
N GLU B 442 -8.56 -63.13 -8.19
CA GLU B 442 -7.16 -62.81 -7.97
C GLU B 442 -6.90 -62.07 -6.66
N ASN B 443 -7.52 -60.90 -6.48
CA ASN B 443 -7.22 -60.01 -5.35
C ASN B 443 -8.50 -59.58 -4.64
N ALA B 444 -9.30 -60.57 -4.24
CA ALA B 444 -10.59 -60.35 -3.58
C ALA B 444 -10.48 -60.44 -2.06
N LEU B 445 -9.35 -59.98 -1.50
CA LEU B 445 -9.16 -59.95 -0.06
C LEU B 445 -9.60 -58.63 0.56
N GLY B 446 -10.47 -57.89 -0.12
CA GLY B 446 -10.99 -56.65 0.43
C GLY B 446 -12.25 -56.77 1.27
N SER B 447 -13.32 -57.30 0.71
CA SER B 447 -14.64 -57.12 1.32
C SER B 447 -15.60 -58.19 0.84
N GLU B 448 -16.90 -57.95 1.07
CA GLU B 448 -17.99 -58.87 0.81
C GLU B 448 -18.41 -58.85 -0.66
N THR B 449 -19.59 -59.42 -0.94
CA THR B 449 -20.09 -59.55 -2.30
C THR B 449 -20.56 -58.20 -2.85
N THR B 450 -20.82 -58.16 -4.15
CA THR B 450 -21.24 -56.92 -4.79
C THR B 450 -22.57 -57.10 -5.53
N ALA B 451 -22.84 -58.32 -6.00
CA ALA B 451 -23.99 -58.66 -6.86
C ALA B 451 -25.34 -58.42 -6.21
N SER B 452 -25.55 -58.83 -4.97
CA SER B 452 -26.78 -58.54 -4.25
C SER B 452 -26.69 -57.30 -3.38
N VAL B 453 -25.62 -56.52 -3.52
CA VAL B 453 -25.40 -55.31 -2.73
C VAL B 453 -25.40 -54.07 -3.62
N PHE B 454 -24.64 -54.09 -4.70
CA PHE B 454 -24.60 -52.99 -5.64
C PHE B 454 -25.34 -53.31 -6.94
N GLY B 455 -26.09 -54.41 -6.97
CA GLY B 455 -26.82 -54.73 -8.17
C GLY B 455 -25.92 -55.33 -9.24
N ARG B 456 -26.20 -54.94 -10.49
CA ARG B 456 -25.58 -55.59 -11.63
C ARG B 456 -24.46 -54.73 -12.21
N GLU B 457 -23.54 -55.40 -12.89
CA GLU B 457 -22.47 -54.73 -13.61
C GLU B 457 -23.03 -53.97 -14.80
N LEU B 458 -22.44 -52.83 -15.12
CA LEU B 458 -23.00 -51.97 -16.15
C LEU B 458 -22.15 -51.90 -17.40
N HIS B 459 -20.87 -51.59 -17.27
CA HIS B 459 -20.01 -51.45 -18.44
C HIS B 459 -18.58 -51.77 -18.05
N SER B 460 -17.82 -52.33 -19.00
CA SER B 460 -16.50 -52.83 -18.72
C SER B 460 -15.60 -52.58 -19.93
N TYR B 461 -14.30 -52.76 -19.73
CA TYR B 461 -13.31 -52.60 -20.78
C TYR B 461 -12.11 -53.50 -20.47
N VAL B 462 -11.53 -54.06 -21.52
CA VAL B 462 -10.34 -54.90 -21.40
C VAL B 462 -9.14 -54.06 -21.01
N GLU C 11 20.31 22.20 -15.23
CA GLU C 11 19.91 23.49 -15.78
C GLU C 11 19.02 23.28 -17.01
N LEU C 12 19.44 22.44 -17.96
CA LEU C 12 18.52 21.91 -18.95
C LEU C 12 17.64 20.81 -18.38
N HIS C 13 18.22 19.92 -17.56
CA HIS C 13 17.42 18.94 -16.87
C HIS C 13 16.60 19.57 -15.76
N ARG C 14 16.90 20.80 -15.37
CA ARG C 14 15.96 21.57 -14.56
C ARG C 14 14.71 21.89 -15.36
N GLN C 15 14.88 22.31 -16.62
CA GLN C 15 13.74 22.61 -17.48
C GLN C 15 12.94 21.36 -17.80
N ILE C 16 13.63 20.29 -18.19
CA ILE C 16 12.99 19.01 -18.46
C ILE C 16 12.34 18.48 -17.20
N TRP C 17 12.96 18.74 -16.05
CA TRP C 17 12.41 18.35 -14.77
C TRP C 17 11.12 19.08 -14.47
N GLN C 18 11.08 20.38 -14.74
CA GLN C 18 9.86 21.15 -14.52
C GLN C 18 8.75 20.71 -15.46
N ILE C 19 9.09 20.38 -16.71
CA ILE C 19 8.09 19.81 -17.61
C ILE C 19 7.58 18.48 -17.07
N ALA C 20 8.48 17.66 -16.51
CA ALA C 20 8.08 16.41 -15.89
C ALA C 20 7.17 16.64 -14.69
N ASN C 21 7.40 17.72 -13.95
CA ASN C 21 6.50 18.07 -12.87
C ASN C 21 5.13 18.48 -13.40
N ASP C 22 5.11 19.30 -14.45
CA ASP C 22 3.90 19.97 -14.85
C ASP C 22 2.98 19.10 -15.70
N VAL C 23 3.52 18.12 -16.41
CA VAL C 23 2.65 17.25 -17.20
C VAL C 23 1.91 16.26 -16.29
N ARG C 24 2.39 16.07 -15.06
CA ARG C 24 1.66 15.29 -14.05
C ARG C 24 0.31 15.89 -13.69
N GLY C 25 0.14 17.20 -13.82
CA GLY C 25 -1.19 17.77 -13.81
C GLY C 25 -1.95 17.26 -15.03
N SER C 26 -3.12 16.66 -14.82
CA SER C 26 -3.80 16.63 -13.53
C SER C 26 -4.08 15.23 -13.00
N VAL C 27 -3.44 14.21 -13.55
CA VAL C 27 -3.73 12.83 -13.17
C VAL C 27 -2.43 12.05 -13.25
N ASP C 28 -2.40 10.88 -12.62
CA ASP C 28 -1.16 10.14 -12.41
C ASP C 28 -0.80 9.34 -13.66
N GLY C 29 0.45 8.86 -13.71
CA GLY C 29 1.00 8.22 -14.88
C GLY C 29 0.63 6.76 -15.08
N TRP C 30 -0.55 6.36 -14.64
CA TRP C 30 -1.08 5.05 -14.99
C TRP C 30 -1.68 5.07 -16.38
N ASP C 31 -2.50 6.07 -16.67
CA ASP C 31 -2.98 6.27 -18.03
C ASP C 31 -2.01 7.13 -18.84
N PHE C 32 -1.29 8.03 -18.16
CA PHE C 32 -0.24 8.81 -18.83
C PHE C 32 0.95 7.95 -19.23
N LYS C 33 1.06 6.76 -18.66
CA LYS C 33 1.88 5.69 -19.23
C LYS C 33 1.59 5.54 -20.72
N GLN C 34 0.32 5.38 -21.08
CA GLN C 34 -0.06 5.16 -22.47
C GLN C 34 0.29 6.35 -23.35
N TYR C 35 -0.03 7.57 -22.87
CA TYR C 35 0.30 8.80 -23.57
C TYR C 35 1.80 8.93 -23.83
N VAL C 36 2.61 8.83 -22.77
CA VAL C 36 4.05 9.05 -22.87
C VAL C 36 4.69 7.98 -23.74
N LEU C 37 4.32 6.72 -23.51
CA LEU C 37 4.97 5.63 -24.24
C LEU C 37 4.60 5.65 -25.71
N GLY C 38 3.32 5.81 -26.04
CA GLY C 38 2.93 5.82 -27.44
C GLY C 38 3.45 7.04 -28.18
N ALA C 39 3.34 8.22 -27.57
CA ALA C 39 3.80 9.43 -28.21
C ALA C 39 5.31 9.46 -28.35
N LEU C 40 6.04 9.06 -27.32
CA LEU C 40 7.49 9.08 -27.36
C LEU C 40 8.00 7.98 -28.28
N PHE C 41 7.22 6.89 -28.39
CA PHE C 41 7.55 5.80 -29.29
C PHE C 41 7.44 6.25 -30.74
N TYR C 42 6.30 6.82 -31.10
CA TYR C 42 6.20 7.31 -32.47
C TYR C 42 7.06 8.55 -32.69
N ARG C 43 7.38 9.29 -31.65
CA ARG C 43 8.34 10.37 -31.77
C ARG C 43 9.70 9.82 -32.15
N PHE C 44 10.11 8.74 -31.50
CA PHE C 44 11.34 8.06 -31.88
C PHE C 44 11.24 7.51 -33.29
N ILE C 45 10.05 7.10 -33.71
CA ILE C 45 9.88 6.60 -35.07
C ILE C 45 10.04 7.73 -36.07
N SER C 46 9.34 8.84 -35.85
CA SER C 46 9.44 10.02 -36.67
C SER C 46 10.81 10.66 -36.62
N GLU C 47 11.60 10.38 -35.58
CA GLU C 47 13.01 10.74 -35.67
C GLU C 47 13.74 9.73 -36.54
N ASN C 48 13.83 8.49 -36.08
CA ASN C 48 14.76 7.52 -36.63
C ASN C 48 14.26 6.95 -37.95
N PHE C 49 13.09 6.30 -37.89
CA PHE C 49 12.49 5.67 -39.06
C PHE C 49 12.18 6.68 -40.14
N SER C 50 11.71 7.86 -39.74
CA SER C 50 11.45 8.85 -40.75
C SER C 50 12.73 9.50 -41.25
N SER C 51 13.77 9.52 -40.42
CA SER C 51 15.05 10.06 -40.84
C SER C 51 15.73 9.13 -41.83
N TYR C 52 15.41 7.84 -41.73
CA TYR C 52 15.78 6.90 -42.76
C TYR C 52 15.15 7.27 -44.09
N ILE C 53 13.94 7.83 -44.07
CA ILE C 53 13.27 8.15 -45.31
C ILE C 53 13.15 9.65 -45.49
N GLU C 54 14.03 10.42 -44.83
CA GLU C 54 14.17 11.82 -45.23
C GLU C 54 14.97 11.90 -46.53
N ALA C 55 16.05 11.16 -46.62
CA ALA C 55 16.79 11.05 -47.87
C ALA C 55 16.53 9.68 -48.47
N THR C 71 14.08 15.66 -45.49
CA THR C 71 13.97 16.99 -46.08
C THR C 71 12.56 17.26 -46.57
N ASP C 72 11.68 16.27 -46.44
CA ASP C 72 10.33 16.37 -46.97
C ASP C 72 9.29 16.62 -45.90
N ASP C 73 9.17 15.73 -44.92
CA ASP C 73 7.97 15.68 -44.11
C ASP C 73 8.29 15.48 -42.64
N ILE C 74 7.87 16.43 -41.82
CA ILE C 74 7.38 16.13 -40.49
C ILE C 74 5.96 15.61 -40.58
N LYS C 75 5.19 16.19 -41.48
CA LYS C 75 3.87 15.71 -41.82
C LYS C 75 3.98 14.52 -42.75
N ASP C 76 4.24 13.35 -42.19
CA ASP C 76 4.54 12.17 -42.98
C ASP C 76 3.29 11.64 -43.68
N ASP C 77 3.53 10.98 -44.80
CA ASP C 77 2.45 10.55 -45.69
C ASP C 77 2.79 9.14 -46.18
N ALA C 78 2.06 8.67 -47.20
CA ALA C 78 2.24 7.33 -47.75
C ALA C 78 3.47 7.36 -48.66
N ILE C 79 4.65 7.42 -48.03
CA ILE C 79 5.93 7.52 -48.73
C ILE C 79 6.81 6.40 -48.18
N LYS C 80 6.20 5.51 -47.39
CA LYS C 80 6.98 4.50 -46.66
C LYS C 80 7.44 3.38 -47.58
N THR C 81 6.55 2.92 -48.48
CA THR C 81 6.76 1.78 -49.39
C THR C 81 7.08 0.50 -48.60
N LYS C 82 6.04 0.01 -47.91
CA LYS C 82 6.15 -1.12 -46.98
C LYS C 82 6.73 -2.38 -47.63
N GLY C 83 6.60 -2.52 -48.95
CA GLY C 83 7.36 -3.54 -49.66
C GLY C 83 8.86 -3.38 -49.49
N TYR C 84 9.36 -2.15 -49.50
CA TYR C 84 10.76 -1.91 -49.18
C TYR C 84 10.95 -1.47 -47.74
N PHE C 85 9.91 -0.91 -47.11
CA PHE C 85 9.97 -0.56 -45.69
C PHE C 85 9.72 -1.76 -44.78
N ILE C 86 9.75 -2.97 -45.34
CA ILE C 86 9.73 -4.17 -44.51
C ILE C 86 11.05 -4.34 -43.76
N TYR C 87 12.12 -3.66 -44.19
CA TYR C 87 13.41 -3.77 -43.48
C TYR C 87 13.36 -3.14 -42.09
N PRO C 88 12.74 -1.95 -41.85
CA PRO C 88 12.51 -1.56 -40.45
C PRO C 88 11.33 -2.29 -39.84
N SER C 89 10.53 -2.94 -40.66
CA SER C 89 9.53 -3.78 -40.03
C SER C 89 10.14 -5.07 -39.51
N GLN C 90 11.34 -5.38 -39.96
CA GLN C 90 12.21 -6.40 -39.38
C GLN C 90 13.09 -5.83 -38.28
N LEU C 91 13.69 -4.67 -38.53
CA LEU C 91 14.74 -4.16 -37.66
C LEU C 91 14.20 -3.29 -36.54
N PHE C 92 13.29 -2.37 -36.83
CA PHE C 92 12.59 -1.63 -35.78
C PHE C 92 11.33 -2.37 -35.35
N CYS C 93 11.03 -3.48 -36.03
CA CYS C 93 10.00 -4.46 -35.68
C CYS C 93 8.60 -3.84 -35.83
N ASN C 94 8.47 -2.93 -36.82
CA ASN C 94 7.20 -2.29 -37.15
C ASN C 94 7.31 -1.51 -38.47
N VAL C 95 6.22 -1.51 -39.23
CA VAL C 95 5.76 -0.31 -39.92
C VAL C 95 4.61 0.20 -39.07
N ALA C 96 4.85 1.31 -38.37
CA ALA C 96 3.92 1.70 -37.32
C ALA C 96 2.64 2.30 -37.89
N ALA C 97 2.74 3.44 -38.56
CA ALA C 97 1.56 4.15 -38.99
C ALA C 97 1.93 5.05 -40.15
N LYS C 98 1.61 4.60 -41.36
CA LYS C 98 1.89 5.40 -42.53
C LYS C 98 0.89 6.53 -42.59
N ALA C 99 -0.36 6.24 -42.25
CA ALA C 99 -1.44 7.21 -42.35
C ALA C 99 -1.98 7.63 -40.99
N ASN C 100 -1.35 7.20 -39.91
CA ASN C 100 -1.88 7.44 -38.57
C ASN C 100 -0.81 8.02 -37.66
N THR C 101 -0.10 9.03 -38.14
CA THR C 101 1.12 9.51 -37.52
C THR C 101 0.77 10.35 -36.28
N ASN C 102 1.77 11.05 -35.74
CA ASN C 102 1.48 12.02 -34.68
C ASN C 102 1.03 13.33 -35.30
N ASP C 103 1.28 13.50 -36.60
CA ASP C 103 0.71 14.61 -37.34
C ASP C 103 -0.60 14.20 -38.03
N ARG C 104 -0.69 12.96 -38.50
CA ARG C 104 -1.86 12.49 -39.23
C ARG C 104 -2.94 11.95 -38.30
N LEU C 105 -2.90 12.30 -37.02
CA LEU C 105 -3.96 11.95 -36.08
C LEU C 105 -4.30 13.09 -35.14
N ASN C 106 -3.60 14.22 -35.21
CA ASN C 106 -3.73 15.24 -34.19
C ASN C 106 -3.99 16.62 -34.77
N ALA C 107 -5.24 16.95 -35.09
CA ALA C 107 -5.50 18.22 -35.75
C ALA C 107 -6.62 19.08 -35.17
N ASP C 108 -7.75 18.51 -34.77
CA ASP C 108 -9.01 19.24 -34.84
C ASP C 108 -9.94 18.92 -33.68
N LEU C 109 -11.22 19.25 -33.91
CA LEU C 109 -12.37 18.79 -33.16
C LEU C 109 -13.50 18.41 -34.13
N ASN C 110 -14.42 17.55 -33.65
CA ASN C 110 -15.61 17.08 -34.38
C ASN C 110 -15.28 16.36 -35.70
N SER C 111 -14.65 15.19 -35.60
CA SER C 111 -14.46 14.33 -36.75
C SER C 111 -15.20 13.01 -36.58
N ILE C 112 -14.94 12.09 -37.51
CA ILE C 112 -15.32 10.69 -37.42
C ILE C 112 -14.02 9.92 -37.62
N PHE C 113 -13.59 9.11 -36.64
CA PHE C 113 -14.40 8.53 -35.57
C PHE C 113 -13.76 8.50 -34.16
N VAL C 114 -14.35 7.64 -33.33
CA VAL C 114 -14.08 7.55 -31.89
C VAL C 114 -12.72 6.94 -31.51
N ALA C 115 -12.30 5.85 -32.14
CA ALA C 115 -11.60 4.76 -31.45
C ALA C 115 -10.13 4.66 -31.86
N ILE C 116 -9.21 5.22 -31.06
CA ILE C 116 -7.80 5.22 -31.50
C ILE C 116 -6.83 4.80 -30.36
N GLU C 117 -7.28 4.08 -29.31
CA GLU C 117 -6.24 3.76 -28.30
C GLU C 117 -6.28 2.39 -27.61
N SER C 118 -6.80 1.31 -28.18
CA SER C 118 -6.56 0.02 -27.56
C SER C 118 -6.29 -1.18 -28.47
N SER C 119 -6.92 -1.27 -29.64
CA SER C 119 -7.02 -2.53 -30.37
C SER C 119 -6.38 -2.55 -31.75
N ALA C 120 -6.72 -1.61 -32.64
CA ALA C 120 -6.54 -1.85 -34.06
C ALA C 120 -5.56 -0.91 -34.75
N TYR C 121 -4.40 -0.66 -34.15
CA TYR C 121 -3.15 -0.52 -34.87
C TYR C 121 -2.49 -1.88 -35.05
N GLY C 122 -3.12 -2.75 -35.84
CA GLY C 122 -2.78 -4.15 -35.82
C GLY C 122 -1.50 -4.47 -36.57
N TYR C 123 -1.21 -3.71 -37.62
CA TYR C 123 -0.02 -4.02 -38.41
C TYR C 123 1.30 -3.68 -37.70
N PRO C 124 1.41 -2.70 -36.78
CA PRO C 124 2.57 -2.71 -35.88
C PRO C 124 2.40 -3.57 -34.66
N SER C 125 1.18 -3.79 -34.16
CA SER C 125 1.04 -4.53 -32.92
C SER C 125 1.23 -6.03 -33.09
N GLU C 126 0.66 -6.60 -34.16
CA GLU C 126 0.85 -8.02 -34.43
C GLU C 126 2.22 -8.24 -35.08
N ALA C 127 2.37 -7.72 -36.30
CA ALA C 127 3.64 -7.60 -37.05
C ALA C 127 4.45 -8.90 -37.06
N ASP C 128 3.78 -9.97 -37.50
CA ASP C 128 4.31 -11.33 -37.32
C ASP C 128 5.55 -11.63 -38.15
N ILE C 129 5.86 -10.79 -39.13
CA ILE C 129 6.95 -11.06 -40.04
C ILE C 129 7.95 -9.92 -39.86
N LYS C 130 9.05 -10.16 -39.14
CA LYS C 130 9.34 -11.33 -38.30
C LYS C 130 9.84 -10.81 -36.94
N GLY C 131 10.21 -11.72 -36.05
CA GLY C 131 10.80 -11.36 -34.76
C GLY C 131 9.87 -10.53 -33.90
N LEU C 132 8.63 -11.00 -33.78
CA LEU C 132 7.50 -10.12 -33.51
C LEU C 132 7.50 -9.60 -32.07
N PHE C 133 7.80 -10.47 -31.11
CA PHE C 133 7.89 -10.16 -29.68
C PHE C 133 6.58 -9.56 -29.15
N ALA C 134 5.58 -10.43 -29.04
CA ALA C 134 4.19 -10.04 -28.83
C ALA C 134 3.98 -9.32 -27.50
N ASP C 135 2.75 -8.83 -27.31
CA ASP C 135 2.37 -7.81 -26.32
C ASP C 135 3.30 -6.60 -26.40
N PHE C 136 3.61 -6.25 -27.63
CA PHE C 136 4.55 -5.20 -27.96
C PHE C 136 3.94 -3.81 -27.93
N ASP C 137 2.64 -3.70 -28.18
CA ASP C 137 1.97 -2.42 -28.37
C ASP C 137 0.70 -2.37 -27.53
N THR C 138 0.83 -2.71 -26.24
CA THR C 138 -0.32 -2.84 -25.35
C THR C 138 -0.74 -1.52 -24.74
N THR C 139 -0.45 -0.41 -25.41
CA THR C 139 -0.71 0.93 -24.89
C THR C 139 -1.88 1.62 -25.58
N SER C 140 -1.80 1.79 -26.90
CA SER C 140 -2.77 2.64 -27.60
C SER C 140 -2.89 2.25 -29.06
N ASN C 141 -3.94 1.52 -29.42
CA ASN C 141 -4.12 1.21 -30.84
C ASN C 141 -5.42 1.71 -31.49
N ARG C 142 -6.60 1.14 -31.17
CA ARG C 142 -7.92 1.68 -31.54
C ARG C 142 -9.10 1.22 -30.66
N LEU C 143 -9.29 1.87 -29.49
CA LEU C 143 -10.57 2.29 -28.85
C LEU C 143 -10.17 2.99 -27.55
N GLY C 144 -10.79 4.14 -27.23
CA GLY C 144 -11.95 4.72 -27.88
C GLY C 144 -13.17 4.90 -26.99
N ASN C 145 -13.51 6.16 -26.65
CA ASN C 145 -14.74 6.32 -25.88
C ASN C 145 -15.71 7.36 -26.44
N THR C 146 -15.24 8.49 -26.95
CA THR C 146 -16.12 9.56 -27.41
C THR C 146 -15.70 10.03 -28.80
N VAL C 147 -16.39 11.03 -29.33
CA VAL C 147 -16.24 11.37 -30.74
C VAL C 147 -14.97 12.17 -31.03
N LYS C 148 -14.84 13.40 -30.53
CA LYS C 148 -13.53 14.05 -30.40
C LYS C 148 -13.37 14.85 -29.12
N ASP C 149 -14.11 14.54 -28.05
CA ASP C 149 -13.47 14.67 -26.77
C ASP C 149 -12.29 13.72 -26.70
N LYS C 150 -12.50 12.49 -27.17
CA LYS C 150 -11.46 11.48 -27.27
C LYS C 150 -10.40 11.87 -28.29
N ASN C 151 -10.81 12.06 -29.54
CA ASN C 151 -9.82 12.24 -30.59
C ASN C 151 -9.29 13.68 -30.59
N ALA C 152 -9.99 14.63 -29.96
CA ALA C 152 -9.42 15.95 -29.77
C ALA C 152 -8.58 16.03 -28.51
N ARG C 153 -8.82 15.10 -27.56
CA ARG C 153 -7.85 14.87 -26.50
C ARG C 153 -6.53 14.38 -27.09
N LEU C 154 -6.63 13.45 -28.05
CA LEU C 154 -5.47 13.04 -28.84
C LEU C 154 -4.84 14.23 -29.54
N ALA C 155 -5.66 15.03 -30.24
CA ALA C 155 -5.18 16.20 -30.98
C ALA C 155 -4.44 17.19 -30.09
N ALA C 156 -5.10 17.68 -29.05
CA ALA C 156 -4.54 18.73 -28.21
C ALA C 156 -3.39 18.22 -27.34
N VAL C 157 -3.55 17.05 -26.71
CA VAL C 157 -2.51 16.58 -25.78
C VAL C 157 -1.29 16.08 -26.54
N LEU C 158 -1.49 15.30 -27.62
CA LEU C 158 -0.35 14.87 -28.41
C LEU C 158 0.25 16.00 -29.23
N LYS C 159 -0.46 17.12 -29.41
CA LYS C 159 0.18 18.31 -29.97
C LYS C 159 0.98 19.07 -28.93
N GLY C 160 0.52 19.13 -27.68
CA GLY C 160 1.31 19.73 -26.62
C GLY C 160 2.50 18.88 -26.21
N VAL C 161 2.46 17.59 -26.54
CA VAL C 161 3.63 16.73 -26.38
C VAL C 161 4.49 16.71 -27.66
N GLU C 162 3.87 17.01 -28.82
CA GLU C 162 4.58 17.07 -30.10
C GLU C 162 5.71 18.08 -30.09
N GLY C 163 5.52 19.20 -29.41
CA GLY C 163 6.53 20.24 -29.38
C GLY C 163 7.49 20.19 -28.20
N LEU C 164 7.42 19.16 -27.36
CA LEU C 164 8.36 19.05 -26.24
C LEU C 164 9.72 18.66 -26.81
N LYS C 165 10.53 19.65 -27.12
CA LYS C 165 11.77 19.48 -27.85
C LYS C 165 12.87 18.98 -26.93
N LEU C 166 14.10 19.01 -27.44
CA LEU C 166 15.27 18.74 -26.63
C LEU C 166 15.52 19.82 -25.59
N GLY C 167 15.30 21.08 -25.93
CA GLY C 167 15.52 22.17 -25.00
C GLY C 167 16.83 22.90 -25.23
N ILE C 174 19.81 13.23 -24.84
CA ILE C 174 18.87 12.38 -25.55
C ILE C 174 19.13 10.93 -25.13
N ASP C 175 20.15 10.74 -24.28
CA ASP C 175 20.48 9.44 -23.73
C ASP C 175 19.41 8.92 -22.77
N LEU C 176 18.90 9.78 -21.91
CA LEU C 176 17.80 9.47 -21.01
C LEU C 176 16.73 10.53 -21.19
N PHE C 177 16.40 10.79 -22.46
CA PHE C 177 15.41 11.81 -22.83
C PHE C 177 14.01 11.51 -22.28
N GLY C 178 13.75 10.25 -21.91
CA GLY C 178 12.65 9.93 -21.03
C GLY C 178 13.09 9.96 -19.58
N ASP C 179 13.80 11.01 -19.19
CA ASP C 179 14.02 11.30 -17.77
C ASP C 179 12.68 11.54 -17.08
N ALA C 180 11.74 12.17 -17.79
CA ALA C 180 10.37 12.28 -17.30
C ALA C 180 9.75 10.89 -17.16
N TYR C 181 10.03 10.01 -18.12
CA TYR C 181 9.63 8.62 -17.97
C TYR C 181 10.46 7.91 -16.91
N GLU C 182 11.68 8.37 -16.67
CA GLU C 182 12.43 7.91 -15.51
C GLU C 182 11.95 8.55 -14.23
N PHE C 183 11.00 9.48 -14.32
CA PHE C 183 10.29 10.03 -13.19
C PHE C 183 8.82 9.71 -13.22
N LEU C 184 8.26 9.30 -14.36
CA LEU C 184 6.89 8.83 -14.38
C LEU C 184 6.81 7.42 -13.80
N ILE C 185 7.83 6.62 -14.05
CA ILE C 185 7.92 5.34 -13.34
C ILE C 185 8.37 5.59 -11.90
N SER C 186 9.03 6.72 -11.64
CA SER C 186 9.43 7.10 -10.31
C SER C 186 8.44 8.08 -9.68
N ASN C 187 7.18 8.03 -10.08
CA ASN C 187 6.21 8.98 -9.55
C ASN C 187 5.89 8.72 -8.09
N TYR C 188 5.56 7.47 -7.74
CA TYR C 188 5.53 7.08 -6.34
C TYR C 188 6.92 6.98 -5.75
N ALA C 189 7.94 6.82 -6.60
CA ALA C 189 9.31 6.65 -6.14
C ALA C 189 10.09 7.96 -6.18
N ALA C 190 9.39 9.09 -6.36
CA ALA C 190 9.93 10.45 -6.21
C ALA C 190 11.13 10.77 -7.11
N GLU C 198 8.55 -2.06 -5.79
CA GLU C 198 9.42 -1.43 -4.82
C GLU C 198 10.77 -1.10 -5.44
N PHE C 199 11.25 -1.99 -6.29
CA PHE C 199 12.49 -1.74 -7.03
C PHE C 199 12.18 -0.86 -8.22
N PHE C 200 12.78 0.32 -8.26
CA PHE C 200 12.71 1.21 -9.40
C PHE C 200 14.07 1.82 -9.71
N THR C 201 15.10 0.99 -9.59
CA THR C 201 16.46 1.16 -10.10
C THR C 201 17.15 2.43 -9.60
N PRO C 202 17.63 2.47 -8.34
CA PRO C 202 18.48 3.58 -7.90
C PRO C 202 19.78 3.63 -8.66
N GLN C 203 19.98 4.69 -9.44
CA GLN C 203 21.01 4.72 -10.47
C GLN C 203 22.43 4.75 -9.92
N HIS C 204 22.61 5.23 -8.69
CA HIS C 204 23.92 5.17 -8.05
C HIS C 204 24.28 3.73 -7.69
N VAL C 205 23.30 2.97 -7.18
CA VAL C 205 23.50 1.55 -6.94
C VAL C 205 23.71 0.82 -8.26
N SER C 206 23.01 1.25 -9.31
CA SER C 206 23.13 0.65 -10.62
C SER C 206 24.51 0.88 -11.22
N LYS C 207 25.01 2.11 -11.09
CA LYS C 207 26.37 2.43 -11.46
C LYS C 207 27.37 1.63 -10.62
N LEU C 208 27.03 1.37 -9.36
CA LEU C 208 27.91 0.58 -8.51
C LEU C 208 27.96 -0.87 -8.96
N ILE C 209 26.84 -1.41 -9.40
CA ILE C 209 26.82 -2.79 -9.87
C ILE C 209 27.52 -2.90 -11.23
N ALA C 210 27.31 -1.91 -12.08
CA ALA C 210 27.90 -1.96 -13.42
C ALA C 210 29.40 -1.74 -13.38
N GLN C 211 29.88 -0.86 -12.51
CA GLN C 211 31.31 -0.73 -12.36
C GLN C 211 31.86 -1.82 -11.45
N LEU C 212 30.98 -2.52 -10.76
CA LEU C 212 31.36 -3.70 -9.99
C LEU C 212 31.03 -4.99 -10.72
N ALA C 213 30.38 -4.88 -11.88
CA ALA C 213 30.44 -5.98 -12.83
C ALA C 213 31.89 -6.24 -13.23
N MET C 214 32.65 -5.16 -13.48
CA MET C 214 34.11 -5.20 -13.51
C MET C 214 34.65 -5.88 -12.25
N HIS C 215 35.67 -6.73 -12.40
CA HIS C 215 36.48 -6.88 -13.61
C HIS C 215 36.42 -8.26 -14.22
N GLY C 216 37.32 -8.49 -15.16
CA GLY C 216 37.36 -9.74 -15.87
C GLY C 216 36.21 -9.78 -16.85
N GLN C 217 36.00 -8.67 -17.55
CA GLN C 217 34.87 -8.53 -18.47
C GLN C 217 35.31 -7.89 -19.78
N THR C 218 35.79 -8.73 -20.71
CA THR C 218 35.58 -8.50 -22.14
C THR C 218 35.43 -9.90 -22.74
N HIS C 219 34.19 -10.40 -22.75
CA HIS C 219 33.97 -11.83 -22.98
C HIS C 219 32.63 -12.05 -23.64
N VAL C 220 32.27 -13.32 -23.78
CA VAL C 220 31.03 -13.76 -24.40
C VAL C 220 30.41 -14.81 -23.49
N ASN C 221 29.12 -14.66 -23.15
CA ASN C 221 28.20 -13.65 -23.66
C ASN C 221 28.14 -12.34 -22.91
N LYS C 222 27.45 -11.38 -23.53
CA LYS C 222 27.09 -10.11 -22.91
C LYS C 222 25.65 -9.80 -23.28
N ILE C 223 24.71 -9.89 -22.32
CA ILE C 223 24.92 -10.30 -20.93
C ILE C 223 23.63 -11.04 -20.54
N TYR C 224 23.62 -11.74 -19.42
CA TYR C 224 22.38 -12.30 -18.91
C TYR C 224 21.93 -11.57 -17.66
N ASP C 225 20.63 -11.56 -17.42
CA ASP C 225 20.03 -11.00 -16.24
C ASP C 225 18.83 -11.86 -15.84
N PRO C 226 18.89 -12.53 -14.71
CA PRO C 226 17.68 -13.13 -14.16
C PRO C 226 17.02 -12.20 -13.15
N ALA C 227 15.68 -12.20 -13.12
CA ALA C 227 14.87 -11.42 -12.18
C ALA C 227 15.19 -9.93 -12.29
N ALA C 228 14.94 -9.41 -13.49
CA ALA C 228 15.42 -8.07 -13.81
C ALA C 228 14.49 -6.98 -13.29
N GLY C 229 13.24 -6.98 -13.74
CA GLY C 229 12.37 -5.86 -13.47
C GLY C 229 12.68 -4.68 -14.36
N SER C 230 12.71 -3.48 -13.79
CA SER C 230 13.02 -2.28 -14.56
C SER C 230 14.50 -2.29 -14.90
N GLY C 231 14.83 -2.84 -16.08
CA GLY C 231 16.21 -3.05 -16.45
C GLY C 231 16.93 -1.85 -17.01
N SER C 232 16.79 -0.69 -16.37
CA SER C 232 17.64 0.42 -16.75
C SER C 232 19.01 0.30 -16.10
N LEU C 233 19.14 -0.52 -15.07
CA LEU C 233 20.45 -0.96 -14.64
C LEU C 233 21.18 -1.69 -15.77
N LEU C 234 20.43 -2.43 -16.59
CA LEU C 234 21.01 -2.97 -17.81
C LEU C 234 21.32 -1.87 -18.81
N LEU C 235 20.61 -0.74 -18.75
CA LEU C 235 20.90 0.35 -19.68
C LEU C 235 22.22 1.01 -19.35
N GLN C 236 22.42 1.39 -18.09
CA GLN C 236 23.75 1.88 -17.75
C GLN C 236 24.77 0.77 -17.65
N ALA C 237 24.37 -0.49 -17.75
CA ALA C 237 25.33 -1.56 -17.89
C ALA C 237 25.71 -1.84 -19.33
N LYS C 238 24.91 -1.44 -20.29
CA LYS C 238 25.33 -1.81 -21.63
C LYS C 238 25.31 -0.65 -22.61
N LYS C 239 24.37 0.28 -22.47
CA LYS C 239 24.44 1.47 -23.30
C LYS C 239 25.66 2.31 -22.94
N GLN C 240 26.14 2.20 -21.70
CA GLN C 240 27.47 2.67 -21.38
C GLN C 240 28.54 1.85 -22.10
N PHE C 241 28.33 0.54 -22.23
CA PHE C 241 29.36 -0.34 -22.77
C PHE C 241 29.09 -0.66 -24.23
N ASP C 242 28.37 0.24 -24.91
CA ASP C 242 27.86 -0.04 -26.25
C ASP C 242 28.98 -0.23 -27.25
N ASN C 243 29.83 0.77 -27.44
CA ASN C 243 31.00 0.59 -28.27
C ASN C 243 32.06 -0.30 -27.63
N HIS C 244 31.92 -0.58 -26.32
CA HIS C 244 32.87 -1.45 -25.64
C HIS C 244 32.69 -2.91 -26.07
N ILE C 245 31.53 -3.50 -25.74
CA ILE C 245 31.18 -4.84 -26.21
C ILE C 245 29.67 -4.98 -26.13
N ILE C 246 29.09 -5.53 -27.19
CA ILE C 246 27.63 -5.72 -27.30
C ILE C 246 27.39 -7.02 -28.05
N GLU C 247 26.88 -8.03 -27.35
CA GLU C 247 26.76 -9.35 -27.96
C GLU C 247 25.34 -9.91 -27.98
N GLU C 248 24.69 -10.06 -26.83
CA GLU C 248 23.54 -10.96 -26.72
C GLU C 248 22.39 -10.24 -26.03
N GLY C 249 21.24 -10.92 -25.97
CA GLY C 249 20.05 -10.30 -25.43
C GLY C 249 19.96 -10.49 -23.93
N PHE C 250 19.08 -9.73 -23.29
CA PHE C 250 19.11 -9.55 -21.84
C PHE C 250 17.87 -10.21 -21.28
N PHE C 251 17.96 -11.50 -20.97
CA PHE C 251 16.78 -12.32 -20.80
C PHE C 251 16.22 -12.17 -19.38
N GLY C 252 15.73 -10.96 -19.10
CA GLY C 252 15.11 -10.70 -17.81
C GLY C 252 13.81 -11.45 -17.66
N GLN C 253 13.28 -11.45 -16.44
CA GLN C 253 12.06 -12.21 -16.15
C GLN C 253 11.41 -11.61 -14.90
N GLU C 254 10.23 -11.01 -15.07
CA GLU C 254 9.55 -10.37 -13.95
C GLU C 254 8.10 -10.81 -13.94
N ILE C 255 7.41 -10.51 -12.84
CA ILE C 255 6.03 -10.97 -12.66
C ILE C 255 5.04 -10.01 -13.30
N ASN C 256 5.08 -8.73 -12.94
CA ASN C 256 4.03 -7.79 -13.36
C ASN C 256 4.14 -7.48 -14.84
N HIS C 257 3.08 -7.78 -15.58
CA HIS C 257 3.10 -7.77 -17.03
C HIS C 257 3.21 -6.36 -17.60
N THR C 258 2.53 -5.38 -16.99
CA THR C 258 2.70 -4.00 -17.41
C THR C 258 4.11 -3.52 -17.11
N THR C 259 4.65 -3.90 -15.95
CA THR C 259 6.03 -3.56 -15.59
C THR C 259 6.99 -4.22 -16.55
N TYR C 260 6.71 -5.48 -16.90
CA TYR C 260 7.44 -6.21 -17.93
C TYR C 260 7.49 -5.45 -19.23
N ASN C 261 6.34 -5.01 -19.73
CA ASN C 261 6.29 -4.39 -21.05
C ASN C 261 6.95 -3.02 -21.06
N LEU C 262 6.74 -2.24 -19.99
CA LEU C 262 7.35 -0.92 -19.92
C LEU C 262 8.86 -1.04 -19.81
N ALA C 263 9.33 -2.03 -19.06
CA ALA C 263 10.76 -2.27 -18.95
C ALA C 263 11.34 -2.76 -20.27
N ARG C 264 10.54 -3.50 -21.05
CA ARG C 264 10.99 -3.95 -22.36
C ARG C 264 11.20 -2.76 -23.29
N MET C 265 10.19 -1.90 -23.39
CA MET C 265 10.34 -0.81 -24.33
C MET C 265 11.18 0.32 -23.77
N ASN C 266 11.49 0.29 -22.47
CA ASN C 266 12.27 1.34 -21.81
C ASN C 266 13.65 1.46 -22.41
N MET C 267 14.37 0.34 -22.52
CA MET C 267 15.66 0.35 -23.18
C MET C 267 15.53 0.71 -24.65
N PHE C 268 14.46 0.28 -25.28
CA PHE C 268 14.26 0.50 -26.70
C PHE C 268 13.94 1.95 -27.01
N LEU C 269 13.53 2.72 -25.99
CA LEU C 269 13.25 4.14 -26.14
C LEU C 269 14.47 4.90 -26.65
N HIS C 270 15.66 4.52 -26.20
CA HIS C 270 16.85 5.32 -26.45
C HIS C 270 17.89 4.43 -27.13
N ASN C 271 17.41 3.75 -28.19
CA ASN C 271 18.22 2.97 -29.12
C ASN C 271 18.95 1.86 -28.41
N ILE C 272 18.22 0.97 -27.77
CA ILE C 272 18.72 -0.34 -27.40
C ILE C 272 17.85 -1.35 -28.11
N ASN C 273 18.46 -2.11 -29.02
CA ASN C 273 17.71 -2.77 -30.07
C ASN C 273 16.93 -3.96 -29.53
N TYR C 274 15.69 -4.05 -30.01
CA TYR C 274 14.78 -5.10 -29.57
C TYR C 274 14.39 -5.94 -30.78
N ASP C 275 15.18 -5.90 -31.86
CA ASP C 275 15.02 -6.81 -32.98
C ASP C 275 15.06 -8.27 -32.51
N LYS C 276 16.07 -8.62 -31.74
CA LYS C 276 16.19 -9.95 -31.12
C LYS C 276 16.57 -9.88 -29.66
N PHE C 277 17.11 -8.77 -29.21
CA PHE C 277 17.61 -8.66 -27.85
C PHE C 277 16.45 -8.31 -26.92
N ASP C 278 15.95 -9.31 -26.21
CA ASP C 278 14.61 -9.23 -25.68
C ASP C 278 14.57 -9.69 -24.22
N ILE C 279 13.37 -9.70 -23.65
CA ILE C 279 13.11 -10.01 -22.26
C ILE C 279 11.93 -10.97 -22.21
N LYS C 280 12.06 -12.02 -21.40
CA LYS C 280 11.07 -13.07 -21.31
C LYS C 280 10.16 -12.83 -20.11
N LEU C 281 8.95 -13.37 -20.17
CA LEU C 281 7.99 -13.15 -19.09
C LEU C 281 7.79 -14.42 -18.27
N GLY C 282 7.57 -14.25 -16.98
CA GLY C 282 7.13 -15.35 -16.14
C GLY C 282 7.72 -15.25 -14.75
N ASN C 283 7.59 -16.35 -14.02
CA ASN C 283 8.24 -16.52 -12.74
C ASN C 283 9.54 -17.30 -12.96
N THR C 284 10.55 -16.99 -12.16
CA THR C 284 11.91 -17.41 -12.50
C THR C 284 12.23 -18.83 -12.05
N LEU C 285 11.44 -19.43 -11.17
CA LEU C 285 11.76 -20.77 -10.72
C LEU C 285 10.85 -21.81 -11.36
N THR C 286 9.56 -21.48 -11.48
CA THR C 286 8.67 -22.29 -12.27
C THR C 286 9.03 -22.25 -13.75
N GLU C 287 9.60 -21.14 -14.22
CA GLU C 287 10.02 -21.00 -15.61
C GLU C 287 11.39 -20.33 -15.70
N PRO C 288 12.47 -21.09 -15.47
CA PRO C 288 13.81 -20.50 -15.66
C PRO C 288 14.32 -20.57 -17.09
N HIS C 289 13.47 -20.24 -18.04
CA HIS C 289 13.86 -20.22 -19.44
C HIS C 289 14.75 -19.00 -19.71
N PHE C 290 15.87 -19.20 -20.41
CA PHE C 290 16.22 -20.45 -21.06
C PHE C 290 17.07 -21.35 -20.18
N ARG C 291 16.56 -22.55 -19.95
CA ARG C 291 17.31 -23.55 -19.21
C ARG C 291 18.42 -24.16 -20.03
N ASP C 292 18.24 -24.19 -21.36
CA ASP C 292 19.23 -24.76 -22.25
C ASP C 292 20.28 -23.75 -22.67
N GLU C 293 19.88 -22.52 -22.96
CA GLU C 293 20.78 -21.53 -23.53
C GLU C 293 20.91 -20.37 -22.55
N LYS C 294 22.00 -20.36 -21.77
CA LYS C 294 23.09 -21.32 -21.79
C LYS C 294 23.52 -21.41 -20.33
N PRO C 295 24.51 -22.24 -19.97
CA PRO C 295 25.21 -21.95 -18.71
C PRO C 295 25.97 -20.64 -18.83
N PHE C 296 25.42 -19.60 -18.21
CA PHE C 296 25.86 -18.25 -18.48
C PHE C 296 27.17 -17.96 -17.78
N ASP C 297 27.80 -16.85 -18.17
CA ASP C 297 29.11 -16.52 -17.62
C ASP C 297 29.07 -15.30 -16.72
N ALA C 298 28.54 -14.18 -17.23
CA ALA C 298 28.49 -12.95 -16.45
C ALA C 298 27.01 -12.55 -16.33
N ILE C 299 26.51 -12.43 -15.10
CA ILE C 299 25.15 -11.96 -14.86
C ILE C 299 25.19 -10.92 -13.75
N VAL C 300 24.10 -10.16 -13.66
CA VAL C 300 23.78 -9.31 -12.52
C VAL C 300 22.30 -9.49 -12.22
N SER C 301 21.88 -8.96 -11.08
CA SER C 301 20.47 -8.95 -10.67
C SER C 301 20.31 -8.07 -9.44
N ASN C 302 19.09 -7.61 -9.24
CA ASN C 302 18.64 -7.18 -7.92
C ASN C 302 17.45 -8.06 -7.58
N PRO C 303 17.62 -9.05 -6.72
CA PRO C 303 16.49 -9.78 -6.18
C PRO C 303 15.67 -8.91 -5.25
N PRO C 304 14.39 -8.76 -5.52
CA PRO C 304 13.56 -7.93 -4.65
C PRO C 304 13.05 -8.73 -3.47
N TYR C 305 12.14 -8.14 -2.70
CA TYR C 305 11.23 -8.91 -1.88
C TYR C 305 9.99 -9.23 -2.74
N SER C 306 8.97 -9.85 -2.11
CA SER C 306 7.81 -10.46 -2.77
C SER C 306 8.27 -11.52 -3.77
N VAL C 307 9.27 -12.30 -3.35
CA VAL C 307 9.92 -13.28 -4.19
C VAL C 307 9.87 -14.64 -3.51
N LYS C 308 9.10 -14.74 -2.44
CA LYS C 308 8.96 -15.98 -1.70
C LYS C 308 7.96 -16.90 -2.40
N TRP C 309 8.07 -18.19 -2.10
CA TRP C 309 7.21 -19.19 -2.71
C TRP C 309 7.22 -20.44 -1.85
N ILE C 310 6.19 -21.26 -2.04
CA ILE C 310 5.91 -22.41 -1.18
C ILE C 310 6.38 -23.70 -1.85
N GLY C 311 7.10 -24.52 -1.08
CA GLY C 311 7.56 -25.81 -1.50
C GLY C 311 6.96 -26.96 -0.70
N SER C 312 7.82 -27.81 -0.14
CA SER C 312 9.28 -27.63 -0.20
C SER C 312 10.17 -28.82 -0.68
N ASP C 313 9.93 -29.43 -1.85
CA ASP C 313 9.04 -28.94 -2.90
C ASP C 313 8.01 -29.98 -3.27
N ASP C 314 6.79 -29.52 -3.50
CA ASP C 314 5.75 -30.41 -3.97
C ASP C 314 5.99 -30.92 -5.40
N PRO C 315 6.44 -30.10 -6.40
CA PRO C 315 6.86 -30.74 -7.66
C PRO C 315 8.25 -31.33 -7.58
N THR C 316 8.78 -31.75 -8.72
CA THR C 316 10.11 -32.37 -8.83
C THR C 316 11.26 -31.38 -8.72
N LEU C 317 10.98 -30.12 -8.37
CA LEU C 317 12.01 -29.23 -7.87
C LEU C 317 12.50 -29.63 -6.49
N ILE C 318 11.82 -30.58 -5.83
CA ILE C 318 12.42 -31.32 -4.72
C ILE C 318 13.67 -32.05 -5.19
N ASN C 319 13.64 -32.55 -6.42
CA ASN C 319 14.75 -33.33 -6.95
C ASN C 319 15.23 -32.72 -8.27
N ASP C 320 15.44 -31.41 -8.26
CA ASP C 320 15.92 -30.71 -9.44
C ASP C 320 17.45 -30.66 -9.45
N GLU C 321 17.99 -29.82 -10.33
CA GLU C 321 19.44 -29.69 -10.47
C GLU C 321 20.03 -28.76 -9.43
N ARG C 322 19.21 -28.02 -8.67
CA ARG C 322 19.77 -26.96 -7.85
C ARG C 322 19.37 -27.05 -6.39
N PHE C 323 18.27 -27.73 -6.07
CA PHE C 323 17.87 -27.80 -4.66
C PHE C 323 18.24 -29.14 -4.03
N ALA C 324 18.48 -30.14 -4.84
CA ALA C 324 19.13 -31.35 -4.36
C ALA C 324 20.62 -31.10 -4.03
N PRO C 325 21.38 -30.26 -4.76
CA PRO C 325 22.66 -29.81 -4.18
C PRO C 325 22.50 -28.96 -2.94
N ALA C 326 21.36 -28.30 -2.78
CA ALA C 326 21.12 -27.53 -1.57
C ALA C 326 20.85 -28.41 -0.36
N GLY C 327 20.33 -29.62 -0.57
CA GLY C 327 20.06 -30.54 0.52
C GLY C 327 18.75 -30.23 1.22
N VAL C 328 18.76 -29.21 2.07
CA VAL C 328 17.50 -28.64 2.53
C VAL C 328 17.04 -27.61 1.50
N LEU C 329 15.75 -27.32 1.48
CA LEU C 329 15.17 -26.57 0.38
C LEU C 329 14.65 -25.23 0.88
N ALA C 330 14.28 -24.38 -0.08
CA ALA C 330 13.90 -23.01 0.22
C ALA C 330 12.53 -22.97 0.90
N PRO C 331 12.42 -22.37 2.08
CA PRO C 331 11.13 -22.33 2.79
C PRO C 331 10.11 -21.39 2.16
N LYS C 332 8.99 -21.21 2.86
CA LYS C 332 7.85 -20.50 2.30
C LYS C 332 8.11 -18.99 2.23
N SER C 333 9.07 -18.50 3.02
CA SER C 333 9.25 -17.07 3.16
C SER C 333 10.63 -16.59 2.77
N LYS C 334 11.69 -17.30 3.14
CA LYS C 334 13.06 -16.85 2.95
C LYS C 334 13.67 -17.36 1.66
N ALA C 335 12.85 -17.51 0.62
CA ALA C 335 13.26 -18.12 -0.64
C ALA C 335 14.17 -17.24 -1.49
N ASP C 336 14.56 -16.07 -0.97
CA ASP C 336 15.65 -15.27 -1.53
C ASP C 336 16.90 -16.10 -1.73
N PHE C 337 17.20 -16.99 -0.78
CA PHE C 337 18.34 -17.89 -0.84
C PHE C 337 18.21 -18.93 -1.95
N ALA C 338 17.04 -19.07 -2.57
CA ALA C 338 16.96 -19.90 -3.76
C ALA C 338 17.66 -19.25 -4.94
N PHE C 339 17.70 -17.91 -4.96
CA PHE C 339 18.12 -17.20 -6.16
C PHE C 339 19.61 -17.36 -6.41
N VAL C 340 20.40 -17.29 -5.35
CA VAL C 340 21.81 -17.62 -5.45
C VAL C 340 21.98 -19.08 -5.85
N LEU C 341 21.10 -19.96 -5.38
CA LEU C 341 21.06 -21.33 -5.89
C LEU C 341 20.69 -21.35 -7.36
N HIS C 342 19.84 -20.41 -7.78
CA HIS C 342 19.62 -20.22 -9.21
C HIS C 342 20.84 -19.63 -9.87
N ALA C 343 21.53 -18.72 -9.18
CA ALA C 343 22.64 -17.98 -9.79
C ALA C 343 23.83 -18.88 -10.05
N LEU C 344 24.10 -19.82 -9.15
CA LEU C 344 25.12 -20.81 -9.44
C LEU C 344 24.69 -21.79 -10.51
N ASN C 345 23.37 -21.94 -10.72
CA ASN C 345 22.89 -22.79 -11.79
C ASN C 345 23.27 -22.20 -13.15
N TYR C 346 23.35 -20.89 -13.24
CA TYR C 346 23.76 -20.21 -14.46
C TYR C 346 25.10 -19.53 -14.19
N LEU C 347 26.17 -20.31 -14.33
CA LEU C 347 27.45 -19.80 -13.86
C LEU C 347 28.59 -20.53 -14.57
N SER C 348 29.68 -19.80 -14.77
CA SER C 348 30.98 -20.36 -15.15
C SER C 348 32.05 -19.77 -14.25
N ALA C 349 33.25 -20.37 -14.32
CA ALA C 349 34.33 -20.06 -13.38
C ALA C 349 34.97 -18.71 -13.62
N LYS C 350 35.13 -18.30 -14.88
CA LYS C 350 35.81 -17.06 -15.19
C LYS C 350 34.90 -15.86 -14.96
N GLY C 351 33.73 -15.87 -15.62
CA GLY C 351 32.78 -14.79 -15.48
C GLY C 351 32.13 -14.76 -14.11
N ARG C 352 32.11 -13.57 -13.54
CA ARG C 352 31.66 -13.37 -12.16
C ARG C 352 30.28 -12.75 -12.15
N ALA C 353 29.56 -12.95 -11.06
CA ALA C 353 28.15 -12.65 -10.96
C ALA C 353 27.87 -11.85 -9.70
N ALA C 354 27.28 -10.68 -9.86
CA ALA C 354 26.98 -9.79 -8.75
C ALA C 354 25.49 -9.84 -8.45
N ILE C 355 25.15 -10.24 -7.22
CA ILE C 355 23.77 -10.16 -6.76
C ILE C 355 23.76 -9.35 -5.47
N VAL C 356 22.56 -9.08 -4.98
CA VAL C 356 22.37 -8.40 -3.71
C VAL C 356 21.26 -9.09 -2.95
N CYS C 357 21.30 -8.99 -1.62
CA CYS C 357 20.23 -9.46 -0.78
C CYS C 357 20.08 -8.52 0.40
N PHE C 358 18.85 -8.31 0.85
CA PHE C 358 18.63 -7.59 2.07
C PHE C 358 19.22 -8.40 3.24
N PRO C 359 19.75 -7.72 4.28
CA PRO C 359 20.76 -8.36 5.14
C PRO C 359 20.26 -9.41 6.11
N GLY C 360 19.08 -9.99 5.87
CA GLY C 360 18.68 -11.20 6.57
C GLY C 360 19.41 -12.45 6.12
N ILE C 361 20.74 -12.38 6.09
CA ILE C 361 21.63 -13.51 5.93
C ILE C 361 22.80 -13.29 6.88
N PHE C 362 22.77 -13.97 8.02
CA PHE C 362 24.04 -14.17 8.73
C PHE C 362 24.58 -15.53 8.34
N TYR C 363 23.89 -16.57 8.75
CA TYR C 363 23.71 -17.77 7.94
C TYR C 363 22.31 -18.32 8.15
N ARG C 364 21.48 -17.64 8.94
CA ARG C 364 20.04 -17.91 9.12
C ARG C 364 19.78 -19.31 9.67
N GLY C 365 20.56 -19.69 10.68
CA GLY C 365 20.37 -20.94 11.39
C GLY C 365 20.64 -22.17 10.54
N GLY C 366 20.39 -23.33 11.17
CA GLY C 366 20.57 -24.62 10.52
C GLY C 366 19.64 -24.85 9.35
N ALA C 367 18.56 -24.07 9.25
CA ALA C 367 17.71 -24.13 8.07
C ALA C 367 18.42 -23.62 6.84
N GLU C 368 19.46 -22.81 7.00
CA GLU C 368 20.21 -22.29 5.87
C GLU C 368 21.71 -22.48 6.02
N GLN C 369 22.15 -22.99 7.18
CA GLN C 369 23.58 -23.18 7.47
C GLN C 369 24.26 -24.03 6.44
N LYS C 370 23.72 -25.24 6.21
CA LYS C 370 24.21 -26.12 5.16
C LYS C 370 24.13 -25.46 3.79
N ILE C 371 23.11 -24.62 3.57
CA ILE C 371 23.05 -23.77 2.38
C ILE C 371 24.28 -22.90 2.32
N ARG C 372 24.51 -22.16 3.40
CA ARG C 372 25.75 -21.39 3.56
C ARG C 372 26.96 -22.32 3.48
N GLN C 373 26.86 -23.52 4.06
CA GLN C 373 27.97 -24.45 4.00
C GLN C 373 28.17 -24.96 2.59
N TYR C 374 27.07 -25.14 1.84
CA TYR C 374 27.20 -25.47 0.43
C TYR C 374 27.91 -24.35 -0.30
N LEU C 375 27.61 -23.11 0.07
CA LEU C 375 28.28 -21.98 -0.55
C LEU C 375 29.72 -21.87 -0.09
N VAL C 376 30.04 -22.44 1.09
CA VAL C 376 31.45 -22.59 1.43
C VAL C 376 31.85 -24.05 1.42
N ASP C 377 31.17 -24.88 0.63
CA ASP C 377 31.75 -26.18 0.31
C ASP C 377 33.03 -25.99 -0.50
N ASN C 378 32.92 -25.26 -1.61
CA ASN C 378 34.10 -24.64 -2.22
C ASN C 378 33.86 -23.15 -2.15
N ASN C 379 34.70 -22.35 -2.79
CA ASN C 379 34.34 -20.96 -3.01
C ASN C 379 33.36 -20.79 -4.16
N TYR C 380 32.13 -21.28 -3.99
CA TYR C 380 31.07 -20.99 -4.94
C TYR C 380 30.76 -19.51 -4.89
N VAL C 381 30.52 -19.00 -3.68
CA VAL C 381 30.59 -17.57 -3.42
C VAL C 381 32.06 -17.18 -3.36
N GLU C 382 32.41 -16.08 -4.03
CA GLU C 382 33.77 -15.59 -3.91
C GLU C 382 33.88 -14.52 -2.84
N THR C 383 33.22 -13.38 -3.06
CA THR C 383 33.40 -12.22 -2.19
C THR C 383 32.05 -11.69 -1.73
N VAL C 384 32.08 -10.94 -0.64
CA VAL C 384 30.92 -10.19 -0.17
C VAL C 384 31.33 -8.74 0.07
N ILE C 385 30.37 -7.85 -0.09
CA ILE C 385 30.55 -6.42 0.12
C ILE C 385 29.33 -5.90 0.85
N SER C 386 29.53 -5.10 1.90
CA SER C 386 28.41 -4.48 2.57
C SER C 386 28.26 -3.04 2.09
N LEU C 387 27.15 -2.42 2.46
CA LEU C 387 26.84 -1.05 2.03
C LEU C 387 26.34 -0.26 3.23
N ALA C 388 25.79 0.91 2.96
CA ALA C 388 25.31 1.79 4.01
C ALA C 388 23.81 2.01 3.87
N PRO C 389 23.07 1.94 4.96
CA PRO C 389 21.72 2.51 4.97
C PRO C 389 21.80 4.03 4.94
N ASN C 390 21.01 4.66 4.07
CA ASN C 390 20.02 4.05 3.19
C ASN C 390 20.60 3.65 1.86
N LEU C 391 21.00 4.67 1.10
CA LEU C 391 21.51 4.58 -0.27
C LEU C 391 20.55 3.80 -1.17
N PHE C 392 19.26 3.99 -0.92
CA PHE C 392 18.18 3.36 -1.68
C PHE C 392 16.98 4.29 -1.66
N PHE C 393 15.81 3.74 -1.99
CA PHE C 393 14.55 4.45 -1.80
C PHE C 393 13.85 3.95 -0.54
N GLY C 394 14.13 4.66 0.56
CA GLY C 394 13.49 4.48 1.84
C GLY C 394 13.54 3.09 2.46
N THR C 395 14.74 2.54 2.66
CA THR C 395 14.72 1.16 3.14
C THR C 395 14.66 1.03 4.67
N THR C 396 15.30 1.88 5.50
CA THR C 396 16.66 2.38 5.42
C THR C 396 17.46 1.27 6.06
N ILE C 397 17.85 0.32 5.23
CA ILE C 397 18.77 -0.74 5.61
C ILE C 397 19.84 -0.77 4.54
N ALA C 398 20.95 -1.44 4.85
CA ALA C 398 21.92 -1.73 3.83
C ALA C 398 21.47 -2.95 3.05
N VAL C 399 22.33 -3.44 2.16
CA VAL C 399 22.17 -4.78 1.62
C VAL C 399 23.52 -5.46 1.69
N ASN C 400 23.58 -6.67 1.15
CA ASN C 400 24.82 -7.41 1.04
C ASN C 400 24.98 -7.78 -0.42
N ILE C 401 26.05 -7.28 -1.02
CA ILE C 401 26.44 -7.67 -2.36
C ILE C 401 27.22 -8.95 -2.29
N LEU C 402 26.80 -9.95 -3.05
CA LEU C 402 27.49 -11.23 -3.11
C LEU C 402 28.00 -11.41 -4.53
N VAL C 403 29.31 -11.52 -4.67
CA VAL C 403 29.94 -11.72 -5.97
C VAL C 403 30.43 -13.15 -6.04
N LEU C 404 29.99 -13.86 -7.06
CA LEU C 404 30.15 -15.30 -7.18
C LEU C 404 30.87 -15.60 -8.47
N SER C 405 32.03 -16.24 -8.36
CA SER C 405 32.67 -16.89 -9.50
C SER C 405 33.38 -18.10 -8.95
N LYS C 406 33.61 -19.09 -9.81
CA LYS C 406 34.47 -20.20 -9.42
C LYS C 406 35.90 -19.94 -9.86
N HIS C 407 36.36 -18.73 -9.51
CA HIS C 407 37.71 -18.25 -9.78
C HIS C 407 38.33 -18.05 -8.41
N LYS C 408 39.03 -19.07 -7.92
CA LYS C 408 39.38 -19.18 -6.51
C LYS C 408 40.85 -18.85 -6.30
N THR C 409 41.19 -18.57 -5.05
CA THR C 409 42.56 -18.30 -4.64
C THR C 409 43.24 -19.46 -3.89
N ASP C 410 42.69 -20.08 -2.83
CA ASP C 410 41.43 -19.85 -2.10
C ASP C 410 41.61 -19.21 -0.73
N THR C 411 40.77 -18.21 -0.46
CA THR C 411 40.69 -17.60 0.85
C THR C 411 39.29 -17.04 1.01
N ASN C 412 38.82 -17.00 2.25
CA ASN C 412 37.55 -16.34 2.52
C ASN C 412 37.73 -14.86 2.30
N VAL C 413 36.71 -14.22 1.74
CA VAL C 413 36.76 -12.80 1.48
C VAL C 413 35.72 -12.15 2.37
N GLN C 414 36.13 -11.11 3.08
CA GLN C 414 35.21 -10.23 3.78
C GLN C 414 35.47 -8.79 3.38
N PHE C 415 35.89 -8.57 2.14
CA PHE C 415 36.33 -7.26 1.67
C PHE C 415 35.10 -6.36 1.53
N ILE C 416 34.67 -5.83 2.67
CA ILE C 416 33.45 -5.04 2.74
C ILE C 416 33.83 -3.61 3.12
N ASP C 417 32.89 -2.69 2.92
CA ASP C 417 33.02 -1.33 3.41
C ASP C 417 31.63 -0.75 3.52
N ALA C 418 31.21 -0.45 4.76
CA ALA C 418 29.91 0.17 4.95
C ALA C 418 29.89 1.60 4.44
N SER C 419 30.88 2.40 4.82
CA SER C 419 30.85 3.82 4.57
C SER C 419 32.28 4.34 4.65
N GLU C 420 32.66 5.27 3.76
CA GLU C 420 31.79 5.96 2.81
C GLU C 420 32.23 5.79 1.35
N LEU C 421 31.34 5.67 0.33
CA LEU C 421 29.86 5.55 0.30
C LEU C 421 29.08 6.67 0.96
N PHE C 422 29.21 7.85 0.37
CA PHE C 422 28.54 9.05 0.85
C PHE C 422 27.06 8.89 0.60
N LYS C 423 26.35 8.38 1.60
CA LYS C 423 24.96 7.95 1.40
C LYS C 423 23.97 9.05 1.72
N LYS C 424 24.17 10.22 1.13
CA LYS C 424 23.20 11.30 1.28
C LYS C 424 22.26 11.37 0.09
N GLU C 425 22.82 11.62 -1.09
CA GLU C 425 22.05 11.88 -2.32
C GLU C 425 23.02 11.83 -3.50
N THR C 426 22.52 12.25 -4.67
CA THR C 426 23.25 12.18 -5.94
C THR C 426 23.71 13.54 -6.46
N ASN C 427 24.06 14.47 -5.58
CA ASN C 427 24.55 15.76 -6.02
C ASN C 427 25.94 16.07 -5.50
N ASN C 428 26.55 15.17 -4.74
CA ASN C 428 27.93 15.26 -4.33
C ASN C 428 28.61 13.95 -4.68
N ASN C 429 29.85 14.06 -5.19
CA ASN C 429 30.62 12.93 -5.72
C ASN C 429 29.83 12.19 -6.79
N ILE C 430 29.50 12.90 -7.87
CA ILE C 430 28.55 12.37 -8.83
C ILE C 430 29.20 11.45 -9.87
N LEU C 431 30.46 11.70 -10.24
CA LEU C 431 31.09 10.84 -11.23
C LEU C 431 31.64 9.58 -10.58
N THR C 432 32.61 9.75 -9.69
CA THR C 432 32.99 8.72 -8.75
C THR C 432 32.45 9.15 -7.40
N ASP C 433 32.27 8.18 -6.51
CA ASP C 433 31.96 8.49 -5.12
C ASP C 433 33.20 8.81 -4.31
N ALA C 434 34.32 9.12 -5.00
CA ALA C 434 35.71 9.04 -4.54
C ALA C 434 36.08 7.64 -4.05
N HIS C 435 35.27 6.65 -4.42
CA HIS C 435 35.30 5.36 -3.78
C HIS C 435 35.17 4.21 -4.75
N ILE C 436 34.58 4.41 -5.93
CA ILE C 436 34.34 3.31 -6.85
C ILE C 436 35.65 2.82 -7.42
N GLU C 437 36.64 3.70 -7.56
CA GLU C 437 37.99 3.26 -7.86
C GLU C 437 38.61 2.56 -6.66
N GLN C 438 38.31 3.05 -5.46
CA GLN C 438 38.84 2.42 -4.26
C GLN C 438 38.18 1.08 -3.98
N ILE C 439 36.85 1.02 -4.13
CA ILE C 439 36.12 -0.25 -4.07
C ILE C 439 36.60 -1.19 -5.16
N MET C 440 36.82 -0.64 -6.35
CA MET C 440 37.35 -1.39 -7.48
C MET C 440 38.72 -1.98 -7.17
N GLN C 441 39.55 -1.25 -6.45
CA GLN C 441 40.88 -1.71 -6.14
C GLN C 441 40.85 -2.79 -5.07
N VAL C 442 39.96 -2.61 -4.08
CA VAL C 442 39.78 -3.64 -3.05
C VAL C 442 39.24 -4.92 -3.67
N PHE C 443 38.29 -4.78 -4.58
CA PHE C 443 37.75 -5.93 -5.29
C PHE C 443 38.76 -6.50 -6.26
N ALA C 444 39.77 -5.71 -6.66
CA ALA C 444 40.74 -6.17 -7.63
C ALA C 444 41.65 -7.23 -7.04
N SER C 445 42.46 -6.85 -6.04
CA SER C 445 43.34 -7.87 -5.43
C SER C 445 43.61 -7.48 -3.98
N LYS C 446 42.75 -8.01 -3.09
CA LYS C 446 43.09 -8.32 -1.70
C LYS C 446 43.66 -7.14 -0.91
N GLU C 447 43.16 -5.95 -1.19
CA GLU C 447 43.70 -4.76 -0.56
C GLU C 447 43.19 -4.67 0.87
N ASP C 448 44.07 -4.89 1.82
CA ASP C 448 43.68 -5.11 3.21
C ASP C 448 43.96 -3.82 3.98
N VAL C 449 43.00 -2.92 3.97
CA VAL C 449 43.14 -1.60 4.57
C VAL C 449 42.37 -1.59 5.89
N ALA C 450 42.95 -0.96 6.91
CA ALA C 450 42.29 -0.86 8.20
C ALA C 450 41.08 0.06 8.13
N HIS C 451 40.25 -0.02 9.18
CA HIS C 451 38.91 0.58 9.26
C HIS C 451 38.07 0.16 8.06
N LEU C 452 38.25 -1.10 7.68
CA LEU C 452 37.71 -1.76 6.51
C LEU C 452 38.12 -3.21 6.68
N ALA C 453 37.32 -4.15 6.21
CA ALA C 453 37.58 -5.55 6.51
C ALA C 453 38.35 -6.19 5.37
N LYS C 454 39.04 -7.27 5.71
CA LYS C 454 39.97 -7.90 4.81
C LYS C 454 39.64 -9.38 4.70
N SER C 455 40.44 -10.08 3.91
CA SER C 455 40.26 -11.52 3.75
C SER C 455 40.65 -12.24 5.02
N VAL C 456 39.92 -13.31 5.32
CA VAL C 456 40.26 -14.21 6.38
C VAL C 456 40.44 -15.61 5.80
N ALA C 457 40.76 -16.56 6.66
CA ALA C 457 41.00 -17.91 6.21
C ALA C 457 39.70 -18.56 5.77
N PHE C 458 39.82 -19.48 4.80
CA PHE C 458 38.69 -20.29 4.37
C PHE C 458 38.17 -21.16 5.50
N GLU C 459 39.05 -21.61 6.37
CA GLU C 459 38.65 -22.40 7.52
C GLU C 459 38.21 -21.54 8.68
N THR C 460 38.44 -20.23 8.61
CA THR C 460 38.00 -19.35 9.69
C THR C 460 36.49 -19.24 9.71
N VAL C 461 35.86 -19.28 8.53
CA VAL C 461 34.41 -19.16 8.48
C VAL C 461 33.75 -20.45 8.94
N VAL C 462 34.47 -21.57 8.91
CA VAL C 462 33.92 -22.78 9.50
C VAL C 462 34.46 -22.96 10.90
N ALA C 463 35.57 -22.27 11.25
CA ALA C 463 35.93 -22.14 12.64
C ALA C 463 34.95 -21.25 13.39
N ASN C 464 34.74 -20.05 12.89
CA ASN C 464 33.66 -19.23 13.42
C ASN C 464 32.32 -19.76 12.96
N ASP C 465 31.26 -19.17 13.46
CA ASP C 465 29.94 -19.61 12.99
C ASP C 465 29.44 -18.68 11.91
N TYR C 466 30.24 -18.59 10.83
CA TYR C 466 29.86 -18.01 9.54
C TYR C 466 29.50 -16.53 9.65
N ASN C 467 30.55 -15.74 9.94
CA ASN C 467 30.46 -14.29 10.03
C ASN C 467 29.95 -13.69 8.72
N LEU C 468 28.81 -13.00 8.80
CA LEU C 468 28.35 -12.26 7.62
C LEU C 468 27.55 -11.05 8.10
N SER C 469 28.25 -9.92 8.31
CA SER C 469 29.69 -9.81 8.43
C SER C 469 29.98 -9.06 9.72
N VAL C 470 30.87 -9.59 10.54
CA VAL C 470 31.18 -8.98 11.83
C VAL C 470 32.60 -8.41 11.78
N SER C 471 33.50 -9.17 11.16
CA SER C 471 34.79 -8.60 10.78
C SER C 471 34.58 -7.53 9.72
N SER C 472 35.16 -6.34 9.92
CA SER C 472 36.13 -6.04 10.97
C SER C 472 35.63 -4.98 11.95
N TYR C 473 35.14 -3.87 11.38
CA TYR C 473 34.44 -2.78 12.08
C TYR C 473 35.36 -2.12 13.10
N VAL C 474 36.40 -1.50 12.57
CA VAL C 474 37.60 -1.16 13.33
C VAL C 474 37.50 0.25 13.88
N GLU C 475 37.41 0.34 15.22
CA GLU C 475 37.94 1.43 16.05
C GLU C 475 37.38 2.81 15.69
N ALA C 476 36.10 2.98 16.01
CA ALA C 476 35.53 4.31 16.04
C ALA C 476 35.42 4.80 17.49
N LYS C 477 35.58 6.12 17.64
CA LYS C 477 35.28 6.93 18.84
C LYS C 477 35.87 6.34 20.14
N ASP C 478 37.19 6.28 20.16
CA ASP C 478 37.93 5.80 21.33
C ASP C 478 38.91 6.89 21.74
N ASN C 479 38.47 7.77 22.64
CA ASN C 479 39.30 8.90 23.05
C ASN C 479 40.09 8.55 24.30
N ARG C 480 41.12 9.36 24.56
CA ARG C 480 41.93 9.22 25.76
C ARG C 480 42.59 10.54 26.07
N GLU C 481 42.58 10.93 27.34
CA GLU C 481 43.01 12.26 27.73
C GLU C 481 44.04 12.20 28.85
N ILE C 482 44.54 13.35 29.26
CA ILE C 482 45.55 13.43 30.30
C ILE C 482 44.85 13.62 31.64
N ILE C 483 45.27 12.80 32.62
CA ILE C 483 44.76 12.88 33.99
C ILE C 483 44.95 14.28 34.54
N ASP C 484 46.14 14.86 34.34
CA ASP C 484 46.42 16.20 34.83
C ASP C 484 45.58 17.24 34.12
N ILE C 485 45.42 17.11 32.81
CA ILE C 485 44.67 18.11 32.06
C ILE C 485 43.18 18.00 32.36
N ALA C 486 42.66 16.78 32.41
CA ALA C 486 41.27 16.62 32.79
C ALA C 486 41.02 16.90 34.26
N GLU C 487 42.07 16.91 35.07
CA GLU C 487 41.94 16.99 36.52
C GLU C 487 42.08 18.43 37.01
N LEU C 488 43.15 19.10 36.61
CA LEU C 488 43.40 20.46 37.07
C LEU C 488 42.40 21.43 36.50
N ASN C 489 41.93 21.21 35.27
CA ASN C 489 40.95 22.10 34.69
C ASN C 489 39.63 22.02 35.44
N ALA C 490 39.22 20.78 35.73
CA ALA C 490 38.07 20.56 36.59
C ALA C 490 38.28 21.18 37.96
N GLU C 491 39.51 21.09 38.48
CA GLU C 491 39.81 21.65 39.79
C GLU C 491 39.69 23.16 39.79
N LEU C 492 40.22 23.80 38.75
CA LEU C 492 40.15 25.25 38.62
C LEU C 492 38.71 25.72 38.45
N LYS C 493 37.94 25.01 37.63
CA LYS C 493 36.59 25.46 37.36
C LYS C 493 35.68 25.21 38.55
N THR C 494 35.98 24.17 39.35
CA THR C 494 35.31 24.02 40.63
C THR C 494 35.64 25.16 41.55
N THR C 495 36.93 25.53 41.65
CA THR C 495 37.32 26.61 42.56
C THR C 495 36.74 27.95 42.14
N VAL C 496 36.50 28.13 40.84
CA VAL C 496 35.65 29.21 40.41
C VAL C 496 34.24 29.03 40.97
N SER C 497 33.71 27.81 40.85
CA SER C 497 32.33 27.56 41.22
C SER C 497 32.08 27.65 42.72
N LYS C 498 33.09 27.42 43.56
CA LYS C 498 32.86 27.45 45.00
C LYS C 498 32.61 28.88 45.46
N ILE C 499 33.47 29.80 45.05
CA ILE C 499 33.25 31.19 45.41
C ILE C 499 32.05 31.76 44.67
N ASP C 500 31.72 31.21 43.50
CA ASP C 500 30.46 31.58 42.86
C ASP C 500 29.27 31.16 43.71
N GLN C 501 29.36 29.97 44.31
CA GLN C 501 28.31 29.51 45.20
C GLN C 501 28.20 30.37 46.44
N LEU C 502 29.35 30.75 46.99
CA LEU C 502 29.36 31.56 48.22
C LEU C 502 28.78 32.94 47.96
N ARG C 503 29.22 33.59 46.89
CA ARG C 503 28.71 34.91 46.56
C ARG C 503 27.26 34.83 46.07
N LYS C 504 26.87 33.68 45.54
CA LYS C 504 25.46 33.47 45.22
C LYS C 504 24.63 33.44 46.49
N ASP C 505 25.12 32.77 47.51
CA ASP C 505 24.44 32.74 48.80
C ASP C 505 24.39 34.13 49.43
N ILE C 506 25.45 34.90 49.23
CA ILE C 506 25.45 36.32 49.60
C ILE C 506 24.33 37.05 48.89
N ASP C 507 24.22 36.84 47.58
CA ASP C 507 23.21 37.55 46.83
C ASP C 507 21.84 36.89 46.97
N ALA C 508 21.79 35.64 47.42
CA ALA C 508 20.51 35.02 47.73
C ALA C 508 19.81 35.69 48.90
N ILE C 509 20.55 36.43 49.73
CA ILE C 509 19.94 37.29 50.74
C ILE C 509 19.14 38.37 50.03
N VAL C 510 17.94 38.64 50.54
CA VAL C 510 17.05 39.62 49.95
C VAL C 510 17.59 41.03 50.09
N GLY D 13 45.95 -8.99 42.04
CA GLY D 13 45.69 -8.75 40.64
C GLY D 13 46.46 -9.71 39.75
N VAL D 14 46.79 -10.87 40.31
CA VAL D 14 47.59 -11.88 39.64
C VAL D 14 46.72 -12.89 38.92
N GLU D 15 45.87 -13.61 39.67
CA GLU D 15 45.13 -14.76 39.15
C GLU D 15 43.87 -14.24 38.47
N VAL D 16 44.03 -13.77 37.25
CA VAL D 16 42.95 -13.18 36.47
C VAL D 16 42.78 -14.00 35.21
N GLU D 17 41.56 -14.44 34.96
CA GLU D 17 41.22 -15.21 33.77
C GLU D 17 40.09 -14.50 33.02
N TRP D 18 40.06 -14.64 31.72
CA TRP D 18 38.80 -14.40 31.05
C TRP D 18 37.82 -15.50 31.47
N LEU D 19 36.56 -15.12 31.60
CA LEU D 19 35.50 -16.05 31.86
C LEU D 19 34.38 -15.81 30.86
N PRO D 20 33.68 -16.87 30.46
CA PRO D 20 32.51 -16.70 29.59
C PRO D 20 31.39 -15.92 30.26
N LEU D 21 30.61 -15.24 29.42
CA LEU D 21 29.63 -14.27 29.92
C LEU D 21 28.45 -14.97 30.60
N GLY D 22 27.77 -15.85 29.88
CA GLY D 22 26.64 -16.56 30.47
C GLY D 22 27.01 -17.70 31.39
N GLU D 23 28.28 -17.81 31.79
CA GLU D 23 28.72 -18.84 32.71
C GLU D 23 28.01 -18.72 34.05
N ILE D 24 28.27 -17.64 34.76
CA ILE D 24 27.75 -17.40 36.09
C ILE D 24 26.36 -16.79 35.99
N THR D 25 25.97 -16.42 34.78
CA THR D 25 24.76 -15.64 34.53
C THR D 25 23.54 -16.53 34.44
N LYS D 26 22.52 -16.19 35.23
CA LYS D 26 21.15 -16.64 34.96
C LYS D 26 20.54 -15.54 34.10
N TYR D 27 20.67 -15.69 32.79
CA TYR D 27 19.94 -14.84 31.86
C TYR D 27 18.57 -15.45 31.60
N GLU D 28 17.57 -14.58 31.49
CA GLU D 28 16.22 -15.05 31.23
C GLU D 28 15.45 -13.95 30.52
N GLN D 29 14.31 -14.32 30.01
CA GLN D 29 13.36 -13.45 29.35
C GLN D 29 12.33 -12.97 30.37
N PRO D 30 11.60 -11.90 30.08
CA PRO D 30 10.43 -11.59 30.92
C PRO D 30 9.35 -12.62 30.69
N THR D 31 8.68 -12.99 31.78
CA THR D 31 7.59 -13.97 31.74
C THR D 31 6.32 -13.27 31.27
N LYS D 32 5.18 -13.92 31.50
CA LYS D 32 3.89 -13.40 31.03
C LYS D 32 3.58 -12.13 31.82
N TYR D 33 3.94 -10.99 31.25
CA TYR D 33 3.57 -9.70 31.77
C TYR D 33 2.23 -9.30 31.18
N LEU D 34 1.32 -8.86 32.05
CA LEU D 34 0.11 -8.18 31.61
C LEU D 34 0.29 -6.77 32.13
N VAL D 35 1.05 -5.99 31.37
CA VAL D 35 1.37 -4.62 31.72
C VAL D 35 0.64 -3.65 30.79
N LYS D 36 -0.18 -4.19 29.89
CA LYS D 36 -0.93 -3.40 28.92
C LYS D 36 -2.13 -2.77 29.63
N ALA D 37 -1.87 -1.69 30.34
CA ALA D 37 -2.88 -0.85 30.96
C ALA D 37 -2.90 0.51 30.26
N LYS D 38 -3.81 1.37 30.71
CA LYS D 38 -3.99 2.68 30.09
C LYS D 38 -3.51 3.83 30.95
N ASP D 39 -3.50 3.67 32.27
CA ASP D 39 -3.13 4.75 33.18
C ASP D 39 -2.13 4.23 34.20
N TYR D 40 -1.14 5.06 34.51
CA TYR D 40 0.00 4.68 35.33
C TYR D 40 0.24 5.71 36.43
N HIS D 41 -0.85 6.21 37.04
CA HIS D 41 -0.80 7.36 37.93
C HIS D 41 -0.03 7.04 39.21
N ASP D 42 0.55 8.11 39.80
CA ASP D 42 1.52 8.00 40.89
C ASP D 42 0.90 7.47 42.18
N THR D 43 -0.42 7.42 42.29
CA THR D 43 -1.04 6.72 43.43
C THR D 43 -0.73 5.24 43.41
N TYR D 44 -0.56 4.64 42.23
CA TYR D 44 -0.05 3.29 42.11
C TYR D 44 1.45 3.28 42.40
N THR D 45 2.00 2.08 42.58
CA THR D 45 3.30 1.94 43.24
C THR D 45 4.45 1.58 42.29
N ILE D 46 4.37 0.48 41.56
CA ILE D 46 5.59 -0.08 40.96
C ILE D 46 5.93 0.67 39.68
N PRO D 47 7.18 1.01 39.43
CA PRO D 47 7.50 1.70 38.17
C PRO D 47 7.33 0.77 36.98
N VAL D 48 6.67 1.28 35.94
CA VAL D 48 6.57 0.53 34.69
C VAL D 48 7.81 0.89 33.89
N LEU D 49 8.92 0.26 34.21
CA LEU D 49 10.21 0.73 33.70
C LEU D 49 10.44 0.14 32.32
N THR D 50 10.60 1.04 31.35
CA THR D 50 10.77 0.68 29.95
C THR D 50 12.14 1.18 29.51
N ALA D 51 12.36 1.16 28.19
CA ALA D 51 13.63 1.58 27.63
C ALA D 51 13.81 3.09 27.76
N GLY D 52 15.00 3.55 27.40
CA GLY D 52 15.34 4.95 27.60
C GLY D 52 15.71 5.18 29.06
N LYS D 53 14.96 6.03 29.73
CA LYS D 53 15.08 6.13 31.17
C LYS D 53 14.41 4.95 31.85
N THR D 54 14.70 4.78 33.13
CA THR D 54 14.25 3.60 33.86
C THR D 54 12.98 3.86 34.65
N PHE D 55 12.14 4.79 34.19
CA PHE D 55 10.98 5.14 35.00
C PHE D 55 9.86 5.67 34.13
N ILE D 56 8.82 4.86 33.97
CA ILE D 56 7.47 5.36 33.79
C ILE D 56 6.85 5.03 35.15
N LEU D 57 5.73 5.67 35.49
CA LEU D 57 5.30 5.76 36.88
C LEU D 57 4.63 4.46 37.35
N GLY D 58 3.90 4.58 38.46
CA GLY D 58 3.50 3.42 39.21
C GLY D 58 2.38 2.62 38.55
N TYR D 59 2.28 1.37 38.99
CA TYR D 59 1.32 0.38 38.55
C TYR D 59 0.96 -0.44 39.77
N THR D 60 -0.13 -1.19 39.69
CA THR D 60 -0.48 -2.08 40.78
C THR D 60 0.38 -3.34 40.75
N ASN D 61 1.09 -3.56 41.85
CA ASN D 61 2.00 -4.70 41.98
C ASN D 61 1.27 -5.97 42.38
N GLU D 62 0.01 -5.85 42.76
CA GLU D 62 -0.78 -6.97 43.25
C GLU D 62 -1.35 -7.75 42.08
N THR D 63 -1.05 -9.06 42.07
CA THR D 63 -1.61 -10.05 41.14
C THR D 63 -1.30 -9.71 39.68
N HIS D 64 -0.03 -9.40 39.40
CA HIS D 64 0.41 -9.24 38.03
C HIS D 64 1.72 -9.95 37.74
N GLY D 65 2.22 -10.76 38.67
CA GLY D 65 3.41 -11.56 38.47
C GLY D 65 4.69 -10.78 38.26
N ILE D 66 4.73 -9.50 38.65
CA ILE D 66 5.94 -8.70 38.55
C ILE D 66 7.00 -9.26 39.49
N TYR D 67 8.25 -9.32 39.00
CA TYR D 67 9.27 -10.11 39.71
C TYR D 67 9.72 -9.43 40.98
N GLN D 68 10.37 -8.28 40.84
CA GLN D 68 10.64 -7.22 41.83
C GLN D 68 11.56 -7.64 42.99
N ALA D 69 11.91 -8.91 43.11
CA ALA D 69 12.48 -9.35 44.37
C ALA D 69 13.78 -10.09 44.13
N SER D 70 14.85 -9.33 43.91
CA SER D 70 16.17 -9.77 44.32
C SER D 70 17.00 -8.59 44.81
N LYS D 71 16.50 -7.36 44.69
CA LYS D 71 17.08 -6.10 45.18
C LYS D 71 18.41 -5.72 44.54
N ALA D 72 18.95 -6.56 43.67
CA ALA D 72 20.00 -6.24 42.72
C ALA D 72 20.06 -7.22 41.54
N PRO D 73 19.07 -7.22 40.61
CA PRO D 73 19.38 -7.73 39.26
C PRO D 73 19.77 -6.62 38.30
N VAL D 74 20.06 -6.97 37.05
CA VAL D 74 20.13 -6.00 35.97
C VAL D 74 19.32 -6.50 34.78
N ILE D 75 19.38 -5.76 33.69
CA ILE D 75 18.52 -5.96 32.54
C ILE D 75 19.35 -5.84 31.27
N ILE D 76 18.66 -5.91 30.14
CA ILE D 76 19.21 -5.39 28.90
C ILE D 76 18.10 -4.69 28.13
N PHE D 77 18.18 -3.36 28.07
CA PHE D 77 17.59 -2.60 26.98
C PHE D 77 18.71 -2.26 26.00
N ASP D 78 18.45 -2.41 24.71
CA ASP D 78 17.17 -2.84 24.19
C ASP D 78 17.40 -4.02 23.28
N ASP D 79 16.34 -4.76 22.97
CA ASP D 79 16.30 -5.42 21.68
C ASP D 79 16.58 -4.37 20.61
N PHE D 80 17.61 -4.62 19.82
CA PHE D 80 18.15 -3.85 18.69
C PHE D 80 19.03 -2.69 19.15
N THR D 81 19.21 -2.47 20.46
CA THR D 81 20.14 -1.43 20.93
C THR D 81 21.22 -2.00 21.83
N THR D 82 20.84 -2.78 22.85
CA THR D 82 21.73 -3.51 23.77
C THR D 82 22.70 -2.58 24.50
N ALA D 83 22.26 -1.38 24.81
CA ALA D 83 23.17 -0.44 25.45
C ALA D 83 22.63 0.14 26.74
N ASN D 84 21.32 0.30 26.87
CA ASN D 84 20.75 0.89 28.07
C ASN D 84 20.81 -0.10 29.21
N LYS D 85 21.60 0.23 30.21
CA LYS D 85 21.83 -0.63 31.36
C LYS D 85 21.25 0.02 32.60
N TRP D 86 20.58 -0.77 33.42
CA TRP D 86 20.09 -0.28 34.70
C TRP D 86 20.22 -1.38 35.73
N VAL D 87 20.66 -1.04 36.94
CA VAL D 87 20.53 -1.97 38.05
C VAL D 87 19.09 -1.98 38.51
N ASP D 88 18.52 -3.17 38.60
CA ASP D 88 17.17 -3.31 39.12
C ASP D 88 17.22 -3.09 40.62
N PHE D 89 16.88 -1.89 41.06
CA PHE D 89 17.26 -1.45 42.41
C PHE D 89 16.35 -2.05 43.47
N ASP D 90 15.06 -1.72 43.46
CA ASP D 90 14.24 -1.93 44.65
C ASP D 90 13.14 -2.95 44.46
N PHE D 91 12.11 -2.65 43.68
CA PHE D 91 10.97 -3.56 43.48
C PHE D 91 10.35 -3.15 42.15
N LYS D 92 10.67 -3.89 41.10
CA LYS D 92 10.51 -3.39 39.74
C LYS D 92 9.78 -4.41 38.87
N ALA D 93 9.12 -3.90 37.83
CA ALA D 93 8.20 -4.67 37.01
C ALA D 93 8.95 -5.49 35.97
N LYS D 94 8.23 -6.03 34.99
CA LYS D 94 8.85 -6.76 33.89
C LYS D 94 8.35 -6.22 32.55
N SER D 95 8.41 -4.90 32.41
CA SER D 95 7.62 -4.14 31.46
C SER D 95 8.17 -4.23 30.03
N SER D 96 7.76 -5.28 29.33
CA SER D 96 7.61 -5.38 27.87
C SER D 96 8.87 -5.43 27.03
N ALA D 97 10.03 -5.12 27.60
CA ALA D 97 11.29 -5.38 26.90
C ALA D 97 12.40 -5.71 27.88
N MET D 98 12.07 -6.00 29.13
CA MET D 98 13.05 -6.18 30.19
C MET D 98 13.58 -7.59 30.16
N LYS D 99 14.55 -7.81 29.28
CA LYS D 99 15.21 -9.11 29.22
C LYS D 99 16.19 -9.18 30.39
N MET D 100 15.90 -10.08 31.33
CA MET D 100 16.43 -10.00 32.68
C MET D 100 17.77 -10.72 32.78
N VAL D 101 18.70 -10.12 33.51
CA VAL D 101 20.02 -10.68 33.72
C VAL D 101 20.29 -10.68 35.21
N THR D 102 20.49 -11.86 35.79
CA THR D 102 21.07 -11.94 37.11
C THR D 102 22.11 -13.04 37.05
N SER D 103 22.58 -13.49 38.19
CA SER D 103 23.56 -14.57 38.20
C SER D 103 22.94 -15.90 38.59
N CYS D 104 23.56 -16.98 38.12
CA CYS D 104 23.39 -18.27 38.77
C CYS D 104 24.18 -18.32 40.07
N ASP D 105 25.50 -18.22 39.98
CA ASP D 105 26.33 -18.16 41.17
C ASP D 105 26.27 -16.78 41.81
N ASP D 106 25.66 -16.70 42.98
CA ASP D 106 25.58 -15.44 43.70
C ASP D 106 26.66 -15.34 44.76
N ASN D 107 27.78 -16.04 44.56
CA ASN D 107 28.90 -15.98 45.50
C ASN D 107 30.04 -15.14 44.98
N LYS D 108 30.21 -15.08 43.68
CA LYS D 108 31.31 -14.37 43.03
C LYS D 108 30.88 -13.06 42.39
N THR D 109 29.65 -13.00 41.88
CA THR D 109 29.32 -12.05 40.81
C THR D 109 29.23 -10.60 41.29
N LEU D 110 28.36 -10.33 42.27
CA LEU D 110 28.17 -9.00 42.87
C LEU D 110 27.82 -7.97 41.80
N LEU D 111 26.78 -8.31 41.04
CA LEU D 111 26.59 -7.95 39.63
C LEU D 111 26.60 -6.46 39.29
N LYS D 112 26.60 -5.58 40.28
CA LYS D 112 27.01 -4.21 40.00
C LYS D 112 28.46 -4.17 39.53
N TYR D 113 29.27 -5.13 39.98
CA TYR D 113 30.47 -5.51 39.27
C TYR D 113 30.19 -5.68 37.78
N VAL D 114 29.30 -6.60 37.43
CA VAL D 114 29.15 -6.89 36.02
C VAL D 114 28.27 -5.88 35.32
N TYR D 115 27.47 -5.11 36.09
CA TYR D 115 26.85 -3.92 35.56
C TYR D 115 27.89 -2.93 35.06
N TYR D 116 28.97 -2.80 35.81
CA TYR D 116 30.09 -2.02 35.32
C TYR D 116 30.80 -2.74 34.18
N TRP D 117 30.93 -4.06 34.29
CA TRP D 117 31.76 -4.84 33.38
C TRP D 117 31.17 -4.93 31.99
N LEU D 118 29.88 -4.68 31.85
CA LEU D 118 29.31 -4.43 30.53
C LEU D 118 29.94 -3.19 29.93
N ASN D 119 29.88 -2.08 30.66
CA ASN D 119 30.33 -0.82 30.09
C ASN D 119 31.83 -0.65 30.24
N THR D 120 32.54 -1.65 30.76
CA THR D 120 33.98 -1.68 30.57
C THR D 120 34.34 -1.87 29.10
N LEU D 121 33.49 -2.58 28.36
CA LEU D 121 33.58 -2.59 26.90
C LEU D 121 32.34 -1.93 26.33
N PRO D 122 32.39 -0.62 26.07
CA PRO D 122 31.35 -0.01 25.25
C PRO D 122 31.64 -0.11 23.77
N SER D 123 32.83 -0.59 23.42
CA SER D 123 33.26 -0.55 22.02
C SER D 123 32.74 -1.72 21.22
N GLU D 124 32.24 -2.78 21.87
CA GLU D 124 31.59 -3.87 21.15
C GLU D 124 30.23 -4.23 21.74
N PHE D 125 29.98 -3.91 23.00
CA PHE D 125 28.74 -4.27 23.68
C PHE D 125 27.67 -3.18 23.51
N ALA D 126 28.05 -1.92 23.77
CA ALA D 126 27.09 -0.83 23.91
C ALA D 126 26.91 -0.01 22.64
N GLU D 127 26.93 -0.65 21.48
CA GLU D 127 26.72 0.03 20.21
C GLU D 127 25.47 -0.54 19.56
N GLY D 128 24.41 0.25 19.55
CA GLY D 128 23.16 -0.16 18.93
C GLY D 128 22.98 0.48 17.57
N ASP D 129 22.98 -0.33 16.51
CA ASP D 129 22.98 0.21 15.16
C ASP D 129 21.76 -0.24 14.36
N HIS D 130 21.47 -1.53 14.29
CA HIS D 130 20.46 -2.04 13.37
C HIS D 130 19.47 -2.94 14.09
N LYS D 131 18.63 -3.62 13.31
CA LYS D 131 17.56 -4.48 13.84
C LYS D 131 18.10 -5.90 13.95
N ARG D 132 18.90 -6.13 14.99
CA ARG D 132 19.53 -7.42 15.23
C ARG D 132 19.49 -7.70 16.72
N GLN D 133 19.15 -8.93 17.08
CA GLN D 133 19.22 -9.39 18.46
C GLN D 133 20.59 -10.04 18.68
N TRP D 134 21.15 -9.87 19.87
CA TRP D 134 22.55 -10.18 20.08
C TRP D 134 22.81 -11.23 21.14
N ILE D 135 22.03 -12.32 21.10
CA ILE D 135 21.99 -13.29 22.20
C ILE D 135 23.35 -13.95 22.39
N SER D 136 24.00 -14.33 21.29
CA SER D 136 25.35 -14.88 21.38
C SER D 136 26.35 -13.85 21.88
N ASN D 137 26.14 -12.57 21.52
CA ASN D 137 27.13 -11.53 21.81
C ASN D 137 27.22 -11.26 23.31
N TYR D 138 26.09 -11.02 23.97
CA TYR D 138 26.15 -10.89 25.42
C TYR D 138 26.14 -12.25 26.12
N SER D 139 25.84 -13.34 25.41
CA SER D 139 25.72 -14.61 26.10
C SER D 139 27.06 -15.29 26.29
N GLN D 140 27.89 -15.33 25.25
CA GLN D 140 28.95 -16.31 25.25
C GLN D 140 30.14 -15.85 26.10
N LYS D 141 30.84 -14.83 25.64
CA LYS D 141 32.24 -14.64 26.03
C LYS D 141 32.70 -13.32 25.41
N LYS D 142 33.71 -12.67 26.02
CA LYS D 142 34.38 -13.00 27.28
C LYS D 142 34.22 -11.87 28.26
N ILE D 143 34.84 -12.03 29.42
CA ILE D 143 35.03 -10.93 30.37
C ILE D 143 36.24 -11.23 31.26
N PRO D 144 37.20 -10.32 31.36
CA PRO D 144 38.28 -10.52 32.33
C PRO D 144 37.76 -10.43 33.75
N ILE D 145 37.97 -11.52 34.49
CA ILE D 145 37.44 -11.77 35.82
C ILE D 145 38.62 -12.10 36.72
N PRO D 146 38.66 -11.61 37.96
CA PRO D 146 39.75 -11.99 38.86
C PRO D 146 39.65 -13.41 39.42
N CYS D 147 38.75 -14.23 38.91
CA CYS D 147 38.88 -15.67 39.03
C CYS D 147 40.22 -16.09 38.42
N PRO D 148 40.99 -16.96 39.08
CA PRO D 148 40.68 -17.78 40.25
C PRO D 148 41.05 -17.23 41.63
N ASP D 149 40.67 -15.99 41.93
CA ASP D 149 40.52 -15.56 43.32
C ASP D 149 39.08 -15.78 43.79
N ASN D 150 38.38 -16.71 43.14
CA ASN D 150 36.96 -16.89 43.34
C ASN D 150 36.68 -17.68 44.62
N PRO D 151 35.65 -17.29 45.38
CA PRO D 151 34.94 -16.02 45.22
C PRO D 151 35.48 -14.94 46.15
N GLU D 152 36.30 -15.37 47.10
CA GLU D 152 36.46 -14.71 48.39
C GLU D 152 37.14 -13.35 48.31
N LYS D 153 38.41 -13.33 47.93
CA LYS D 153 39.15 -12.08 47.93
C LYS D 153 38.98 -11.33 46.63
N SER D 154 38.51 -12.00 45.58
CA SER D 154 38.13 -11.33 44.34
C SER D 154 37.05 -10.29 44.61
N LEU D 155 35.96 -10.73 45.27
CA LEU D 155 34.91 -9.78 45.62
C LEU D 155 35.40 -8.77 46.64
N ALA D 156 36.38 -9.15 47.47
CA ALA D 156 36.91 -8.22 48.46
C ALA D 156 37.70 -7.08 47.82
N ILE D 157 38.64 -7.38 46.93
CA ILE D 157 39.43 -6.29 46.36
C ILE D 157 38.61 -5.54 45.33
N GLN D 158 37.70 -6.23 44.64
CA GLN D 158 36.81 -5.52 43.73
C GLN D 158 35.73 -4.74 44.48
N SER D 159 35.51 -5.05 45.76
CA SER D 159 34.56 -4.28 46.56
C SER D 159 35.09 -2.90 46.87
N GLU D 160 36.41 -2.78 47.03
CA GLU D 160 37.07 -1.48 47.20
C GLU D 160 36.75 -0.56 46.04
N ILE D 161 37.11 -0.99 44.83
CA ILE D 161 36.91 -0.16 43.66
C ILE D 161 35.44 -0.03 43.31
N VAL D 162 34.61 -1.00 43.68
CA VAL D 162 33.21 -0.83 43.35
C VAL D 162 32.59 0.16 44.31
N ARG D 163 33.13 0.28 45.52
CA ARG D 163 32.72 1.34 46.43
C ARG D 163 33.11 2.68 45.86
N ILE D 164 34.31 2.75 45.29
CA ILE D 164 34.77 4.00 44.69
C ILE D 164 33.92 4.38 43.48
N LEU D 165 33.66 3.41 42.60
CA LEU D 165 32.91 3.69 41.38
C LEU D 165 31.45 3.92 41.67
N ASP D 166 30.91 3.31 42.73
CA ASP D 166 29.55 3.63 43.11
C ASP D 166 29.47 5.02 43.70
N LYS D 167 30.50 5.45 44.42
CA LYS D 167 30.53 6.85 44.82
C LYS D 167 30.70 7.78 43.63
N PHE D 168 31.35 7.33 42.57
CA PHE D 168 31.47 8.17 41.39
C PHE D 168 30.16 8.24 40.61
N THR D 169 29.46 7.12 40.51
CA THR D 169 28.14 7.12 39.91
C THR D 169 27.16 7.92 40.74
N ALA D 170 27.34 7.86 42.06
CA ALA D 170 26.55 8.67 42.97
C ALA D 170 26.86 10.13 42.78
N LEU D 171 28.14 10.47 42.55
CA LEU D 171 28.55 11.83 42.21
C LEU D 171 27.83 12.32 40.98
N THR D 172 27.78 11.48 39.96
CA THR D 172 27.10 11.81 38.71
C THR D 172 25.63 12.10 38.97
N ALA D 173 24.96 11.20 39.69
CA ALA D 173 23.54 11.33 39.97
C ALA D 173 23.25 12.58 40.82
N GLU D 174 24.07 12.83 41.82
CA GLU D 174 23.79 13.96 42.71
C GLU D 174 24.14 15.28 42.05
N LEU D 175 25.15 15.31 41.18
CA LEU D 175 25.46 16.55 40.50
C LEU D 175 24.38 16.91 39.50
N THR D 176 23.82 15.91 38.82
CA THR D 176 22.64 16.16 37.99
C THR D 176 21.46 16.61 38.84
N ALA D 177 21.32 16.04 40.03
CA ALA D 177 20.21 16.39 40.92
C ALA D 177 20.32 17.84 41.38
N GLU D 178 21.49 18.24 41.83
CA GLU D 178 21.68 19.61 42.29
C GLU D 178 21.69 20.59 41.14
N LEU D 179 22.06 20.13 39.95
CA LEU D 179 21.94 20.95 38.76
C LEU D 179 20.49 21.30 38.51
N ASN D 180 19.62 20.28 38.57
CA ASN D 180 18.20 20.51 38.40
C ASN D 180 17.64 21.37 39.51
N MET D 181 18.08 21.13 40.75
CA MET D 181 17.62 21.92 41.90
C MET D 181 18.04 23.36 41.77
N ARG D 182 19.28 23.59 41.35
CA ARG D 182 19.80 24.94 41.23
C ARG D 182 19.13 25.68 40.10
N LYS D 183 18.88 24.99 38.99
CA LYS D 183 18.21 25.60 37.86
C LYS D 183 16.78 25.96 38.20
N LYS D 184 16.06 25.05 38.86
CA LYS D 184 14.68 25.30 39.23
C LYS D 184 14.59 26.43 40.25
N GLN D 185 15.49 26.42 41.23
CA GLN D 185 15.54 27.46 42.26
C GLN D 185 15.82 28.81 41.65
N TYR D 186 16.87 28.89 40.85
CA TYR D 186 17.25 30.16 40.27
C TYR D 186 16.21 30.65 39.27
N ASN D 187 15.56 29.75 38.55
CA ASN D 187 14.54 30.19 37.61
C ASN D 187 13.31 30.71 38.35
N TYR D 188 13.01 30.13 39.50
CA TYR D 188 12.04 30.75 40.40
C TYR D 188 12.52 32.11 40.88
N TYR D 189 13.80 32.21 41.17
CA TYR D 189 14.36 33.39 41.80
C TYR D 189 14.51 34.54 40.82
N ARG D 190 14.56 34.24 39.53
CA ARG D 190 14.68 35.20 38.44
C ARG D 190 13.52 36.16 38.45
N ASP D 191 12.35 35.61 38.70
CA ASP D 191 11.11 36.33 38.52
C ASP D 191 10.37 36.51 39.82
N GLN D 192 10.77 35.80 40.87
CA GLN D 192 10.39 36.21 42.21
C GLN D 192 10.98 37.57 42.52
N LEU D 193 12.30 37.63 42.52
CA LEU D 193 13.01 38.90 42.53
C LEU D 193 12.94 39.49 41.13
N LEU D 194 13.38 40.75 40.98
CA LEU D 194 13.60 41.45 39.71
C LEU D 194 12.30 41.77 38.95
N SER D 195 11.18 41.28 39.43
CA SER D 195 9.89 41.65 38.90
C SER D 195 9.38 42.82 39.72
N PHE D 196 8.20 43.33 39.35
CA PHE D 196 7.40 44.36 40.03
C PHE D 196 8.16 45.60 40.51
N LYS D 197 9.27 45.94 39.84
CA LYS D 197 10.27 46.86 40.38
C LYS D 197 9.72 48.27 40.56
N GLU D 198 10.12 48.91 41.65
CA GLU D 198 9.51 50.15 42.11
C GLU D 198 10.61 51.12 42.55
N GLY D 199 10.38 52.42 42.37
CA GLY D 199 9.20 52.99 41.73
C GLY D 199 9.33 54.45 41.33
N GLU D 200 8.76 54.83 40.18
CA GLU D 200 8.09 53.88 39.29
C GLU D 200 8.90 53.61 38.05
N VAL D 201 9.15 52.32 37.81
CA VAL D 201 9.90 51.91 36.64
C VAL D 201 9.02 52.09 35.40
N GLU D 202 9.62 52.59 34.32
CA GLU D 202 8.91 52.87 33.09
C GLU D 202 8.42 51.58 32.44
N TRP D 203 7.17 51.60 32.00
CA TRP D 203 6.58 50.47 31.28
C TRP D 203 6.84 50.67 29.80
N LYS D 204 8.09 50.48 29.43
CA LYS D 204 8.50 50.64 28.04
C LYS D 204 7.92 49.52 27.19
N THR D 205 7.23 49.88 26.12
CA THR D 205 6.70 48.90 25.20
C THR D 205 7.86 48.32 24.40
N LEU D 206 7.68 47.09 23.92
CA LEU D 206 8.78 46.28 23.39
C LEU D 206 9.39 46.92 22.15
N GLY D 207 10.66 46.61 21.91
CA GLY D 207 11.36 47.07 20.74
C GLY D 207 11.68 48.55 20.63
N GLU D 208 11.12 49.36 21.53
CA GLU D 208 11.26 50.80 21.44
C GLU D 208 12.58 51.28 21.99
N ILE D 209 13.28 50.42 22.73
CA ILE D 209 14.55 50.77 23.34
C ILE D 209 15.66 50.91 22.32
N GLY D 210 15.52 50.26 21.18
CA GLY D 210 16.56 50.29 20.16
C GLY D 210 16.05 49.60 18.93
N LYS D 211 16.65 49.97 17.80
CA LYS D 211 16.16 49.57 16.49
C LYS D 211 16.49 48.11 16.25
N TRP D 212 15.58 47.22 16.62
CA TRP D 212 15.81 45.81 16.38
C TRP D 212 15.63 45.49 14.90
N TYR D 213 16.24 44.39 14.48
CA TYR D 213 16.41 44.10 13.07
C TYR D 213 15.64 42.84 12.68
N GLY D 214 15.57 42.62 11.38
CA GLY D 214 14.87 41.46 10.85
C GLY D 214 15.80 40.36 10.40
N GLY D 215 16.88 40.73 9.72
CA GLY D 215 17.81 39.75 9.19
C GLY D 215 17.92 39.84 7.68
N GLY D 216 18.04 38.70 7.01
CA GLY D 216 18.02 38.68 5.56
C GLY D 216 18.65 37.42 5.00
N THR D 217 17.97 36.85 4.01
CA THR D 217 18.33 35.53 3.53
C THR D 217 19.16 35.63 2.25
N PRO D 218 20.29 34.92 2.17
CA PRO D 218 21.13 34.96 0.98
C PRO D 218 20.66 33.99 -0.08
N SER D 219 21.45 33.87 -1.14
CA SER D 219 21.32 32.78 -2.08
C SER D 219 22.39 31.73 -1.79
N LYS D 220 21.95 30.49 -1.55
CA LYS D 220 22.91 29.44 -1.23
C LYS D 220 23.66 28.94 -2.46
N ASN D 221 23.12 29.20 -3.66
CA ASN D 221 23.80 28.84 -4.88
C ASN D 221 24.95 29.78 -5.22
N LYS D 222 25.04 30.93 -4.55
CA LYS D 222 26.19 31.81 -4.69
C LYS D 222 27.37 31.21 -3.94
N ILE D 223 28.20 30.44 -4.66
CA ILE D 223 29.27 29.66 -4.04
C ILE D 223 30.36 30.56 -3.48
N GLU D 224 30.59 31.70 -4.13
CA GLU D 224 31.48 32.71 -3.56
C GLU D 224 30.91 33.28 -2.27
N PHE D 225 29.59 33.42 -2.21
CA PHE D 225 28.93 34.04 -1.07
C PHE D 225 28.44 33.02 -0.06
N TRP D 226 28.97 31.80 -0.09
CA TRP D 226 28.54 30.74 0.81
C TRP D 226 29.68 30.02 1.48
N GLU D 227 30.86 29.98 0.88
CA GLU D 227 31.99 29.21 1.36
C GLU D 227 33.07 30.04 2.03
N ASN D 228 33.47 31.14 1.41
CA ASN D 228 34.65 31.88 1.81
C ASN D 228 34.32 32.81 2.97
N GLY D 229 35.21 33.77 3.23
CA GLY D 229 34.96 34.82 4.19
C GLY D 229 34.94 34.31 5.62
N SER D 230 34.57 35.20 6.53
CA SER D 230 34.57 34.83 7.93
C SER D 230 33.41 35.40 8.73
N ILE D 231 32.35 35.90 8.10
CA ILE D 231 31.20 36.34 8.89
C ILE D 231 30.43 35.12 9.36
N PRO D 232 30.21 34.96 10.67
CA PRO D 232 29.50 33.76 11.16
C PRO D 232 28.03 33.80 10.82
N TRP D 233 27.60 32.83 10.03
CA TRP D 233 26.22 32.72 9.60
C TRP D 233 25.45 31.97 10.67
N ILE D 234 24.44 32.63 11.23
CA ILE D 234 23.76 32.14 12.42
C ILE D 234 22.44 31.50 11.99
N SER D 235 22.24 30.28 12.43
CA SER D 235 21.05 29.47 12.20
C SER D 235 20.35 29.20 13.51
N PRO D 236 19.05 28.86 13.48
CA PRO D 236 18.38 28.47 14.74
C PRO D 236 18.88 27.15 15.32
N LYS D 237 19.57 26.33 14.55
CA LYS D 237 20.26 25.19 15.15
C LYS D 237 21.60 25.59 15.73
N ASP D 238 22.21 26.69 15.24
CA ASP D 238 23.29 27.32 16.00
C ASP D 238 22.75 27.95 17.27
N MET D 239 21.47 28.33 17.28
CA MET D 239 20.83 28.89 18.45
C MET D 239 20.53 27.81 19.48
N GLY D 240 19.84 28.21 20.54
CA GLY D 240 19.66 27.37 21.70
C GLY D 240 20.80 27.43 22.69
N ARG D 241 21.94 27.98 22.27
CA ARG D 241 23.10 28.12 23.14
C ARG D 241 23.01 29.47 23.85
N THR D 242 24.09 29.88 24.50
CA THR D 242 24.12 31.18 25.17
C THR D 242 25.49 31.80 24.96
N LEU D 243 25.50 33.08 24.56
CA LEU D 243 26.69 33.85 24.22
C LEU D 243 27.46 33.16 23.10
N VAL D 244 26.82 33.15 21.93
CA VAL D 244 27.47 32.69 20.71
C VAL D 244 27.99 33.93 20.01
N ASP D 245 29.24 34.28 20.28
CA ASP D 245 29.89 35.29 19.48
C ASP D 245 29.99 34.88 18.02
N SER D 246 30.55 33.71 17.73
CA SER D 246 30.65 33.23 16.37
C SER D 246 29.96 31.87 16.23
N SER D 247 29.21 31.71 15.16
CA SER D 247 28.49 30.49 14.86
C SER D 247 29.42 29.48 14.19
N GLU D 248 28.86 28.31 13.90
CA GLU D 248 29.62 27.28 13.20
C GLU D 248 29.85 27.66 11.74
N ASP D 249 28.81 28.17 11.08
CA ASP D 249 28.87 28.51 9.67
C ASP D 249 29.70 29.77 9.50
N TYR D 250 30.58 29.76 8.50
CA TYR D 250 31.44 30.91 8.19
C TYR D 250 31.15 31.35 6.75
N ILE D 251 30.17 32.21 6.61
CA ILE D 251 29.74 32.70 5.32
C ILE D 251 30.60 33.90 4.94
N THR D 252 30.53 34.30 3.68
CA THR D 252 31.51 35.22 3.09
C THR D 252 31.31 36.63 3.64
N GLU D 253 32.42 37.37 3.74
CA GLU D 253 32.36 38.79 4.05
C GLU D 253 31.87 39.62 2.86
N GLU D 254 32.06 39.12 1.64
CA GLU D 254 31.50 39.78 0.48
C GLU D 254 30.07 39.32 0.21
N ALA D 255 29.60 38.31 0.95
CA ALA D 255 28.22 37.81 0.82
C ALA D 255 27.16 38.86 1.11
N VAL D 256 27.51 39.94 1.82
CA VAL D 256 26.61 41.06 2.05
C VAL D 256 26.20 41.79 0.78
N LEU D 257 26.87 41.53 -0.35
CA LEU D 257 26.38 42.01 -1.63
C LEU D 257 25.04 41.37 -1.99
N HIS D 258 24.90 40.07 -1.78
CA HIS D 258 23.70 39.31 -2.13
C HIS D 258 23.19 38.47 -0.96
N SER D 259 23.04 39.10 0.21
CA SER D 259 22.42 38.42 1.35
C SER D 259 21.32 39.22 2.02
N SER D 260 21.33 40.56 1.86
CA SER D 260 20.34 41.49 2.42
C SER D 260 20.25 41.38 3.95
N THR D 261 21.39 41.10 4.59
CA THR D 261 21.42 40.90 6.03
C THR D 261 21.58 42.22 6.77
N LYS D 262 21.87 42.12 8.05
CA LYS D 262 22.13 43.26 8.92
C LYS D 262 23.49 43.10 9.55
N LEU D 263 24.33 44.11 9.39
CA LEU D 263 25.59 44.11 10.11
C LEU D 263 25.31 44.43 11.56
N ILE D 264 25.99 43.72 12.46
CA ILE D 264 25.74 43.90 13.88
C ILE D 264 27.02 44.34 14.58
N PRO D 265 26.93 45.11 15.67
CA PRO D 265 28.12 45.38 16.48
C PRO D 265 28.44 44.23 17.42
N ALA D 266 29.38 44.48 18.31
CA ALA D 266 29.81 43.48 19.28
C ALA D 266 28.85 43.32 20.45
N ASN D 267 27.75 44.05 20.48
CA ASN D 267 26.85 44.02 21.63
C ASN D 267 25.42 43.87 21.16
N SER D 268 25.18 42.86 20.34
CA SER D 268 23.87 42.57 19.83
C SER D 268 23.27 41.37 20.57
N ILE D 269 21.95 41.21 20.46
CA ILE D 269 21.31 40.00 20.96
C ILE D 269 20.43 39.43 19.87
N ALA D 270 20.15 38.14 19.98
CA ALA D 270 19.42 37.43 18.94
C ALA D 270 18.13 36.84 19.50
N ILE D 271 17.25 36.45 18.58
CA ILE D 271 15.92 35.96 18.95
C ILE D 271 15.41 35.14 17.78
N VAL D 272 14.66 34.08 18.07
CA VAL D 272 14.08 33.28 17.01
C VAL D 272 12.57 33.49 17.00
N VAL D 273 11.97 33.24 15.84
CA VAL D 273 10.54 33.40 15.65
C VAL D 273 9.96 32.17 14.96
N ARG D 274 10.71 31.08 14.90
CA ARG D 274 10.26 29.90 14.17
C ARG D 274 10.63 28.63 14.93
N SER D 275 9.85 27.58 14.71
CA SER D 275 10.19 26.16 14.77
C SER D 275 10.36 25.59 16.17
N SER D 276 10.42 26.37 17.22
CA SER D 276 10.49 25.73 18.53
C SER D 276 9.56 26.37 19.53
N ILE D 277 9.46 27.68 19.52
CA ILE D 277 8.44 28.43 20.23
C ILE D 277 7.09 28.23 19.56
N LEU D 278 6.04 28.74 20.20
CA LEU D 278 4.62 28.38 20.25
C LEU D 278 4.40 27.19 21.17
N ASP D 279 5.46 26.56 21.65
CA ASP D 279 5.37 25.43 22.56
C ASP D 279 6.23 25.60 23.80
N LYS D 280 7.33 26.33 23.70
CA LYS D 280 8.38 26.32 24.72
C LYS D 280 8.85 27.75 24.95
N VAL D 281 9.99 27.89 25.63
CA VAL D 281 10.59 29.19 25.91
C VAL D 281 11.61 29.49 24.82
N LEU D 282 11.78 30.77 24.48
CA LEU D 282 12.55 31.15 23.32
C LEU D 282 14.06 31.07 23.57
N PRO D 283 14.82 30.61 22.59
CA PRO D 283 16.28 30.65 22.69
C PRO D 283 16.80 32.06 22.49
N SER D 284 17.98 32.30 23.05
CA SER D 284 18.60 33.61 23.06
C SER D 284 20.10 33.43 23.28
N ALA D 285 20.91 34.24 22.59
CA ALA D 285 22.35 34.17 22.75
C ALA D 285 22.92 35.56 22.58
N LEU D 286 24.02 35.84 23.30
CA LEU D 286 24.68 37.11 23.09
C LEU D 286 25.65 37.01 21.92
N ILE D 287 25.26 37.61 20.81
CA ILE D 287 26.11 37.66 19.64
C ILE D 287 27.05 38.85 19.74
N LYS D 288 28.32 38.62 19.47
CA LYS D 288 29.37 39.53 19.89
C LYS D 288 30.38 39.83 18.79
N VAL D 289 30.22 39.26 17.61
CA VAL D 289 31.08 39.60 16.48
C VAL D 289 30.18 40.29 15.45
N PRO D 290 30.74 40.91 14.40
CA PRO D 290 29.90 41.21 13.25
C PRO D 290 29.49 39.93 12.54
N ALA D 291 28.21 39.58 12.69
CA ALA D 291 27.66 38.35 12.17
C ALA D 291 26.32 38.66 11.52
N THR D 292 25.83 37.72 10.73
CA THR D 292 24.65 37.95 9.91
C THR D 292 23.69 36.78 10.05
N LEU D 293 22.42 37.04 9.71
CA LEU D 293 21.36 36.07 9.95
C LEU D 293 20.20 36.31 8.99
N ASN D 294 19.41 35.25 8.78
CA ASN D 294 18.37 35.24 7.76
C ASN D 294 17.05 35.79 8.31
N GLN D 295 15.97 35.53 7.57
CA GLN D 295 14.63 35.83 8.06
C GLN D 295 14.03 34.69 8.88
N ASP D 296 14.76 33.61 9.13
CA ASP D 296 14.26 32.58 10.04
C ASP D 296 14.27 33.06 11.48
N MET D 297 15.00 34.12 11.78
CA MET D 297 15.13 34.63 13.12
C MET D 297 15.48 36.11 13.02
N LYS D 298 15.50 36.80 14.15
CA LYS D 298 15.74 38.23 14.15
C LYS D 298 16.81 38.60 15.18
N ALA D 299 17.16 39.87 15.17
CA ALA D 299 18.18 40.39 16.07
C ALA D 299 17.73 41.74 16.62
N VAL D 300 18.20 42.04 17.82
CA VAL D 300 17.90 43.28 18.49
C VAL D 300 19.20 43.98 18.85
N ILE D 301 19.32 45.24 18.48
CA ILE D 301 20.27 46.13 19.13
C ILE D 301 19.47 47.15 19.94
N PRO D 302 19.88 47.43 21.16
CA PRO D 302 19.18 48.43 21.96
C PRO D 302 19.77 49.81 21.69
N HIS D 303 19.30 50.84 22.40
CA HIS D 303 19.89 52.16 22.20
C HIS D 303 19.82 52.98 23.49
N GLU D 304 20.91 52.95 24.25
CA GLU D 304 21.36 54.00 25.17
C GLU D 304 20.49 54.17 26.42
N ASN D 305 19.32 53.55 26.45
CA ASN D 305 18.38 53.71 27.54
C ASN D 305 18.33 52.45 28.39
N ILE D 306 19.39 51.66 28.34
CA ILE D 306 19.32 50.22 28.42
C ILE D 306 20.52 49.68 29.18
N LEU D 307 20.56 48.36 29.29
CA LEU D 307 21.79 47.60 29.25
C LEU D 307 21.48 46.39 28.39
N VAL D 308 22.35 46.07 27.43
CA VAL D 308 22.03 45.03 26.45
C VAL D 308 21.98 43.66 27.12
N LYS D 309 22.72 43.47 28.21
CA LYS D 309 22.53 42.29 29.01
C LYS D 309 21.21 42.32 29.75
N TYR D 310 20.80 43.51 30.23
CA TYR D 310 19.48 43.62 30.84
C TYR D 310 18.38 43.40 29.82
N ILE D 311 18.59 43.85 28.58
CA ILE D 311 17.61 43.60 27.54
C ILE D 311 17.54 42.10 27.23
N TYR D 312 18.72 41.48 27.12
CA TYR D 312 18.84 40.04 26.89
C TYR D 312 18.10 39.25 27.95
N HIS D 313 18.34 39.58 29.21
CA HIS D 313 17.71 38.84 30.28
C HIS D 313 16.33 39.35 30.59
N MET D 314 15.93 40.48 30.01
CA MET D 314 14.54 40.87 30.07
C MET D 314 13.73 40.03 29.12
N ILE D 315 14.33 39.71 27.97
CA ILE D 315 13.75 38.74 27.05
C ILE D 315 13.67 37.37 27.69
N GLY D 316 14.81 36.89 28.20
CA GLY D 316 14.84 35.57 28.80
C GLY D 316 14.00 35.47 30.07
N SER D 317 13.89 36.58 30.80
CA SER D 317 13.13 36.59 32.04
C SER D 317 11.65 36.54 31.77
N ARG D 318 11.19 37.40 30.87
CA ARG D 318 9.79 37.42 30.48
C ARG D 318 9.47 36.39 29.41
N GLY D 319 10.36 35.41 29.22
CA GLY D 319 10.18 34.40 28.17
C GLY D 319 8.89 33.63 28.30
N SER D 320 8.49 33.30 29.54
CA SER D 320 7.24 32.62 29.81
C SER D 320 6.02 33.45 29.44
N ASP D 321 6.16 34.76 29.35
CA ASP D 321 5.05 35.62 28.98
C ASP D 321 5.22 36.26 27.61
N ILE D 322 6.46 36.51 27.18
CA ILE D 322 6.62 36.99 25.80
C ILE D 322 6.48 35.88 24.79
N LEU D 323 6.48 34.60 25.23
CA LEU D 323 5.93 33.58 24.36
C LEU D 323 4.45 33.84 24.13
N ARG D 324 3.74 34.25 25.17
CA ARG D 324 2.30 34.46 25.09
C ARG D 324 1.95 35.77 24.39
N ALA D 325 2.92 36.70 24.30
CA ALA D 325 2.65 38.06 23.86
C ALA D 325 2.15 38.14 22.42
N ALA D 326 2.86 37.53 21.47
CA ALA D 326 2.45 37.50 20.07
C ALA D 326 2.30 36.07 19.64
N LYS D 327 1.52 35.32 20.43
CA LYS D 327 1.77 33.89 20.66
C LYS D 327 1.57 33.05 19.40
N LYS D 328 0.35 32.99 18.88
CA LYS D 328 0.11 32.02 17.82
C LYS D 328 0.62 32.55 16.48
N THR D 329 -0.07 33.57 15.96
CA THR D 329 0.18 34.19 14.65
C THR D 329 0.42 33.16 13.55
N GLY D 330 -0.38 32.10 13.57
CA GLY D 330 -0.27 30.94 12.71
C GLY D 330 0.19 29.71 13.48
N GLY D 331 -0.51 28.59 13.24
CA GLY D 331 -0.15 27.32 13.81
C GLY D 331 0.84 26.53 13.00
N SER D 332 1.57 27.17 12.10
CA SER D 332 2.51 26.51 11.21
C SER D 332 3.85 26.37 11.91
N VAL D 333 4.88 26.06 11.12
CA VAL D 333 6.25 26.38 11.51
C VAL D 333 6.39 27.89 11.70
N ALA D 334 5.68 28.66 10.89
CA ALA D 334 5.45 30.08 11.13
C ALA D 334 4.82 30.30 12.50
N SER D 335 5.34 31.30 13.20
CA SER D 335 5.13 31.46 14.63
C SER D 335 5.11 32.95 14.91
N ILE D 336 5.44 33.31 16.16
CA ILE D 336 5.31 34.64 16.79
C ILE D 336 5.70 35.79 15.88
N ASP D 337 4.79 36.76 15.73
CA ASP D 337 5.01 37.90 14.85
C ASP D 337 6.01 38.88 15.42
N SER D 338 6.16 39.98 14.70
CA SER D 338 6.87 41.14 15.21
C SER D 338 5.93 42.06 15.96
N LYS D 339 4.62 41.87 15.81
CA LYS D 339 3.66 42.89 16.17
C LYS D 339 3.54 43.04 17.69
N LYS D 340 3.05 41.99 18.35
CA LYS D 340 3.04 42.05 19.81
C LYS D 340 4.34 41.56 20.40
N LEU D 341 5.32 41.22 19.56
CA LEU D 341 6.72 41.22 19.98
C LEU D 341 7.27 42.64 20.01
N PHE D 342 6.51 43.59 19.47
CA PHE D 342 6.83 44.99 19.68
C PHE D 342 5.89 45.63 20.68
N SER D 343 4.81 44.96 21.06
CA SER D 343 3.68 45.62 21.69
C SER D 343 3.40 45.12 23.10
N PHE D 344 4.39 45.13 23.99
CA PHE D 344 4.10 44.84 25.39
C PHE D 344 4.93 45.70 26.33
N LYS D 345 4.28 46.26 27.34
CA LYS D 345 4.95 47.10 28.32
C LYS D 345 5.71 46.25 29.32
N ILE D 346 7.02 46.42 29.34
CA ILE D 346 7.88 45.78 30.32
C ILE D 346 8.50 46.86 31.21
N PRO D 347 8.83 46.54 32.46
CA PRO D 347 9.58 47.48 33.29
C PRO D 347 11.00 47.63 32.76
N VAL D 348 11.37 48.85 32.42
CA VAL D 348 12.73 49.17 32.00
C VAL D 348 13.21 50.33 32.87
N PRO D 349 14.12 50.08 33.82
CA PRO D 349 14.54 51.15 34.73
C PRO D 349 15.55 52.09 34.11
N ASN D 350 16.07 52.99 34.93
CA ASN D 350 17.08 53.93 34.47
C ASN D 350 18.44 53.23 34.44
N ILE D 351 19.40 53.87 33.78
CA ILE D 351 20.71 53.26 33.48
C ILE D 351 21.55 53.03 34.72
N ASN D 352 21.21 53.66 35.83
CA ASN D 352 21.87 53.40 37.09
C ASN D 352 21.40 52.12 37.77
N GLU D 353 20.30 51.52 37.32
CA GLU D 353 19.68 50.42 38.03
C GLU D 353 19.71 49.10 37.29
N GLN D 354 20.07 49.08 36.01
CA GLN D 354 20.19 47.81 35.30
C GLN D 354 21.33 46.96 35.84
N GLN D 355 22.50 47.57 36.01
CA GLN D 355 23.77 46.85 36.02
C GLN D 355 23.95 45.97 37.25
N ARG D 356 23.44 46.42 38.40
CA ARG D 356 23.62 45.65 39.64
C ARG D 356 22.80 44.38 39.61
N ILE D 357 21.51 44.51 39.33
CA ILE D 357 20.64 43.34 39.41
C ILE D 357 20.88 42.41 38.22
N VAL D 358 21.23 42.96 37.06
CA VAL D 358 21.57 42.06 35.96
C VAL D 358 22.96 41.49 36.15
N GLU D 359 23.80 42.11 36.99
CA GLU D 359 25.08 41.53 37.31
C GLU D 359 24.90 40.30 38.19
N ILE D 360 24.03 40.40 39.19
CA ILE D 360 23.67 39.22 39.98
C ILE D 360 23.04 38.14 39.11
N LEU D 361 22.15 38.55 38.20
CA LEU D 361 21.45 37.60 37.34
C LEU D 361 22.44 36.88 36.41
N ASP D 362 23.32 37.66 35.79
CA ASP D 362 24.37 37.16 34.93
C ASP D 362 25.30 36.25 35.71
N LYS D 363 25.60 36.63 36.95
CA LYS D 363 26.50 35.87 37.80
C LYS D 363 25.92 34.49 38.11
N PHE D 364 24.61 34.43 38.34
CA PHE D 364 24.04 33.14 38.72
C PHE D 364 23.92 32.25 37.50
N ASP D 365 23.41 32.79 36.39
CA ASP D 365 23.27 31.84 35.29
C ASP D 365 24.58 31.58 34.57
N THR D 366 25.64 32.35 34.83
CA THR D 366 26.93 31.88 34.39
C THR D 366 27.58 30.97 35.41
N LEU D 367 27.08 30.92 36.65
CA LEU D 367 27.40 29.78 37.48
C LEU D 367 26.81 28.52 36.87
N THR D 368 25.52 28.54 36.58
CA THR D 368 24.84 27.32 36.19
C THR D 368 25.18 26.90 34.77
N ASN D 369 24.91 27.77 33.81
CA ASN D 369 24.66 27.33 32.45
C ASN D 369 25.98 27.13 31.68
N SER D 370 25.85 27.02 30.37
CA SER D 370 26.84 26.51 29.44
C SER D 370 27.85 27.59 29.04
N ILE D 371 29.10 27.17 28.75
CA ILE D 371 29.62 25.81 28.95
C ILE D 371 30.72 25.85 29.97
N THR D 372 31.82 26.52 29.61
CA THR D 372 32.93 26.68 30.54
C THR D 372 32.53 27.64 31.64
N GLU D 373 33.05 27.37 32.84
CA GLU D 373 32.42 27.79 34.10
C GLU D 373 30.95 27.41 34.08
N GLY D 374 30.73 26.10 34.08
CA GLY D 374 29.38 25.59 34.08
C GLY D 374 29.39 24.19 34.65
N LEU D 375 28.45 23.99 35.54
CA LEU D 375 28.12 22.71 36.14
C LEU D 375 27.97 21.54 35.15
N PRO D 376 27.27 21.65 34.00
CA PRO D 376 27.20 20.47 33.13
C PRO D 376 28.52 20.10 32.49
N ARG D 377 29.36 21.10 32.20
CA ARG D 377 30.72 20.87 31.75
C ARG D 377 31.50 20.07 32.79
N GLU D 378 31.37 20.49 34.05
CA GLU D 378 31.99 19.77 35.16
C GLU D 378 31.50 18.33 35.22
N ILE D 379 30.19 18.13 35.01
CA ILE D 379 29.61 16.80 34.98
C ILE D 379 30.23 15.98 33.87
N GLU D 380 30.44 16.59 32.71
CA GLU D 380 30.99 15.86 31.58
C GLU D 380 32.47 15.54 31.78
N LEU D 381 33.23 16.44 32.40
CA LEU D 381 34.61 16.12 32.75
C LEU D 381 34.68 14.99 33.76
N ARG D 382 33.75 14.98 34.71
CA ARG D 382 33.75 13.90 35.68
C ARG D 382 33.29 12.61 35.05
N GLN D 383 32.43 12.70 34.05
CA GLN D 383 32.05 11.53 33.24
C GLN D 383 33.26 10.97 32.51
N LYS D 384 34.06 11.86 31.93
CA LYS D 384 35.25 11.46 31.23
C LYS D 384 36.26 10.82 32.16
N GLN D 385 36.48 11.41 33.33
CA GLN D 385 37.46 10.84 34.25
C GLN D 385 36.94 9.55 34.87
N TYR D 386 35.62 9.41 34.96
CA TYR D 386 35.02 8.18 35.45
C TYR D 386 35.28 7.05 34.48
N GLU D 387 34.96 7.27 33.21
CA GLU D 387 35.18 6.24 32.22
C GLU D 387 36.66 5.97 32.00
N TYR D 388 37.49 7.01 32.15
CA TYR D 388 38.93 6.85 32.06
C TYR D 388 39.45 6.00 33.20
N TYR D 389 38.92 6.19 34.40
CA TYR D 389 39.43 5.42 35.52
C TYR D 389 38.86 4.02 35.51
N ARG D 390 37.73 3.82 34.87
CA ARG D 390 37.25 2.46 34.67
C ARG D 390 38.11 1.72 33.68
N ASP D 391 38.54 2.41 32.63
CA ASP D 391 39.51 1.82 31.72
C ASP D 391 40.84 1.59 32.44
N LEU D 392 41.25 2.54 33.27
CA LEU D 392 42.50 2.46 34.02
C LEU D 392 42.46 1.34 35.04
N LEU D 393 41.28 1.04 35.56
CA LEU D 393 41.20 0.13 36.69
C LEU D 393 41.17 -1.31 36.24
N PHE D 394 40.38 -1.62 35.21
CA PHE D 394 40.19 -3.01 34.81
C PHE D 394 41.21 -3.43 33.78
N SER D 395 42.14 -2.54 33.50
CA SER D 395 43.50 -2.96 33.23
C SER D 395 44.13 -3.33 34.56
N PHE D 396 44.06 -4.63 34.86
CA PHE D 396 44.47 -5.13 36.17
C PHE D 396 45.99 -5.18 36.28
N ASP E 3 -10.37 -34.99 18.92
CA ASP E 3 -9.09 -34.28 18.91
C ASP E 3 -7.97 -35.32 18.98
N MET E 4 -7.13 -35.33 17.95
CA MET E 4 -5.89 -36.11 17.89
C MET E 4 -6.14 -37.61 18.01
N GLN E 5 -6.80 -38.17 17.00
CA GLN E 5 -7.15 -39.58 17.00
C GLN E 5 -6.96 -40.16 15.62
N VAL E 6 -6.56 -41.44 15.57
CA VAL E 6 -6.09 -42.03 14.32
C VAL E 6 -6.88 -43.29 14.01
N TYR E 7 -7.07 -43.54 12.72
CA TYR E 7 -7.67 -44.76 12.21
C TYR E 7 -6.51 -45.62 11.72
N ILE E 8 -6.04 -46.54 12.56
CA ILE E 8 -4.83 -47.29 12.21
C ILE E 8 -5.00 -48.81 12.33
N ALA E 9 -5.49 -49.44 11.24
CA ALA E 9 -5.50 -50.88 11.01
C ALA E 9 -6.04 -51.17 9.61
N ASN E 10 -5.52 -52.17 8.90
CA ASN E 10 -4.32 -52.97 9.20
C ASN E 10 -3.64 -53.34 7.88
N LEU E 11 -2.35 -53.69 7.94
CA LEU E 11 -1.66 -54.09 6.71
C LEU E 11 -2.04 -55.49 6.26
N GLY E 12 -2.58 -56.31 7.17
CA GLY E 12 -3.16 -57.57 6.75
C GLY E 12 -4.45 -57.32 5.98
N LYS E 13 -4.56 -57.97 4.82
CA LYS E 13 -5.49 -57.61 3.75
C LYS E 13 -5.30 -56.12 3.40
N TYR E 14 -4.13 -55.89 2.81
CA TYR E 14 -3.52 -54.60 2.50
C TYR E 14 -4.46 -53.60 1.82
N ASN E 15 -5.49 -54.06 1.13
CA ASN E 15 -6.43 -53.24 0.39
C ASN E 15 -7.51 -52.62 1.27
N GLU E 16 -7.18 -52.40 2.54
CA GLU E 16 -8.08 -52.06 3.64
C GLU E 16 -9.17 -53.09 3.85
N GLY E 17 -8.89 -54.33 3.48
CA GLY E 17 -9.62 -55.45 4.06
C GLY E 17 -9.18 -55.65 5.50
N GLU E 18 -10.03 -56.35 6.25
CA GLU E 18 -9.98 -56.42 7.70
C GLU E 18 -9.94 -55.01 8.31
N LEU E 19 -10.82 -54.16 7.79
CA LEU E 19 -10.86 -52.77 8.25
C LEU E 19 -11.48 -52.73 9.64
N VAL E 20 -10.64 -52.48 10.64
CA VAL E 20 -11.06 -52.43 12.03
C VAL E 20 -10.34 -51.29 12.71
N GLY E 21 -10.84 -50.93 13.89
CA GLY E 21 -10.12 -50.05 14.78
C GLY E 21 -10.45 -48.63 14.43
N ALA E 22 -11.37 -48.00 15.15
CA ALA E 22 -11.95 -46.76 14.62
C ALA E 22 -11.06 -45.57 14.90
N TRP E 23 -10.93 -45.20 16.16
CA TRP E 23 -10.16 -44.02 16.51
C TRP E 23 -9.43 -44.28 17.81
N PHE E 24 -8.23 -43.75 17.91
CA PHE E 24 -7.36 -44.04 19.04
C PHE E 24 -6.79 -42.71 19.52
N THR E 25 -7.30 -42.23 20.64
CA THR E 25 -6.70 -41.04 21.23
C THR E 25 -5.49 -41.44 22.07
N PHE E 26 -4.72 -40.54 22.30
CA PHE E 26 -3.43 -40.76 22.91
C PHE E 26 -3.54 -40.78 24.43
N PRO E 27 -2.72 -41.60 25.12
CA PRO E 27 -1.69 -42.52 24.62
C PRO E 27 -2.25 -43.80 24.02
N ILE E 28 -1.49 -44.37 23.08
CA ILE E 28 -1.96 -45.49 22.27
C ILE E 28 -0.98 -46.64 22.46
N ASP E 29 -1.50 -47.82 22.75
CA ASP E 29 -0.70 -48.98 23.08
C ASP E 29 -0.78 -50.03 21.98
N PHE E 30 0.28 -50.82 21.87
CA PHE E 30 0.27 -51.96 20.95
C PHE E 30 -0.79 -52.97 21.33
N GLU E 31 -0.87 -53.33 22.60
CA GLU E 31 -1.79 -54.39 23.00
C GLU E 31 -3.23 -53.88 23.06
N GLU E 32 -3.42 -52.58 23.29
CA GLU E 32 -4.75 -51.99 23.26
C GLU E 32 -5.34 -52.06 21.86
N VAL E 33 -4.59 -51.59 20.87
CA VAL E 33 -5.02 -51.70 19.48
C VAL E 33 -5.05 -53.16 19.03
N LYS E 34 -4.18 -53.99 19.59
CA LYS E 34 -4.13 -55.40 19.21
C LYS E 34 -5.38 -56.13 19.68
N GLU E 35 -5.85 -55.82 20.89
CA GLU E 35 -7.14 -56.34 21.32
C GLU E 35 -8.29 -55.68 20.58
N LYS E 36 -8.10 -54.45 20.10
CA LYS E 36 -9.11 -53.81 19.28
C LYS E 36 -9.27 -54.53 17.94
N ILE E 37 -8.18 -55.07 17.39
CA ILE E 37 -8.19 -55.58 16.03
C ILE E 37 -8.02 -57.09 15.95
N GLY E 38 -7.51 -57.73 17.01
CA GLY E 38 -7.11 -59.12 16.91
C GLY E 38 -5.69 -59.20 16.39
N LEU E 39 -5.45 -60.03 15.39
CA LEU E 39 -4.25 -59.91 14.58
C LEU E 39 -4.59 -60.42 13.19
N ASN E 40 -3.70 -60.13 12.24
CA ASN E 40 -3.87 -60.55 10.86
C ASN E 40 -3.09 -61.82 10.55
N ASP E 41 -3.01 -62.70 11.58
CA ASP E 41 -2.30 -63.97 11.74
C ASP E 41 -0.80 -63.73 11.92
N GLU E 42 -0.32 -62.52 11.72
CA GLU E 42 1.08 -62.16 11.91
C GLU E 42 1.07 -60.78 12.54
N TYR E 43 2.17 -60.05 12.44
CA TYR E 43 2.19 -58.67 12.87
C TYR E 43 2.51 -57.77 11.66
N GLU E 44 1.46 -57.25 11.02
CA GLU E 44 1.59 -56.16 10.05
C GLU E 44 0.38 -55.25 10.23
N GLU E 45 0.55 -54.22 11.05
CA GLU E 45 -0.57 -53.39 11.49
C GLU E 45 -0.14 -51.93 11.53
N TYR E 46 -0.96 -51.15 12.24
CA TYR E 46 -1.00 -49.69 12.23
C TYR E 46 -0.91 -49.15 10.80
N ALA E 47 -1.90 -49.52 10.00
CA ALA E 47 -2.06 -48.93 8.68
C ALA E 47 -2.58 -47.52 8.86
N ILE E 48 -1.67 -46.55 8.85
CA ILE E 48 -2.04 -45.15 8.95
C ILE E 48 -2.79 -44.78 7.67
N HIS E 49 -4.07 -44.46 7.81
CA HIS E 49 -4.86 -43.98 6.70
C HIS E 49 -5.69 -42.75 7.02
N ASP E 50 -5.98 -42.48 8.29
CA ASP E 50 -6.78 -41.31 8.62
C ASP E 50 -6.39 -40.82 10.00
N TYR E 51 -6.48 -39.50 10.18
CA TYR E 51 -6.06 -38.90 11.44
C TYR E 51 -6.67 -37.52 11.65
N GLU E 52 -7.18 -37.29 12.85
CA GLU E 52 -7.46 -35.95 13.36
C GLU E 52 -6.23 -35.53 14.15
N LEU E 53 -5.30 -34.87 13.46
CA LEU E 53 -4.10 -34.34 14.07
C LEU E 53 -3.89 -32.92 13.59
N PRO E 54 -3.29 -32.06 14.42
CA PRO E 54 -3.07 -30.67 13.99
C PRO E 54 -1.80 -30.50 13.16
N PHE E 55 -1.24 -31.58 12.66
CA PHE E 55 0.01 -31.52 11.93
C PHE E 55 0.00 -32.60 10.86
N THR E 56 1.16 -32.83 10.25
CA THR E 56 1.32 -33.79 9.17
C THR E 56 2.05 -35.02 9.71
N VAL E 57 1.45 -36.19 9.50
CA VAL E 57 2.01 -37.45 9.97
C VAL E 57 2.17 -38.36 8.75
N ASP E 58 2.98 -39.40 8.91
CA ASP E 58 3.35 -40.27 7.81
C ASP E 58 2.58 -41.58 7.88
N GLU E 59 2.62 -42.32 6.77
CA GLU E 59 1.77 -43.49 6.58
C GLU E 59 2.31 -44.73 7.27
N TYR E 60 3.50 -44.69 7.83
CA TYR E 60 4.11 -45.85 8.48
C TYR E 60 4.78 -45.50 9.79
N THR E 61 4.37 -44.39 10.40
CA THR E 61 4.95 -43.94 11.67
C THR E 61 4.59 -44.92 12.78
N SER E 62 5.60 -45.36 13.53
CA SER E 62 5.35 -46.30 14.62
C SER E 62 4.60 -45.60 15.75
N ILE E 63 3.87 -46.40 16.53
CA ILE E 63 2.94 -45.88 17.52
C ILE E 63 3.68 -45.25 18.70
N GLY E 64 4.89 -45.75 18.99
CA GLY E 64 5.73 -45.07 19.97
C GLY E 64 6.14 -43.68 19.53
N GLU E 65 6.44 -43.53 18.23
CA GLU E 65 6.68 -42.20 17.68
C GLU E 65 5.43 -41.34 17.70
N LEU E 66 4.26 -41.96 17.58
CA LEU E 66 3.02 -41.22 17.64
C LEU E 66 2.78 -40.66 19.04
N ASN E 67 3.02 -41.49 20.06
CA ASN E 67 2.92 -41.03 21.44
C ASN E 67 4.01 -40.00 21.75
N ARG E 68 5.17 -40.14 21.11
CA ARG E 68 6.24 -39.15 21.24
C ARG E 68 5.80 -37.79 20.71
N LEU E 69 5.21 -37.79 19.52
CA LEU E 69 4.65 -36.57 18.92
C LEU E 69 3.57 -35.98 19.79
N TRP E 70 2.72 -36.83 20.36
CA TRP E 70 1.65 -36.34 21.22
C TRP E 70 2.19 -35.74 22.51
N GLU E 71 3.23 -36.33 23.08
CA GLU E 71 3.84 -35.79 24.28
C GLU E 71 4.52 -34.46 23.98
N MET E 72 5.08 -34.32 22.78
CA MET E 72 5.60 -33.02 22.39
C MET E 72 4.49 -32.00 22.17
N VAL E 73 3.33 -32.46 21.70
CA VAL E 73 2.18 -31.57 21.56
C VAL E 73 1.70 -31.10 22.92
N SER E 74 1.45 -32.04 23.83
CA SER E 74 1.00 -31.76 25.19
C SER E 74 2.03 -30.98 25.97
N GLU E 75 3.30 -31.08 25.60
CA GLU E 75 4.34 -30.26 26.19
C GLU E 75 4.12 -28.79 25.88
N LEU E 76 3.69 -28.48 24.66
CA LEU E 76 3.60 -27.11 24.22
C LEU E 76 2.35 -26.43 24.79
N PRO E 77 2.37 -25.11 24.93
CA PRO E 77 1.17 -24.39 25.35
C PRO E 77 0.07 -24.47 24.30
N GLU E 78 -1.17 -24.34 24.78
CA GLU E 78 -2.35 -24.67 24.00
C GLU E 78 -2.61 -23.68 22.88
N GLU E 79 -2.23 -22.42 23.07
CA GLU E 79 -2.31 -21.45 21.97
C GLU E 79 -1.32 -21.80 20.87
N LEU E 80 -0.21 -22.44 21.23
CA LEU E 80 0.72 -22.91 20.21
C LEU E 80 0.24 -24.22 19.63
N GLN E 81 -0.45 -25.03 20.44
CA GLN E 81 -1.10 -26.24 19.95
C GLN E 81 -2.20 -25.93 18.96
N SER E 82 -2.83 -24.76 19.09
CA SER E 82 -3.83 -24.32 18.14
C SER E 82 -3.24 -23.88 16.82
N GLU E 83 -1.97 -23.49 16.80
CA GLU E 83 -1.37 -22.87 15.62
C GLU E 83 -0.11 -23.62 15.22
N LEU E 84 -0.03 -24.88 15.62
CA LEU E 84 1.03 -25.79 15.15
C LEU E 84 1.11 -25.85 13.65
N SER E 85 -0.04 -25.81 12.97
CA SER E 85 -0.09 -25.83 11.52
C SER E 85 0.63 -24.62 10.93
N ALA E 86 0.44 -23.44 11.52
CA ALA E 86 1.12 -22.26 11.02
C ALA E 86 2.59 -22.25 11.42
N LEU E 87 2.91 -22.66 12.64
CA LEU E 87 4.28 -22.56 13.13
C LEU E 87 5.18 -23.58 12.45
N LEU E 88 4.66 -24.74 12.10
CA LEU E 88 5.46 -25.77 11.48
C LEU E 88 5.80 -25.45 10.04
N THR E 89 5.13 -24.47 9.44
CA THR E 89 5.50 -23.99 8.11
C THR E 89 6.90 -23.42 8.09
N HIS E 90 7.28 -22.66 9.11
CA HIS E 90 8.63 -22.15 9.19
C HIS E 90 9.63 -23.24 9.53
N PHE E 91 9.22 -24.18 10.39
CA PHE E 91 10.12 -25.20 10.86
C PHE E 91 9.97 -26.47 10.01
N SER E 92 10.53 -27.58 10.50
CA SER E 92 10.34 -28.87 9.85
C SER E 92 9.99 -29.99 10.82
N SER E 93 10.37 -29.91 12.08
CA SER E 93 10.01 -30.92 13.06
C SER E 93 9.65 -30.22 14.36
N ILE E 94 9.45 -31.03 15.40
CA ILE E 94 8.88 -30.54 16.65
C ILE E 94 9.96 -30.34 17.70
N GLU E 95 10.96 -31.22 17.72
CA GLU E 95 12.14 -31.00 18.55
C GLU E 95 12.88 -29.75 18.07
N GLU E 96 12.91 -29.56 16.75
CA GLU E 96 13.31 -28.29 16.16
C GLU E 96 12.48 -27.14 16.70
N LEU E 97 11.16 -27.33 16.78
CA LEU E 97 10.31 -26.33 17.38
C LEU E 97 10.56 -26.23 18.89
N SER E 98 10.90 -27.36 19.52
CA SER E 98 11.21 -27.34 20.94
C SER E 98 12.55 -26.69 21.25
N GLU E 99 13.40 -26.49 20.24
CA GLU E 99 14.62 -25.72 20.44
C GLU E 99 14.29 -24.26 20.70
N HIS E 100 13.52 -23.66 19.79
CA HIS E 100 13.22 -22.24 19.84
C HIS E 100 11.82 -21.97 20.36
N GLN E 101 11.30 -22.89 21.19
CA GLN E 101 9.99 -22.70 21.80
C GLN E 101 9.97 -21.57 22.81
N GLU E 102 11.14 -21.14 23.26
CA GLU E 102 11.33 -19.94 24.05
C GLU E 102 11.38 -18.68 23.20
N ASP E 103 11.51 -18.82 21.88
CA ASP E 103 11.84 -17.70 21.01
C ASP E 103 10.64 -17.17 20.24
N ILE E 104 9.44 -17.31 20.78
CA ILE E 104 8.22 -16.94 20.09
C ILE E 104 7.62 -15.75 20.81
N ILE E 105 7.41 -14.66 20.08
CA ILE E 105 6.72 -13.50 20.62
C ILE E 105 5.25 -13.62 20.24
N ILE E 106 4.40 -13.57 21.25
CA ILE E 106 2.96 -13.80 21.11
C ILE E 106 2.29 -12.44 21.10
N HIS E 107 1.39 -12.22 20.15
CA HIS E 107 0.60 -11.00 20.11
C HIS E 107 -0.87 -11.31 19.94
N SER E 108 -1.55 -11.51 21.07
CA SER E 108 -2.99 -11.34 21.09
C SER E 108 -3.34 -9.86 20.99
N ASP E 109 -2.48 -8.99 21.53
CA ASP E 109 -2.74 -7.56 21.51
C ASP E 109 -2.63 -7.00 20.10
N CYS E 110 -1.62 -7.43 19.35
CA CYS E 110 -1.41 -6.95 18.00
C CYS E 110 -2.11 -7.89 17.03
N ASP E 111 -2.83 -7.31 16.09
CA ASP E 111 -3.66 -8.10 15.19
C ASP E 111 -3.28 -7.97 13.73
N ASP E 112 -2.68 -6.86 13.31
CA ASP E 112 -2.04 -6.77 12.01
C ASP E 112 -0.61 -6.27 12.21
N MET E 113 0.04 -5.96 11.10
CA MET E 113 1.40 -5.45 11.16
C MET E 113 1.44 -4.03 11.71
N TYR E 114 0.38 -3.27 11.46
CA TYR E 114 0.23 -1.91 11.96
C TYR E 114 0.26 -1.89 13.47
N ASP E 115 -0.44 -2.83 14.09
CA ASP E 115 -0.46 -2.92 15.55
C ASP E 115 0.90 -3.33 16.10
N VAL E 116 1.62 -4.17 15.36
CA VAL E 116 2.98 -4.56 15.75
C VAL E 116 3.88 -3.33 15.76
N ALA E 117 3.78 -2.51 14.72
CA ALA E 117 4.58 -1.30 14.65
C ALA E 117 4.22 -0.33 15.76
N ARG E 118 2.93 -0.16 16.01
CA ARG E 118 2.50 0.77 17.05
C ARG E 118 2.88 0.28 18.43
N TYR E 119 2.89 -1.03 18.65
CA TYR E 119 3.34 -1.57 19.92
C TYR E 119 4.82 -1.37 20.13
N TYR E 120 5.64 -1.78 19.14
CA TYR E 120 7.08 -1.71 19.31
C TYR E 120 7.59 -0.28 19.28
N ILE E 121 6.80 0.66 18.78
CA ILE E 121 7.22 2.05 18.87
C ILE E 121 6.69 2.71 20.12
N GLU E 122 5.39 2.67 20.35
CA GLU E 122 4.78 3.53 21.35
C GLU E 122 5.01 2.98 22.75
N GLU E 123 4.46 1.80 23.03
CA GLU E 123 4.49 1.29 24.39
C GLU E 123 5.83 0.70 24.76
N THR E 124 6.53 0.14 23.79
CA THR E 124 7.89 -0.31 24.03
C THR E 124 8.81 0.88 24.28
N GLY E 125 8.57 1.99 23.59
CA GLY E 125 9.39 3.16 23.74
C GLY E 125 10.75 2.95 23.10
N ALA E 126 10.74 2.53 21.83
CA ALA E 126 11.98 2.24 21.13
C ALA E 126 12.72 3.50 20.70
N LEU E 127 12.09 4.67 20.84
CA LEU E 127 12.69 5.93 20.48
C LEU E 127 12.51 7.03 21.50
N GLY E 128 11.62 6.86 22.47
CA GLY E 128 11.54 7.81 23.57
C GLY E 128 10.55 8.92 23.32
N GLU E 129 11.06 10.07 22.85
CA GLU E 129 10.23 11.24 22.62
C GLU E 129 9.17 10.98 21.57
N VAL E 130 7.92 11.24 21.95
CA VAL E 130 6.85 11.39 20.97
C VAL E 130 6.32 12.81 21.17
N PRO E 131 6.89 13.81 20.51
CA PRO E 131 6.33 15.17 20.61
C PRO E 131 4.97 15.24 19.94
N ALA E 132 4.15 16.19 20.40
CA ALA E 132 2.83 16.38 19.79
C ALA E 132 2.96 16.90 18.36
N SER E 133 4.07 17.56 18.04
CA SER E 133 4.37 17.92 16.67
C SER E 133 4.82 16.70 15.87
N LEU E 134 5.13 15.61 16.55
CA LEU E 134 5.65 14.44 15.87
C LEU E 134 4.77 13.21 16.15
N GLN E 135 3.66 13.41 16.86
CA GLN E 135 2.86 12.31 17.37
C GLN E 135 2.21 11.48 16.27
N ASN E 136 1.61 12.14 15.27
CA ASN E 136 1.03 11.41 14.15
C ASN E 136 2.09 10.81 13.27
N TYR E 137 3.28 11.38 13.32
CA TYR E 137 4.19 11.35 12.20
C TYR E 137 5.24 10.30 12.40
N ILE E 138 4.74 9.07 12.45
CA ILE E 138 5.54 7.87 12.62
C ILE E 138 4.93 6.86 11.67
N ASP E 139 5.61 6.59 10.55
CA ASP E 139 5.03 5.73 9.52
C ASP E 139 5.02 4.29 9.99
N TYR E 140 3.89 3.89 10.58
CA TYR E 140 3.73 2.53 11.07
C TYR E 140 3.72 1.54 9.91
N GLN E 141 3.26 1.98 8.74
CA GLN E 141 3.19 1.11 7.57
C GLN E 141 4.59 0.74 7.10
N ALA E 142 5.45 1.73 6.89
CA ALA E 142 6.81 1.45 6.48
C ALA E 142 7.60 0.76 7.57
N TYR E 143 7.29 1.05 8.82
CA TYR E 143 7.96 0.38 9.93
C TYR E 143 7.60 -1.10 9.93
N GLY E 144 6.35 -1.41 9.62
CA GLY E 144 5.94 -2.79 9.51
C GLY E 144 6.51 -3.47 8.29
N ARG E 145 6.67 -2.73 7.20
CA ARG E 145 7.34 -3.29 6.02
C ARG E 145 8.79 -3.64 6.34
N ASP E 146 9.47 -2.78 7.08
CA ASP E 146 10.88 -3.02 7.38
C ASP E 146 11.04 -4.15 8.38
N LEU E 147 10.14 -4.23 9.36
CA LEU E 147 10.17 -5.37 10.28
C LEU E 147 9.78 -6.65 9.57
N ASP E 148 8.92 -6.57 8.55
CA ASP E 148 8.56 -7.76 7.79
C ASP E 148 9.73 -8.22 6.95
N LEU E 149 10.52 -7.29 6.44
CA LEU E 149 11.76 -7.65 5.76
C LEU E 149 12.74 -8.29 6.72
N SER E 150 12.88 -7.74 7.92
CA SER E 150 13.85 -8.28 8.85
C SER E 150 13.28 -9.49 9.60
N GLY E 151 12.20 -9.28 10.35
CA GLY E 151 11.75 -10.31 11.28
C GLY E 151 10.90 -11.37 10.60
N THR E 152 10.99 -12.58 11.13
CA THR E 152 10.12 -13.67 10.72
C THR E 152 8.79 -13.54 11.45
N PHE E 153 7.74 -13.21 10.72
CA PHE E 153 6.43 -12.98 11.30
C PHE E 153 5.44 -13.99 10.77
N ILE E 154 4.48 -14.37 11.60
CA ILE E 154 3.42 -15.29 11.18
C ILE E 154 2.09 -14.71 11.63
N SER E 155 1.19 -14.52 10.69
CA SER E 155 -0.15 -14.02 10.96
C SER E 155 -1.06 -15.22 11.23
N THR E 156 -1.70 -15.23 12.39
CA THR E 156 -2.54 -16.32 12.82
C THR E 156 -3.92 -15.81 13.23
N ASN E 157 -4.70 -16.73 13.80
CA ASN E 157 -6.02 -16.39 14.30
C ASN E 157 -5.93 -15.70 15.65
N HIS E 158 -5.18 -16.29 16.58
CA HIS E 158 -5.16 -15.80 17.95
C HIS E 158 -4.26 -14.58 18.11
N GLY E 159 -3.46 -14.27 17.11
CA GLY E 159 -2.59 -13.11 17.18
C GLY E 159 -1.52 -13.19 16.10
N ILE E 160 -0.40 -12.53 16.37
CA ILE E 160 0.76 -12.56 15.48
C ILE E 160 1.90 -13.18 16.27
N PHE E 161 2.59 -14.12 15.64
CA PHE E 161 3.70 -14.80 16.30
C PHE E 161 4.99 -14.43 15.59
N GLU E 162 5.92 -13.85 16.35
CA GLU E 162 7.20 -13.42 15.83
C GLU E 162 8.23 -14.46 16.19
N ILE E 163 8.77 -15.13 15.19
CA ILE E 163 9.94 -15.98 15.37
C ILE E 163 11.13 -15.05 15.35
N VAL E 164 11.53 -14.61 16.51
CA VAL E 164 12.81 -13.94 16.69
C VAL E 164 13.81 -15.02 17.05
N TYR E 165 15.05 -14.86 16.63
CA TYR E 165 16.06 -15.79 17.10
C TYR E 165 16.61 -15.28 18.41
N GLU F 11 -27.72 -8.73 17.58
CA GLU F 11 -27.05 -7.68 18.32
C GLU F 11 -26.44 -6.69 17.33
N LEU F 12 -26.32 -5.43 17.77
CA LEU F 12 -25.85 -4.34 16.93
C LEU F 12 -24.43 -4.59 16.42
N HIS F 13 -23.48 -4.68 17.33
CA HIS F 13 -22.10 -4.91 16.95
C HIS F 13 -21.86 -6.32 16.44
N ARG F 14 -22.76 -7.27 16.72
CA ARG F 14 -22.61 -8.61 16.13
C ARG F 14 -22.92 -8.58 14.64
N GLN F 15 -23.98 -7.89 14.26
CA GLN F 15 -24.28 -7.74 12.85
C GLN F 15 -23.26 -6.83 12.17
N ILE F 16 -22.77 -5.83 12.90
CA ILE F 16 -21.66 -5.01 12.43
C ILE F 16 -20.43 -5.87 12.19
N TRP F 17 -20.20 -6.86 13.06
CA TRP F 17 -19.09 -7.80 12.90
C TRP F 17 -19.32 -8.71 11.70
N GLN F 18 -20.58 -9.11 11.47
CA GLN F 18 -20.95 -9.88 10.29
C GLN F 18 -20.59 -9.13 9.02
N ILE F 19 -20.87 -7.84 9.00
CA ILE F 19 -20.47 -7.04 7.86
C ILE F 19 -18.97 -6.87 7.81
N ALA F 20 -18.33 -6.78 8.97
CA ALA F 20 -16.90 -6.56 9.01
C ALA F 20 -16.12 -7.81 8.63
N ASN F 21 -16.78 -8.96 8.55
CA ASN F 21 -16.08 -10.15 8.07
C ASN F 21 -16.63 -10.63 6.73
N ASP F 22 -17.92 -10.92 6.69
CA ASP F 22 -18.45 -11.88 5.73
C ASP F 22 -18.48 -11.30 4.33
N VAL F 23 -19.07 -10.12 4.19
CA VAL F 23 -19.17 -9.50 2.88
C VAL F 23 -17.85 -8.91 2.43
N ARG F 24 -16.89 -8.72 3.34
CA ARG F 24 -15.61 -8.13 2.97
C ARG F 24 -14.78 -9.19 2.25
N GLY F 25 -15.02 -9.29 0.95
CA GLY F 25 -14.32 -10.24 0.11
C GLY F 25 -14.76 -10.15 -1.34
N SER F 26 -13.82 -10.20 -2.28
CA SER F 26 -12.42 -10.51 -2.01
C SER F 26 -11.44 -9.50 -2.61
N VAL F 27 -11.75 -8.22 -2.47
CA VAL F 27 -10.89 -7.13 -2.95
C VAL F 27 -11.03 -5.98 -1.94
N ASP F 28 -10.32 -4.89 -2.20
CA ASP F 28 -10.51 -3.62 -1.49
C ASP F 28 -11.97 -3.18 -1.45
N GLY F 29 -12.39 -2.70 -0.28
CA GLY F 29 -13.78 -2.45 0.01
C GLY F 29 -14.41 -1.33 -0.78
N TRP F 30 -13.60 -0.42 -1.32
CA TRP F 30 -14.14 0.69 -2.11
C TRP F 30 -14.68 0.24 -3.44
N ASP F 31 -14.27 -0.92 -3.93
CA ASP F 31 -14.76 -1.43 -5.20
C ASP F 31 -15.99 -2.29 -5.02
N PHE F 32 -16.01 -3.19 -4.04
CA PHE F 32 -17.20 -4.00 -3.84
C PHE F 32 -18.21 -3.31 -2.95
N LYS F 33 -17.87 -2.12 -2.44
CA LYS F 33 -18.77 -1.32 -1.61
C LYS F 33 -20.07 -1.02 -2.35
N GLN F 34 -19.94 -0.65 -3.62
CA GLN F 34 -21.09 -0.32 -4.45
C GLN F 34 -22.02 -1.51 -4.58
N TYR F 35 -21.44 -2.69 -4.79
CA TYR F 35 -22.23 -3.90 -4.95
C TYR F 35 -22.93 -4.27 -3.65
N VAL F 36 -22.22 -4.15 -2.53
CA VAL F 36 -22.78 -4.48 -1.23
C VAL F 36 -23.93 -3.55 -0.88
N LEU F 37 -23.71 -2.25 -1.05
CA LEU F 37 -24.75 -1.29 -0.70
C LEU F 37 -25.92 -1.37 -1.67
N GLY F 38 -25.67 -1.73 -2.92
CA GLY F 38 -26.77 -1.92 -3.84
C GLY F 38 -27.64 -3.09 -3.48
N ALA F 39 -27.03 -4.21 -3.10
CA ALA F 39 -27.79 -5.36 -2.66
C ALA F 39 -28.56 -5.07 -1.38
N LEU F 40 -27.92 -4.30 -0.48
CA LEU F 40 -28.55 -3.91 0.76
C LEU F 40 -29.76 -3.02 0.51
N PHE F 41 -29.62 -2.09 -0.42
CA PHE F 41 -30.68 -1.16 -0.75
C PHE F 41 -31.82 -1.87 -1.46
N TYR F 42 -31.49 -2.84 -2.30
CA TYR F 42 -32.50 -3.63 -2.98
C TYR F 42 -33.29 -4.47 -1.99
N ARG F 43 -32.60 -5.04 -1.01
CA ARG F 43 -33.29 -5.77 0.05
C ARG F 43 -34.19 -4.85 0.86
N PHE F 44 -33.75 -3.60 1.07
CA PHE F 44 -34.57 -2.64 1.79
C PHE F 44 -35.84 -2.32 1.03
N ILE F 45 -35.72 -2.07 -0.28
CA ILE F 45 -36.90 -1.76 -1.07
C ILE F 45 -37.82 -2.97 -1.13
N SER F 46 -37.24 -4.18 -1.18
CA SER F 46 -38.01 -5.41 -1.14
C SER F 46 -38.85 -5.50 0.13
N GLU F 47 -38.22 -5.28 1.28
CA GLU F 47 -38.92 -5.37 2.55
C GLU F 47 -39.92 -4.24 2.72
N ASN F 48 -39.58 -3.05 2.25
CA ASN F 48 -40.47 -1.90 2.41
C ASN F 48 -41.69 -2.04 1.52
N PHE F 49 -41.49 -2.45 0.28
CA PHE F 49 -42.58 -2.58 -0.68
C PHE F 49 -43.49 -3.72 -0.30
N SER F 50 -42.90 -4.82 0.19
CA SER F 50 -43.69 -5.95 0.68
C SER F 50 -44.49 -5.56 1.91
N SER F 51 -43.91 -4.73 2.78
CA SER F 51 -44.66 -4.26 3.93
C SER F 51 -45.78 -3.32 3.52
N TYR F 52 -45.54 -2.50 2.51
CA TYR F 52 -46.55 -1.53 2.11
C TYR F 52 -47.73 -2.20 1.42
N ILE F 53 -47.47 -3.20 0.58
CA ILE F 53 -48.57 -3.84 -0.14
C ILE F 53 -49.46 -4.67 0.74
N GLU F 54 -49.05 -4.96 1.98
CA GLU F 54 -49.91 -5.59 2.96
C GLU F 54 -50.88 -4.61 3.60
N ALA F 55 -50.77 -3.33 3.26
CA ALA F 55 -51.70 -2.33 3.74
C ALA F 55 -52.16 -1.49 2.57
N THR F 71 -53.09 -11.62 1.50
CA THR F 71 -52.56 -10.88 2.64
C THR F 71 -51.36 -11.60 3.26
N ASP F 72 -50.70 -12.43 2.46
CA ASP F 72 -49.50 -13.15 2.88
C ASP F 72 -48.44 -13.12 1.80
N ASP F 73 -48.15 -11.94 1.27
CA ASP F 73 -47.06 -11.82 0.30
C ASP F 73 -45.70 -11.88 0.99
N ILE F 74 -45.36 -13.07 1.47
CA ILE F 74 -43.96 -13.52 1.46
C ILE F 74 -43.66 -14.10 0.08
N LYS F 75 -44.71 -14.46 -0.66
CA LYS F 75 -44.62 -14.81 -2.08
C LYS F 75 -45.77 -14.12 -2.82
N ASP F 76 -45.43 -13.38 -3.87
CA ASP F 76 -46.32 -12.46 -4.55
C ASP F 76 -47.26 -13.14 -5.54
N ASP F 77 -47.87 -12.33 -6.39
CA ASP F 77 -48.77 -12.76 -7.46
C ASP F 77 -48.81 -11.68 -8.53
N ALA F 78 -48.79 -12.11 -9.79
CA ALA F 78 -48.63 -11.20 -10.93
C ALA F 78 -50.00 -10.68 -11.38
N ILE F 79 -50.55 -9.77 -10.57
CA ILE F 79 -51.91 -9.31 -10.74
C ILE F 79 -51.91 -7.77 -10.76
N LYS F 80 -50.83 -7.19 -11.31
CA LYS F 80 -50.55 -5.75 -11.26
C LYS F 80 -51.67 -4.91 -11.84
N THR F 81 -52.27 -4.05 -11.00
CA THR F 81 -53.37 -3.19 -11.37
C THR F 81 -52.87 -1.76 -11.45
N LYS F 82 -52.95 -1.17 -12.66
CA LYS F 82 -52.35 0.13 -12.90
C LYS F 82 -53.07 1.24 -12.15
N GLY F 83 -54.40 1.15 -12.05
CA GLY F 83 -55.15 2.06 -11.21
C GLY F 83 -54.86 1.90 -9.74
N TYR F 84 -54.31 0.76 -9.34
CA TYR F 84 -53.82 0.59 -7.99
C TYR F 84 -52.30 0.80 -7.91
N PHE F 85 -51.56 0.42 -8.95
CA PHE F 85 -50.11 0.61 -8.93
C PHE F 85 -49.70 2.05 -9.13
N ILE F 86 -50.62 2.94 -9.50
CA ILE F 86 -50.28 4.35 -9.53
C ILE F 86 -50.18 4.91 -8.13
N TYR F 87 -50.83 4.28 -7.16
CA TYR F 87 -50.83 4.74 -5.78
C TYR F 87 -49.48 4.64 -5.08
N PRO F 88 -48.63 3.63 -5.33
CA PRO F 88 -47.24 3.80 -4.90
C PRO F 88 -46.51 4.87 -5.67
N SER F 89 -46.78 5.01 -6.98
CA SER F 89 -46.16 6.07 -7.75
C SER F 89 -46.64 7.44 -7.30
N GLN F 90 -47.84 7.51 -6.74
CA GLN F 90 -48.25 8.72 -6.04
C GLN F 90 -47.64 8.78 -4.64
N LEU F 91 -47.27 7.63 -4.09
CA LEU F 91 -47.01 7.55 -2.66
C LEU F 91 -45.56 7.22 -2.33
N PHE F 92 -45.03 6.11 -2.84
CA PHE F 92 -43.63 5.78 -2.63
C PHE F 92 -42.80 5.97 -3.87
N CYS F 93 -43.43 6.07 -5.04
CA CYS F 93 -42.80 6.30 -6.35
C CYS F 93 -41.73 5.25 -6.66
N ASN F 94 -41.93 4.03 -6.19
CA ASN F 94 -41.16 2.90 -6.68
C ASN F 94 -42.05 1.66 -6.59
N VAL F 95 -42.74 1.36 -7.68
CA VAL F 95 -43.33 0.04 -7.82
C VAL F 95 -42.19 -0.88 -8.21
N ALA F 96 -41.82 -1.79 -7.30
CA ALA F 96 -40.67 -2.66 -7.51
C ALA F 96 -40.89 -3.56 -8.70
N ALA F 97 -41.85 -4.48 -8.58
CA ALA F 97 -42.42 -5.27 -9.66
C ALA F 97 -43.59 -6.04 -9.06
N LYS F 98 -44.14 -6.95 -9.85
CA LYS F 98 -44.96 -8.00 -9.26
C LYS F 98 -44.12 -8.90 -8.39
N ALA F 99 -43.19 -9.63 -8.99
CA ALA F 99 -42.48 -10.69 -8.28
C ALA F 99 -41.00 -10.64 -8.58
N ASN F 100 -40.41 -9.46 -8.50
CA ASN F 100 -38.98 -9.34 -8.73
C ASN F 100 -38.30 -8.67 -7.54
N THR F 101 -38.60 -9.15 -6.35
CA THR F 101 -38.00 -8.65 -5.13
C THR F 101 -36.95 -9.62 -4.63
N ASN F 102 -36.25 -9.22 -3.57
CA ASN F 102 -35.13 -10.01 -3.07
C ASN F 102 -35.61 -11.30 -2.41
N ASP F 103 -36.75 -11.23 -1.71
CA ASP F 103 -37.40 -12.44 -1.20
C ASP F 103 -37.77 -13.38 -2.35
N ARG F 104 -38.11 -12.81 -3.50
CA ARG F 104 -38.46 -13.60 -4.66
C ARG F 104 -37.25 -13.87 -5.53
N LEU F 105 -36.18 -13.08 -5.38
CA LEU F 105 -34.90 -13.43 -5.99
C LEU F 105 -34.26 -14.61 -5.30
N ASN F 106 -34.56 -14.80 -4.01
CA ASN F 106 -33.84 -15.79 -3.22
C ASN F 106 -34.13 -17.21 -3.69
N ALA F 107 -35.32 -17.46 -4.22
CA ALA F 107 -35.61 -18.76 -4.82
C ALA F 107 -34.79 -18.95 -6.08
N ASP F 108 -34.79 -17.95 -6.97
CA ASP F 108 -33.99 -17.97 -8.18
C ASP F 108 -32.55 -17.54 -7.94
N LEU F 109 -32.18 -17.32 -6.69
CA LEU F 109 -30.77 -17.13 -6.36
C LEU F 109 -30.03 -18.43 -6.63
N ASN F 110 -28.76 -18.26 -7.03
CA ASN F 110 -27.95 -19.30 -7.67
C ASN F 110 -28.68 -19.85 -8.91
N SER F 111 -28.86 -18.97 -9.88
CA SER F 111 -29.34 -19.36 -11.20
C SER F 111 -28.88 -18.32 -12.21
N ILE F 112 -28.74 -18.79 -13.46
CA ILE F 112 -28.62 -17.92 -14.62
C ILE F 112 -29.80 -16.97 -14.65
N PHE F 113 -29.54 -15.66 -14.64
CA PHE F 113 -28.26 -15.00 -14.97
C PHE F 113 -27.98 -13.71 -14.19
N VAL F 114 -27.08 -12.90 -14.74
CA VAL F 114 -26.65 -11.68 -14.06
C VAL F 114 -27.70 -10.57 -14.18
N ALA F 115 -28.09 -10.22 -15.40
CA ALA F 115 -28.64 -8.91 -15.66
C ALA F 115 -30.13 -8.79 -15.36
N ILE F 116 -30.72 -9.74 -14.63
CA ILE F 116 -32.09 -9.55 -14.17
C ILE F 116 -32.13 -8.37 -13.20
N GLU F 117 -31.13 -8.22 -12.35
CA GLU F 117 -31.02 -7.01 -11.55
C GLU F 117 -30.74 -5.79 -12.42
N SER F 118 -30.05 -5.95 -13.55
CA SER F 118 -29.82 -4.81 -14.43
C SER F 118 -31.11 -4.38 -15.09
N SER F 119 -32.00 -5.34 -15.36
CA SER F 119 -33.33 -5.00 -15.80
C SER F 119 -34.12 -4.34 -14.67
N ALA F 120 -34.20 -5.02 -13.54
CA ALA F 120 -34.96 -4.62 -12.36
C ALA F 120 -34.37 -3.41 -11.64
N TYR F 121 -33.29 -2.85 -12.15
CA TYR F 121 -32.96 -1.46 -11.93
C TYR F 121 -33.71 -0.55 -12.87
N GLY F 122 -33.70 -0.89 -14.15
CA GLY F 122 -34.21 0.03 -15.16
C GLY F 122 -35.70 0.20 -15.10
N TYR F 123 -36.43 -0.88 -14.84
CA TYR F 123 -37.89 -0.81 -14.79
C TYR F 123 -38.44 0.03 -13.64
N PRO F 124 -38.03 -0.14 -12.36
CA PRO F 124 -38.60 0.73 -11.33
C PRO F 124 -38.10 2.16 -11.44
N SER F 125 -36.97 2.35 -12.11
CA SER F 125 -36.48 3.67 -12.41
C SER F 125 -37.07 4.24 -13.70
N GLU F 126 -38.18 3.69 -14.20
CA GLU F 126 -38.86 4.36 -15.30
C GLU F 126 -39.71 5.51 -14.79
N ALA F 127 -40.75 5.18 -14.02
CA ALA F 127 -41.39 5.96 -12.95
C ALA F 127 -41.37 7.49 -13.09
N ASP F 128 -41.87 8.01 -14.20
CA ASP F 128 -41.73 9.44 -14.48
C ASP F 128 -42.75 10.32 -13.78
N ILE F 129 -43.55 9.77 -12.86
CA ILE F 129 -44.72 10.46 -12.33
C ILE F 129 -44.68 10.39 -10.81
N LYS F 130 -44.36 11.51 -10.14
CA LYS F 130 -43.74 12.72 -10.70
C LYS F 130 -42.52 13.04 -9.85
N GLY F 131 -41.57 13.79 -10.41
CA GLY F 131 -40.41 14.18 -9.63
C GLY F 131 -39.48 13.02 -9.37
N LEU F 132 -38.80 12.58 -10.43
CA LEU F 132 -38.29 11.22 -10.59
C LEU F 132 -37.40 10.77 -9.43
N PHE F 133 -36.43 11.60 -9.03
CA PHE F 133 -35.46 11.33 -7.96
C PHE F 133 -34.74 9.99 -8.20
N ALA F 134 -34.14 9.90 -9.38
CA ALA F 134 -33.85 8.62 -10.00
C ALA F 134 -32.55 8.75 -10.78
N ASP F 135 -32.38 7.88 -11.78
CA ASP F 135 -31.14 7.65 -12.54
C ASP F 135 -30.05 7.23 -11.56
N PHE F 136 -30.28 6.09 -10.94
CA PHE F 136 -29.84 6.01 -9.58
C PHE F 136 -29.05 4.78 -9.20
N ASP F 137 -29.44 3.60 -9.67
CA ASP F 137 -28.75 2.36 -9.29
C ASP F 137 -27.66 2.01 -10.27
N THR F 138 -26.67 2.88 -10.41
CA THR F 138 -25.70 2.82 -11.47
C THR F 138 -24.45 2.04 -11.09
N THR F 139 -24.57 1.06 -10.20
CA THR F 139 -23.38 0.43 -9.63
C THR F 139 -22.82 -0.66 -10.54
N SER F 140 -23.57 -1.74 -10.73
CA SER F 140 -23.00 -2.98 -11.23
C SER F 140 -22.87 -2.95 -12.74
N ASN F 141 -21.65 -3.12 -13.25
CA ASN F 141 -21.38 -2.93 -14.67
C ASN F 141 -20.94 -4.17 -15.44
N ARG F 142 -19.86 -4.90 -15.10
CA ARG F 142 -19.05 -4.94 -13.88
C ARG F 142 -17.68 -5.58 -14.13
N LEU F 143 -16.83 -5.57 -13.12
CA LEU F 143 -15.58 -6.31 -13.14
C LEU F 143 -15.33 -6.98 -11.79
N GLY F 144 -15.16 -8.31 -11.78
CA GLY F 144 -15.40 -9.17 -12.93
C GLY F 144 -14.27 -9.47 -13.90
N ASN F 145 -14.14 -10.72 -14.26
CA ASN F 145 -13.31 -11.05 -15.41
C ASN F 145 -13.99 -11.96 -16.41
N THR F 146 -14.79 -12.93 -15.94
CA THR F 146 -15.59 -13.79 -16.79
C THR F 146 -17.01 -13.84 -16.25
N VAL F 147 -17.92 -14.32 -17.10
CA VAL F 147 -19.35 -14.20 -16.83
C VAL F 147 -19.78 -15.13 -15.70
N LYS F 148 -19.23 -16.35 -15.65
CA LYS F 148 -19.55 -17.24 -14.55
C LYS F 148 -18.94 -16.76 -13.24
N ASP F 149 -17.77 -16.14 -13.32
CA ASP F 149 -17.17 -15.51 -12.15
C ASP F 149 -18.03 -14.38 -11.62
N LYS F 150 -18.53 -13.53 -12.52
CA LYS F 150 -19.44 -12.46 -12.14
C LYS F 150 -20.71 -13.02 -11.51
N ASN F 151 -21.22 -14.11 -12.08
CA ASN F 151 -22.44 -14.72 -11.58
C ASN F 151 -22.24 -15.31 -10.19
N ALA F 152 -21.11 -15.99 -9.98
CA ALA F 152 -20.83 -16.57 -8.68
C ALA F 152 -20.57 -15.50 -7.64
N ARG F 153 -19.92 -14.40 -8.04
CA ARG F 153 -19.65 -13.33 -7.10
C ARG F 153 -20.93 -12.62 -6.69
N LEU F 154 -21.82 -12.36 -7.66
CA LEU F 154 -23.07 -11.71 -7.31
C LEU F 154 -23.96 -12.62 -6.49
N ALA F 155 -23.90 -13.92 -6.77
CA ALA F 155 -24.65 -14.88 -5.96
C ALA F 155 -24.13 -14.90 -4.54
N ALA F 156 -22.80 -14.81 -4.37
CA ALA F 156 -22.21 -14.77 -3.04
C ALA F 156 -22.60 -13.50 -2.31
N VAL F 157 -22.59 -12.37 -3.01
CA VAL F 157 -22.95 -11.10 -2.39
C VAL F 157 -24.42 -11.08 -2.00
N LEU F 158 -25.29 -11.54 -2.90
CA LEU F 158 -26.70 -11.56 -2.61
C LEU F 158 -27.06 -12.57 -1.53
N LYS F 159 -26.31 -13.67 -1.44
CA LYS F 159 -26.55 -14.60 -0.35
C LYS F 159 -26.08 -14.01 0.97
N GLY F 160 -24.93 -13.34 0.96
CA GLY F 160 -24.39 -12.79 2.19
C GLY F 160 -25.24 -11.64 2.72
N VAL F 161 -25.75 -10.80 1.82
CA VAL F 161 -26.74 -9.81 2.22
C VAL F 161 -28.02 -10.51 2.66
N GLU F 162 -28.41 -11.56 1.93
CA GLU F 162 -29.59 -12.33 2.29
C GLU F 162 -29.39 -13.07 3.59
N GLY F 163 -28.19 -13.57 3.83
CA GLY F 163 -27.89 -14.26 5.07
C GLY F 163 -27.55 -13.31 6.20
N LEU F 164 -28.49 -12.42 6.54
CA LEU F 164 -28.32 -11.51 7.66
C LEU F 164 -29.56 -11.59 8.53
N LYS F 165 -29.44 -11.05 9.74
CA LYS F 165 -30.50 -11.10 10.74
C LYS F 165 -30.90 -9.66 11.02
N LEU F 166 -31.86 -9.15 10.25
CA LEU F 166 -32.16 -7.72 10.24
C LEU F 166 -33.59 -7.47 10.69
N GLY F 167 -34.16 -8.44 11.40
CA GLY F 167 -35.51 -8.32 11.91
C GLY F 167 -36.58 -8.38 10.84
N ILE F 174 -35.74 -4.26 11.73
CA ILE F 174 -36.62 -3.63 10.76
C ILE F 174 -36.34 -2.12 10.73
N ASP F 175 -35.85 -1.60 11.85
CA ASP F 175 -35.47 -0.20 11.96
C ASP F 175 -33.99 0.02 12.14
N LEU F 176 -33.26 -1.01 12.57
CA LEU F 176 -31.82 -0.93 12.73
C LEU F 176 -31.10 -1.26 11.43
N PHE F 177 -31.57 -0.68 10.35
CA PHE F 177 -31.08 -1.04 9.04
C PHE F 177 -30.07 -0.01 8.57
N GLY F 178 -30.37 1.26 8.82
CA GLY F 178 -29.45 2.32 8.46
C GLY F 178 -28.21 2.35 9.30
N ASP F 179 -28.24 1.74 10.50
CA ASP F 179 -27.05 1.66 11.35
C ASP F 179 -25.96 0.84 10.67
N ALA F 180 -26.36 -0.20 9.92
CA ALA F 180 -25.39 -0.96 9.15
C ALA F 180 -24.77 -0.11 8.07
N TYR F 181 -25.56 0.76 7.46
CA TYR F 181 -25.04 1.68 6.46
C TYR F 181 -24.10 2.69 7.12
N GLU F 182 -24.43 3.09 8.34
CA GLU F 182 -23.57 3.99 9.11
C GLU F 182 -22.23 3.35 9.39
N PHE F 183 -22.22 2.06 9.72
CA PHE F 183 -20.96 1.40 9.97
C PHE F 183 -20.19 1.19 8.67
N LEU F 184 -20.89 0.81 7.60
CA LEU F 184 -20.18 0.45 6.38
C LEU F 184 -19.59 1.68 5.72
N ILE F 185 -20.28 2.80 5.83
CA ILE F 185 -19.68 4.04 5.35
C ILE F 185 -18.56 4.47 6.28
N SER F 186 -18.55 4.02 7.53
CA SER F 186 -17.45 4.32 8.44
C SER F 186 -16.44 3.18 8.35
N ASN F 187 -15.98 2.94 7.13
CA ASN F 187 -14.81 2.11 6.93
C ASN F 187 -13.56 2.95 7.17
N TYR F 188 -12.40 2.29 7.12
CA TYR F 188 -11.15 2.94 7.49
C TYR F 188 -10.75 4.03 6.50
N ALA F 189 -11.16 3.90 5.24
CA ALA F 189 -10.82 4.79 4.13
C ALA F 189 -9.31 4.93 3.94
N PHE F 200 -15.24 9.60 8.93
CA PHE F 200 -15.81 10.65 8.08
C PHE F 200 -16.85 11.43 8.86
N THR F 201 -16.38 12.49 9.56
CA THR F 201 -17.16 13.36 10.42
C THR F 201 -17.91 12.55 11.47
N PRO F 202 -17.21 12.15 12.55
CA PRO F 202 -17.83 11.27 13.56
C PRO F 202 -19.03 11.90 14.22
N GLN F 203 -19.91 11.02 14.72
CA GLN F 203 -21.31 11.36 14.97
C GLN F 203 -21.48 12.43 16.05
N HIS F 204 -20.54 12.51 16.99
CA HIS F 204 -20.65 13.53 18.02
C HIS F 204 -20.34 14.91 17.47
N VAL F 205 -19.44 14.99 16.48
CA VAL F 205 -19.14 16.27 15.86
C VAL F 205 -20.33 16.76 15.05
N SER F 206 -20.95 15.84 14.31
CA SER F 206 -22.17 16.14 13.58
C SER F 206 -23.29 16.55 14.51
N LYS F 207 -23.38 15.87 15.66
CA LYS F 207 -24.36 16.22 16.68
C LYS F 207 -24.10 17.61 17.22
N LEU F 208 -22.83 17.97 17.35
CA LEU F 208 -22.47 19.30 17.82
C LEU F 208 -22.88 20.35 16.81
N ILE F 209 -22.73 20.04 15.53
CA ILE F 209 -23.17 20.96 14.50
C ILE F 209 -24.68 21.11 14.53
N ALA F 210 -25.38 20.00 14.78
CA ALA F 210 -26.83 20.03 14.84
C ALA F 210 -27.33 20.83 16.02
N GLN F 211 -26.72 20.64 17.19
CA GLN F 211 -27.12 21.41 18.36
C GLN F 211 -26.73 22.87 18.24
N LEU F 212 -25.63 23.14 17.55
CA LEU F 212 -25.35 24.52 17.18
C LEU F 212 -26.37 25.04 16.19
N ALA F 213 -26.86 24.18 15.32
CA ALA F 213 -27.90 24.60 14.41
C ALA F 213 -29.25 24.76 15.09
N MET F 214 -29.43 24.25 16.30
CA MET F 214 -30.75 24.14 16.89
C MET F 214 -30.79 24.64 18.32
N HIS F 215 -31.47 25.76 18.54
CA HIS F 215 -32.08 26.06 19.83
C HIS F 215 -33.21 27.06 19.62
N GLY F 216 -34.34 26.79 20.28
CA GLY F 216 -35.50 27.67 20.22
C GLY F 216 -36.15 27.74 18.86
N GLN F 217 -36.31 26.61 18.20
CA GLN F 217 -36.58 26.62 16.77
C GLN F 217 -37.46 25.45 16.37
N THR F 218 -38.70 25.75 15.95
CA THR F 218 -39.52 24.82 15.16
C THR F 218 -40.08 25.68 14.03
N HIS F 219 -39.30 25.84 12.96
CA HIS F 219 -39.60 26.89 11.99
C HIS F 219 -39.20 26.42 10.61
N VAL F 220 -40.22 26.15 9.79
CA VAL F 220 -40.04 25.84 8.38
C VAL F 220 -39.39 27.04 7.68
N ASN F 221 -38.30 26.80 6.95
CA ASN F 221 -37.75 25.46 6.76
C ASN F 221 -36.43 25.16 7.39
N LYS F 222 -36.19 23.86 7.44
CA LYS F 222 -34.85 23.31 7.43
C LYS F 222 -34.90 22.17 6.42
N ILE F 223 -33.82 21.92 5.67
CA ILE F 223 -32.52 22.55 5.82
C ILE F 223 -32.01 22.77 4.41
N TYR F 224 -30.99 23.61 4.28
CA TYR F 224 -30.16 23.60 3.09
C TYR F 224 -28.76 23.18 3.46
N ASP F 225 -28.12 22.46 2.55
CA ASP F 225 -26.76 22.11 2.74
C ASP F 225 -26.04 22.51 1.46
N PRO F 226 -25.02 23.31 1.56
CA PRO F 226 -24.09 23.42 0.43
C PRO F 226 -22.94 22.46 0.60
N ALA F 227 -22.55 21.80 -0.50
CA ALA F 227 -21.47 20.80 -0.54
C ALA F 227 -21.68 19.73 0.53
N ALA F 228 -22.74 18.96 0.34
CA ALA F 228 -23.23 18.07 1.38
C ALA F 228 -22.28 16.92 1.65
N GLY F 229 -21.66 16.37 0.62
CA GLY F 229 -20.85 15.19 0.79
C GLY F 229 -21.71 13.98 1.09
N SER F 230 -21.68 13.51 2.33
CA SER F 230 -22.64 12.52 2.76
C SER F 230 -23.88 13.20 3.31
N GLY F 231 -24.88 12.39 3.65
CA GLY F 231 -26.03 12.90 4.35
C GLY F 231 -25.94 12.51 5.81
N SER F 232 -24.74 12.04 6.17
CA SER F 232 -24.51 11.56 7.52
C SER F 232 -24.65 12.69 8.54
N LEU F 233 -24.27 13.90 8.14
CA LEU F 233 -24.53 15.04 9.00
C LEU F 233 -25.99 15.49 8.93
N LEU F 234 -26.69 15.16 7.87
CA LEU F 234 -28.11 15.43 7.79
C LEU F 234 -28.94 14.29 8.34
N LEU F 235 -28.28 13.21 8.79
CA LEU F 235 -28.98 12.16 9.50
C LEU F 235 -29.58 12.67 10.79
N GLN F 236 -28.82 13.44 11.55
CA GLN F 236 -29.25 13.96 12.83
C GLN F 236 -30.33 15.00 12.70
N ALA F 237 -30.44 15.59 11.51
CA ALA F 237 -31.55 16.49 11.22
C ALA F 237 -32.89 15.78 11.37
N LYS F 238 -32.97 14.53 10.91
CA LYS F 238 -34.22 13.81 11.06
C LYS F 238 -34.44 13.31 12.48
N LYS F 239 -33.35 12.97 13.18
CA LYS F 239 -33.46 12.62 14.59
C LYS F 239 -33.96 13.81 15.39
N GLN F 240 -33.62 15.02 14.95
CA GLN F 240 -34.27 16.20 15.47
C GLN F 240 -35.70 16.33 14.96
N PHE F 241 -35.95 15.93 13.73
CA PHE F 241 -37.22 16.21 13.08
C PHE F 241 -38.16 15.04 13.06
N ASP F 242 -37.76 13.94 13.67
CA ASP F 242 -38.75 12.96 14.05
C ASP F 242 -39.61 13.48 15.19
N ASN F 243 -39.09 14.44 15.97
CA ASN F 243 -39.77 15.01 17.11
C ASN F 243 -41.05 15.73 16.71
N HIS F 244 -40.94 16.87 16.03
CA HIS F 244 -42.16 17.51 15.54
C HIS F 244 -42.55 16.98 14.17
N ILE F 245 -41.79 17.36 13.15
CA ILE F 245 -42.22 17.17 11.76
C ILE F 245 -41.05 17.55 10.86
N ILE F 246 -41.04 17.01 9.63
CA ILE F 246 -40.25 17.60 8.57
C ILE F 246 -40.79 18.99 8.24
N GLU F 247 -39.94 19.83 7.69
CA GLU F 247 -40.39 21.17 7.32
C GLU F 247 -40.29 21.42 5.82
N GLU F 248 -39.11 21.30 5.24
CA GLU F 248 -38.98 21.17 3.80
C GLU F 248 -37.87 20.15 3.53
N GLY F 249 -37.45 20.07 2.29
CA GLY F 249 -36.47 19.08 1.91
C GLY F 249 -35.07 19.45 2.34
N PHE F 250 -34.32 18.41 2.65
CA PHE F 250 -32.96 18.58 3.15
C PHE F 250 -32.09 18.81 1.91
N PHE F 251 -32.05 20.05 1.48
CA PHE F 251 -31.51 20.36 0.17
C PHE F 251 -30.00 20.36 0.19
N GLY F 252 -29.41 19.55 -0.67
CA GLY F 252 -27.97 19.54 -0.82
C GLY F 252 -27.60 19.70 -2.27
N GLN F 253 -26.35 20.02 -2.52
CA GLN F 253 -25.76 19.88 -3.84
C GLN F 253 -24.37 19.30 -3.63
N GLU F 254 -23.97 18.40 -4.52
CA GLU F 254 -22.69 17.73 -4.31
C GLU F 254 -22.08 17.39 -5.67
N ILE F 255 -20.76 17.22 -5.68
CA ILE F 255 -19.99 17.14 -6.91
C ILE F 255 -19.81 15.70 -7.40
N ASN F 256 -19.20 14.85 -6.58
CA ASN F 256 -18.81 13.52 -7.05
C ASN F 256 -20.03 12.62 -7.17
N HIS F 257 -20.18 11.99 -8.34
CA HIS F 257 -21.44 11.38 -8.71
C HIS F 257 -21.73 10.12 -7.91
N THR F 258 -20.70 9.34 -7.60
CA THR F 258 -20.89 8.19 -6.74
C THR F 258 -21.24 8.62 -5.31
N THR F 259 -20.62 9.70 -4.85
CA THR F 259 -20.94 10.26 -3.55
C THR F 259 -22.36 10.79 -3.55
N TYR F 260 -22.77 11.34 -4.69
CA TYR F 260 -24.13 11.83 -4.88
C TYR F 260 -25.14 10.70 -4.75
N ASN F 261 -24.87 9.57 -5.39
CA ASN F 261 -25.79 8.44 -5.34
C ASN F 261 -25.87 7.85 -3.94
N LEU F 262 -24.71 7.70 -3.29
CA LEU F 262 -24.75 7.12 -1.95
C LEU F 262 -25.37 8.07 -0.95
N ALA F 263 -25.27 9.38 -1.17
CA ALA F 263 -25.93 10.32 -0.29
C ALA F 263 -27.44 10.28 -0.49
N ARG F 264 -27.89 10.12 -1.74
CA ARG F 264 -29.32 10.07 -1.97
C ARG F 264 -29.92 8.80 -1.37
N MET F 265 -29.22 7.67 -1.50
CA MET F 265 -29.74 6.48 -0.82
C MET F 265 -29.54 6.56 0.68
N ASN F 266 -28.55 7.33 1.13
CA ASN F 266 -28.32 7.53 2.55
C ASN F 266 -29.53 8.17 3.19
N MET F 267 -29.94 9.32 2.69
CA MET F 267 -31.16 9.88 3.25
C MET F 267 -32.41 9.20 2.71
N PHE F 268 -32.29 8.25 1.81
CA PHE F 268 -33.49 7.48 1.53
C PHE F 268 -33.72 6.42 2.59
N LEU F 269 -32.65 5.85 3.13
CA LEU F 269 -32.78 4.65 3.96
C LEU F 269 -33.39 4.91 5.32
N HIS F 270 -33.50 6.17 5.73
CA HIS F 270 -33.91 6.45 7.09
C HIS F 270 -35.39 6.72 7.20
N ASN F 271 -36.19 6.01 6.39
CA ASN F 271 -37.65 6.10 6.37
C ASN F 271 -38.10 7.51 6.05
N ILE F 272 -37.35 8.17 5.21
CA ILE F 272 -37.61 9.56 4.91
C ILE F 272 -38.48 9.63 3.68
N ASN F 273 -39.50 10.49 3.72
CA ASN F 273 -40.53 10.50 2.70
C ASN F 273 -39.97 10.97 1.37
N TYR F 274 -40.70 10.63 0.33
CA TYR F 274 -40.21 10.74 -1.04
C TYR F 274 -40.12 12.18 -1.49
N ASP F 275 -41.04 12.99 -0.98
CA ASP F 275 -41.51 14.17 -1.70
C ASP F 275 -40.47 15.27 -1.75
N LYS F 276 -39.79 15.51 -0.65
CA LYS F 276 -39.07 16.76 -0.52
C LYS F 276 -37.56 16.61 -0.62
N PHE F 277 -37.04 15.41 -0.44
CA PHE F 277 -35.71 15.23 0.12
C PHE F 277 -34.77 14.77 -0.98
N ASP F 278 -34.06 15.73 -1.55
CA ASP F 278 -33.30 15.55 -2.77
C ASP F 278 -32.04 16.39 -2.77
N ILE F 279 -31.13 16.00 -3.65
CA ILE F 279 -29.81 16.62 -3.75
C ILE F 279 -29.57 16.90 -5.22
N LYS F 280 -28.99 18.06 -5.51
CA LYS F 280 -28.60 18.45 -6.86
C LYS F 280 -27.15 18.05 -7.10
N LEU F 281 -26.83 17.75 -8.35
CA LEU F 281 -25.48 17.31 -8.67
C LEU F 281 -24.67 18.47 -9.23
N GLY F 282 -23.40 18.54 -8.84
CA GLY F 282 -22.48 19.50 -9.41
C GLY F 282 -21.93 20.46 -8.37
N ASN F 283 -21.14 21.41 -8.88
CA ASN F 283 -20.56 22.44 -8.03
C ASN F 283 -21.63 23.45 -7.62
N THR F 284 -21.45 24.01 -6.42
CA THR F 284 -22.26 25.13 -5.98
C THR F 284 -21.61 26.46 -6.30
N LEU F 285 -20.29 26.48 -6.46
CA LEU F 285 -19.61 27.71 -6.81
C LEU F 285 -19.94 28.14 -8.22
N THR F 286 -20.06 27.18 -9.14
CA THR F 286 -20.40 27.53 -10.50
C THR F 286 -21.89 27.83 -10.62
N GLU F 287 -22.73 26.83 -10.38
CA GLU F 287 -24.16 26.93 -10.65
C GLU F 287 -24.95 26.48 -9.42
N PRO F 288 -25.17 27.36 -8.48
CA PRO F 288 -26.04 27.03 -7.35
C PRO F 288 -27.50 27.03 -7.75
N HIS F 289 -28.24 26.07 -7.22
CA HIS F 289 -29.68 26.03 -7.42
C HIS F 289 -30.29 25.18 -6.30
N PHE F 290 -31.37 25.67 -5.70
CA PHE F 290 -32.13 26.84 -6.15
C PHE F 290 -31.67 28.18 -5.61
N ARG F 291 -31.38 29.09 -6.53
CA ARG F 291 -31.13 30.47 -6.15
C ARG F 291 -32.39 31.13 -5.65
N ASP F 292 -33.48 30.99 -6.40
CA ASP F 292 -34.75 31.60 -6.04
C ASP F 292 -35.34 30.99 -4.78
N GLU F 293 -35.06 29.72 -4.53
CA GLU F 293 -35.72 29.01 -3.45
C GLU F 293 -34.68 28.54 -2.44
N LYS F 294 -34.63 29.15 -1.26
CA LYS F 294 -35.31 30.38 -0.84
C LYS F 294 -34.29 30.96 0.13
N PRO F 295 -34.53 32.11 0.76
CA PRO F 295 -33.76 32.42 1.97
C PRO F 295 -34.05 31.41 3.08
N PHE F 296 -33.00 30.73 3.53
CA PHE F 296 -33.12 29.62 4.44
C PHE F 296 -33.01 30.06 5.89
N ASP F 297 -33.25 29.09 6.79
CA ASP F 297 -33.36 29.37 8.21
C ASP F 297 -32.30 28.70 9.07
N ALA F 298 -31.65 27.67 8.56
CA ALA F 298 -30.53 27.02 9.23
C ALA F 298 -29.78 26.24 8.18
N ILE F 299 -28.46 26.33 8.20
CA ILE F 299 -27.63 25.65 7.22
C ILE F 299 -26.37 25.13 7.87
N VAL F 300 -25.91 23.98 7.37
CA VAL F 300 -24.72 23.30 7.85
C VAL F 300 -23.82 23.03 6.67
N SER F 301 -22.61 22.56 6.96
CA SER F 301 -21.64 22.28 5.90
C SER F 301 -20.55 21.37 6.41
N ASN F 302 -19.72 20.96 5.47
CA ASN F 302 -18.38 20.44 5.67
C ASN F 302 -17.65 20.61 4.34
N PRO F 303 -17.07 21.77 4.08
CA PRO F 303 -16.41 22.01 2.81
C PRO F 303 -15.14 21.19 2.69
N PRO F 304 -14.67 20.94 1.48
CA PRO F 304 -13.41 20.21 1.32
C PRO F 304 -12.20 21.04 1.67
N TYR F 305 -11.02 20.47 1.46
CA TYR F 305 -9.77 21.09 1.92
C TYR F 305 -9.07 21.72 0.72
N SER F 306 -9.28 23.05 0.60
CA SER F 306 -8.55 23.92 -0.31
C SER F 306 -8.69 23.48 -1.77
N VAL F 307 -9.88 23.01 -2.13
CA VAL F 307 -10.12 22.68 -3.51
C VAL F 307 -10.20 23.95 -4.34
N LYS F 308 -9.61 23.90 -5.53
CA LYS F 308 -9.42 25.10 -6.33
C LYS F 308 -10.64 25.36 -7.18
N TRP F 309 -10.67 26.56 -7.78
CA TRP F 309 -11.71 26.95 -8.71
C TRP F 309 -11.18 28.10 -9.56
N ILE F 310 -11.39 28.00 -10.87
CA ILE F 310 -10.91 29.01 -11.80
C ILE F 310 -12.10 29.80 -12.34
N GLY F 311 -12.43 30.89 -11.67
CA GLY F 311 -13.55 31.71 -12.07
C GLY F 311 -13.39 33.19 -11.79
N SER F 312 -12.19 33.60 -11.40
CA SER F 312 -11.95 34.96 -10.92
C SER F 312 -10.94 35.67 -11.82
N ASP F 313 -11.42 36.52 -12.74
CA ASP F 313 -12.84 36.57 -13.13
C ASP F 313 -12.97 36.10 -14.56
N ASP F 314 -13.03 34.79 -14.74
CA ASP F 314 -13.12 34.27 -16.09
C ASP F 314 -14.56 34.43 -16.57
N PRO F 315 -15.61 34.16 -15.72
CA PRO F 315 -16.88 34.86 -15.96
C PRO F 315 -16.98 36.15 -15.17
N THR F 316 -18.12 36.82 -15.25
CA THR F 316 -18.33 38.03 -14.48
C THR F 316 -18.79 37.74 -13.06
N LEU F 317 -18.02 36.93 -12.33
CA LEU F 317 -18.35 36.66 -10.94
C LEU F 317 -18.04 37.84 -10.02
N ILE F 318 -17.38 38.88 -10.52
CA ILE F 318 -17.32 40.13 -9.78
C ILE F 318 -18.72 40.73 -9.66
N ASN F 319 -19.54 40.57 -10.69
CA ASN F 319 -20.87 41.18 -10.73
C ASN F 319 -21.97 40.17 -10.51
N ASP F 320 -21.74 39.18 -9.65
CA ASP F 320 -22.82 38.28 -9.29
C ASP F 320 -23.62 38.84 -8.12
N GLU F 321 -24.50 38.02 -7.55
CA GLU F 321 -25.27 38.46 -6.39
C GLU F 321 -24.65 38.01 -5.08
N ARG F 322 -23.67 37.10 -5.11
CA ARG F 322 -23.15 36.56 -3.87
C ARG F 322 -21.71 36.95 -3.58
N PHE F 323 -20.93 37.37 -4.57
CA PHE F 323 -19.56 37.78 -4.30
C PHE F 323 -19.40 39.29 -4.39
N ALA F 324 -20.44 40.01 -4.81
CA ALA F 324 -20.33 41.45 -4.98
C ALA F 324 -20.23 42.23 -3.67
N PRO F 325 -20.98 41.93 -2.59
CA PRO F 325 -20.72 42.65 -1.34
C PRO F 325 -19.39 42.34 -0.70
N ALA F 326 -18.70 41.28 -1.13
CA ALA F 326 -17.33 41.06 -0.68
C ALA F 326 -16.40 42.10 -1.27
N GLY F 327 -16.65 42.53 -2.51
CA GLY F 327 -15.80 43.45 -3.20
C GLY F 327 -14.65 42.80 -3.93
N VAL F 328 -14.08 41.73 -3.38
CA VAL F 328 -13.01 40.98 -4.01
C VAL F 328 -13.49 39.53 -4.08
N LEU F 329 -12.82 38.73 -4.89
CA LEU F 329 -13.06 37.30 -4.90
C LEU F 329 -11.93 36.57 -4.18
N ALA F 330 -12.21 35.34 -3.82
CA ALA F 330 -11.22 34.51 -3.14
C ALA F 330 -10.15 34.07 -4.13
N PRO F 331 -8.94 33.81 -3.65
CA PRO F 331 -7.91 33.24 -4.52
C PRO F 331 -8.20 31.78 -4.82
N LYS F 332 -7.33 31.22 -5.66
CA LYS F 332 -7.54 29.86 -6.14
C LYS F 332 -7.13 28.81 -5.12
N SER F 333 -6.43 29.21 -4.06
CA SER F 333 -5.95 28.25 -3.09
C SER F 333 -6.95 27.98 -1.98
N LYS F 334 -8.16 28.52 -2.08
CA LYS F 334 -9.20 28.22 -1.10
C LYS F 334 -10.53 28.29 -1.81
N ALA F 335 -11.57 27.89 -1.09
CA ALA F 335 -12.93 28.00 -1.60
C ALA F 335 -13.91 28.39 -0.51
N ASP F 336 -13.46 28.44 0.74
CA ASP F 336 -14.36 28.41 1.89
C ASP F 336 -15.19 29.67 1.99
N PHE F 337 -14.61 30.81 1.63
CA PHE F 337 -15.34 32.05 1.75
C PHE F 337 -16.41 32.20 0.68
N ALA F 338 -16.23 31.53 -0.46
CA ALA F 338 -17.32 31.41 -1.41
C ALA F 338 -18.50 30.69 -0.79
N PHE F 339 -18.22 29.63 -0.02
CA PHE F 339 -19.28 28.94 0.69
C PHE F 339 -19.93 29.82 1.72
N VAL F 340 -19.15 30.65 2.41
CA VAL F 340 -19.78 31.38 3.50
C VAL F 340 -20.55 32.58 2.97
N LEU F 341 -20.15 33.14 1.84
CA LEU F 341 -20.92 34.23 1.26
C LEU F 341 -22.16 33.69 0.56
N HIS F 342 -22.01 32.54 -0.09
CA HIS F 342 -23.13 31.72 -0.53
C HIS F 342 -24.10 31.45 0.60
N ALA F 343 -23.56 31.18 1.78
CA ALA F 343 -24.36 30.83 2.93
C ALA F 343 -25.17 32.01 3.42
N LEU F 344 -24.50 33.12 3.72
CA LEU F 344 -25.19 34.30 4.21
C LEU F 344 -26.07 34.93 3.15
N ASN F 345 -25.85 34.61 1.89
CA ASN F 345 -26.82 34.95 0.85
C ASN F 345 -28.15 34.25 1.13
N TYR F 346 -28.11 32.97 1.50
CA TYR F 346 -29.31 32.16 1.59
C TYR F 346 -29.77 32.04 3.04
N LEU F 347 -30.17 33.17 3.62
CA LEU F 347 -30.28 33.15 5.07
C LEU F 347 -31.33 34.15 5.54
N SER F 348 -32.07 33.78 6.59
CA SER F 348 -33.20 34.56 7.07
C SER F 348 -32.86 35.31 8.36
N ALA F 349 -33.88 35.89 8.98
CA ALA F 349 -33.71 36.57 10.27
C ALA F 349 -33.33 35.58 11.36
N LYS F 350 -34.03 34.44 11.40
CA LYS F 350 -33.61 33.32 12.23
C LYS F 350 -32.61 32.44 11.48
N GLY F 351 -32.19 32.86 10.29
CA GLY F 351 -31.16 32.13 9.57
C GLY F 351 -29.84 32.10 10.33
N ARG F 352 -29.36 30.88 10.56
CA ARG F 352 -28.04 30.70 11.13
C ARG F 352 -27.25 29.73 10.24
N ALA F 353 -25.93 29.87 10.33
CA ALA F 353 -25.00 29.15 9.47
C ALA F 353 -23.93 28.55 10.35
N ALA F 354 -23.90 27.24 10.44
CA ALA F 354 -22.89 26.53 11.22
C ALA F 354 -21.97 25.88 10.22
N ILE F 355 -20.80 26.46 10.02
CA ILE F 355 -19.89 25.92 9.02
C ILE F 355 -18.57 25.57 9.69
N VAL F 356 -17.82 24.69 9.04
CA VAL F 356 -16.54 24.25 9.58
C VAL F 356 -15.44 24.78 8.69
N CYS F 357 -14.23 24.82 9.26
CA CYS F 357 -13.07 25.37 8.56
C CYS F 357 -11.79 24.73 9.07
N PHE F 358 -10.83 24.59 8.18
CA PHE F 358 -9.45 24.57 8.60
C PHE F 358 -9.04 26.01 8.92
N PRO F 359 -7.94 26.22 9.67
CA PRO F 359 -7.61 27.59 10.11
C PRO F 359 -7.06 28.53 9.05
N GLY F 360 -7.22 28.19 7.77
CA GLY F 360 -7.06 29.12 6.66
C GLY F 360 -7.83 30.41 6.78
N ILE F 361 -8.94 30.41 7.52
CA ILE F 361 -9.46 31.65 8.08
C ILE F 361 -8.61 31.93 9.31
N PHE F 362 -7.54 32.68 9.11
CA PHE F 362 -6.80 33.17 10.27
C PHE F 362 -6.73 34.69 10.29
N TYR F 363 -5.89 35.30 9.47
CA TYR F 363 -6.06 36.67 9.06
C TYR F 363 -5.87 36.80 7.55
N ARG F 364 -4.72 36.31 7.09
CA ARG F 364 -4.40 36.01 5.69
C ARG F 364 -4.50 37.21 4.74
N GLY F 365 -4.44 38.44 5.24
CA GLY F 365 -4.23 39.58 4.36
C GLY F 365 -5.49 40.41 4.19
N GLY F 366 -5.29 41.53 3.48
CA GLY F 366 -6.27 42.60 3.45
C GLY F 366 -7.56 42.26 2.75
N ALA F 367 -7.50 41.41 1.72
CA ALA F 367 -8.72 40.91 1.11
C ALA F 367 -9.45 39.98 2.08
N GLU F 368 -8.70 39.14 2.77
CA GLU F 368 -9.31 38.29 3.76
C GLU F 368 -9.70 39.10 4.99
N GLN F 369 -8.97 40.20 5.22
CA GLN F 369 -9.40 41.17 6.23
C GLN F 369 -10.76 41.75 5.87
N LYS F 370 -10.95 42.15 4.62
CA LYS F 370 -12.22 42.80 4.32
C LYS F 370 -13.35 41.80 4.21
N ILE F 371 -13.02 40.53 3.94
CA ILE F 371 -13.97 39.45 4.21
C ILE F 371 -14.40 39.47 5.67
N ARG F 372 -13.41 39.37 6.57
CA ARG F 372 -13.65 39.36 8.01
C ARG F 372 -14.34 40.64 8.46
N GLN F 373 -14.01 41.75 7.80
CA GLN F 373 -14.52 43.05 8.15
C GLN F 373 -15.98 43.17 7.76
N TYR F 374 -16.32 42.73 6.55
CA TYR F 374 -17.71 42.64 6.12
C TYR F 374 -18.49 41.69 6.99
N LEU F 375 -17.85 40.66 7.54
CA LEU F 375 -18.51 39.82 8.51
C LEU F 375 -18.74 40.56 9.82
N VAL F 376 -17.76 41.36 10.25
CA VAL F 376 -17.92 42.06 11.51
C VAL F 376 -18.44 43.47 11.23
N ASP F 377 -18.76 43.75 9.96
CA ASP F 377 -19.50 44.96 9.63
C ASP F 377 -20.82 44.98 10.37
N ASN F 378 -21.46 43.83 10.45
CA ASN F 378 -22.65 43.69 11.27
C ASN F 378 -22.35 42.55 12.24
N ASN F 379 -23.37 42.09 12.95
CA ASN F 379 -23.23 40.87 13.71
C ASN F 379 -23.50 39.67 12.81
N TYR F 380 -22.81 39.59 11.67
CA TYR F 380 -23.01 38.49 10.75
C TYR F 380 -22.43 37.23 11.37
N VAL F 381 -21.12 37.22 11.58
CA VAL F 381 -20.51 36.20 12.40
C VAL F 381 -20.75 36.56 13.86
N GLU F 382 -21.09 35.57 14.67
CA GLU F 382 -21.35 35.85 16.08
C GLU F 382 -20.34 35.18 16.99
N THR F 383 -20.23 33.86 16.92
CA THR F 383 -19.26 33.13 17.72
C THR F 383 -18.42 32.28 16.79
N VAL F 384 -17.20 32.00 17.23
CA VAL F 384 -16.41 30.94 16.61
C VAL F 384 -16.06 29.94 17.68
N ILE F 385 -15.79 28.71 17.26
CA ILE F 385 -15.41 27.64 18.17
C ILE F 385 -14.27 26.88 17.53
N SER F 386 -13.13 26.84 18.21
CA SER F 386 -12.03 26.00 17.80
C SER F 386 -12.04 24.70 18.60
N LEU F 387 -11.53 23.65 17.98
CA LEU F 387 -11.41 22.36 18.62
C LEU F 387 -9.95 21.97 18.69
N ALA F 388 -9.71 20.77 19.12
CA ALA F 388 -8.33 20.35 19.22
C ALA F 388 -8.04 19.24 18.23
N PRO F 389 -6.81 19.17 17.72
CA PRO F 389 -6.45 18.04 16.86
C PRO F 389 -6.45 16.73 17.64
N ASN F 390 -6.75 15.62 16.96
CA ASN F 390 -7.09 15.57 15.55
C ASN F 390 -8.59 15.62 15.37
N LEU F 391 -9.28 14.62 15.92
CA LEU F 391 -10.72 14.40 15.90
C LEU F 391 -11.23 14.04 14.50
N PHE F 392 -10.36 13.99 13.51
CA PHE F 392 -10.81 13.70 12.15
C PHE F 392 -10.02 12.65 11.38
N PHE F 393 -10.74 11.84 10.60
CA PHE F 393 -10.13 10.79 9.79
C PHE F 393 -9.21 11.37 8.72
N GLY F 394 -8.05 10.73 8.54
CA GLY F 394 -7.15 11.09 7.46
C GLY F 394 -6.82 12.55 7.52
N THR F 395 -6.67 13.07 8.73
CA THR F 395 -6.46 14.50 8.91
C THR F 395 -5.63 14.79 10.15
N THR F 396 -5.03 15.96 10.19
CA THR F 396 -4.32 16.38 11.38
C THR F 396 -5.03 17.45 12.17
N ILE F 397 -5.34 18.58 11.53
CA ILE F 397 -5.26 19.85 12.25
C ILE F 397 -6.49 20.12 13.09
N ALA F 398 -6.34 21.06 14.01
CA ALA F 398 -7.45 21.66 14.71
C ALA F 398 -8.40 22.30 13.71
N VAL F 399 -9.67 22.24 14.02
CA VAL F 399 -10.71 22.72 13.15
C VAL F 399 -11.40 23.90 13.82
N ASN F 400 -12.20 24.62 13.04
CA ASN F 400 -12.86 25.81 13.53
C ASN F 400 -14.31 25.75 13.12
N ILE F 401 -15.16 26.30 13.97
CA ILE F 401 -16.60 26.22 13.80
C ILE F 401 -17.14 27.63 13.81
N LEU F 402 -17.58 28.11 12.66
CA LEU F 402 -18.13 29.45 12.57
C LEU F 402 -19.65 29.42 12.68
N VAL F 403 -20.16 30.33 13.50
CA VAL F 403 -21.58 30.50 13.72
C VAL F 403 -21.97 31.85 13.17
N LEU F 404 -22.97 31.86 12.31
CA LEU F 404 -23.37 33.08 11.62
C LEU F 404 -24.87 33.28 11.73
N SER F 405 -25.27 34.54 11.85
CA SER F 405 -26.69 34.87 11.89
C SER F 405 -26.87 36.30 11.44
N LYS F 406 -28.07 36.60 10.95
CA LYS F 406 -28.49 37.98 10.79
C LYS F 406 -29.37 38.32 11.99
N HIS F 407 -28.69 38.65 13.08
CA HIS F 407 -29.28 38.75 14.39
C HIS F 407 -28.28 39.48 15.30
N LYS F 408 -28.81 40.30 16.19
CA LYS F 408 -27.94 41.14 17.01
C LYS F 408 -27.29 40.35 18.13
N THR F 409 -26.12 40.81 18.57
CA THR F 409 -25.54 40.31 19.80
C THR F 409 -25.30 41.38 20.87
N ASP F 410 -24.58 42.50 20.64
CA ASP F 410 -23.86 42.99 19.45
C ASP F 410 -22.35 43.10 19.69
N THR F 411 -21.69 41.94 19.59
CA THR F 411 -20.25 41.74 19.78
C THR F 411 -19.96 40.29 19.44
N ASN F 412 -18.68 39.93 19.45
CA ASN F 412 -18.29 38.55 19.23
C ASN F 412 -17.95 37.89 20.54
N VAL F 413 -18.68 36.83 20.86
CA VAL F 413 -18.47 36.10 22.09
C VAL F 413 -17.93 34.74 21.70
N GLN F 414 -16.62 34.57 21.79
CA GLN F 414 -16.05 33.30 21.43
C GLN F 414 -16.28 32.28 22.55
N PHE F 415 -16.36 31.01 22.14
CA PHE F 415 -16.88 29.91 22.95
C PHE F 415 -15.96 28.70 22.81
N ILE F 416 -14.68 28.93 23.06
CA ILE F 416 -13.61 28.11 22.53
C ILE F 416 -12.88 27.42 23.68
N ASP F 417 -12.60 26.13 23.49
CA ASP F 417 -11.67 25.42 24.36
C ASP F 417 -10.56 24.80 23.52
N ALA F 418 -9.50 24.42 24.21
CA ALA F 418 -8.50 23.51 23.68
C ALA F 418 -8.53 22.16 24.38
N SER F 419 -8.97 22.12 25.63
CA SER F 419 -9.24 20.89 26.37
C SER F 419 -10.11 21.29 27.56
N GLU F 420 -11.23 20.60 27.76
CA GLU F 420 -11.58 19.38 27.06
C GLU F 420 -12.86 19.55 26.24
N LEU F 421 -13.02 19.02 25.00
CA LEU F 421 -12.10 18.24 24.13
C LEU F 421 -11.47 16.97 24.72
N PHE F 422 -12.36 16.02 24.99
CA PHE F 422 -12.03 14.75 25.61
C PHE F 422 -11.13 13.93 24.71
N LYS F 423 -9.85 13.87 25.04
CA LYS F 423 -8.82 13.32 24.15
C LYS F 423 -8.32 11.98 24.65
N LYS F 424 -9.22 11.12 25.14
CA LYS F 424 -8.79 9.85 25.69
C LYS F 424 -9.04 8.67 24.75
N GLU F 425 -10.27 8.46 24.31
CA GLU F 425 -10.52 7.46 23.29
C GLU F 425 -9.95 7.97 21.97
N THR F 426 -9.46 7.04 21.14
CA THR F 426 -8.64 7.39 19.99
C THR F 426 -9.43 8.18 18.95
N ASN F 427 -9.01 9.42 18.69
CA ASN F 427 -7.82 10.02 19.29
C ASN F 427 -8.13 11.22 20.19
N ASN F 428 -8.85 12.21 19.66
CA ASN F 428 -9.51 13.22 20.49
C ASN F 428 -10.96 12.83 20.74
N ASN F 429 -11.24 11.55 20.72
CA ASN F 429 -12.59 11.03 20.72
C ASN F 429 -13.03 10.65 22.13
N ILE F 430 -14.33 10.76 22.40
CA ILE F 430 -15.25 11.58 21.63
C ILE F 430 -15.61 12.74 22.52
N LEU F 431 -16.19 13.78 21.94
CA LEU F 431 -16.91 14.75 22.73
C LEU F 431 -18.16 14.03 23.22
N THR F 432 -18.14 13.58 24.47
CA THR F 432 -19.10 12.58 24.92
C THR F 432 -20.47 13.22 25.12
N ASP F 433 -21.44 12.35 25.41
CA ASP F 433 -22.77 12.81 25.75
C ASP F 433 -22.71 13.59 27.05
N ALA F 434 -23.27 14.80 27.01
CA ALA F 434 -23.28 15.88 28.00
C ALA F 434 -21.93 16.59 28.11
N HIS F 435 -20.88 16.08 27.48
CA HIS F 435 -19.69 16.90 27.28
C HIS F 435 -19.98 17.97 26.25
N ILE F 436 -20.69 17.58 25.19
CA ILE F 436 -21.23 18.55 24.24
C ILE F 436 -22.29 19.45 24.85
N GLU F 437 -23.08 18.95 25.80
CA GLU F 437 -24.10 19.78 26.41
C GLU F 437 -23.49 20.85 27.28
N GLN F 438 -22.31 20.55 27.84
CA GLN F 438 -21.52 21.56 28.52
C GLN F 438 -21.14 22.67 27.56
N ILE F 439 -20.75 22.31 26.34
CA ILE F 439 -20.34 23.31 25.35
C ILE F 439 -21.55 24.10 24.87
N MET F 440 -22.69 23.43 24.73
CA MET F 440 -23.92 24.10 24.35
C MET F 440 -24.39 25.04 25.46
N GLN F 441 -24.14 24.66 26.70
CA GLN F 441 -24.51 25.50 27.84
C GLN F 441 -23.62 26.73 27.88
N VAL F 442 -22.35 26.55 27.53
CA VAL F 442 -21.48 27.69 27.28
C VAL F 442 -22.03 28.55 26.16
N PHE F 443 -22.55 27.91 25.12
CA PHE F 443 -23.10 28.65 23.99
C PHE F 443 -24.38 29.38 24.35
N ALA F 444 -25.07 28.93 25.41
CA ALA F 444 -26.45 29.30 25.69
C ALA F 444 -26.65 30.79 25.90
N SER F 445 -26.08 31.36 26.95
CA SER F 445 -26.19 32.81 27.14
C SER F 445 -24.83 33.39 27.49
N LYS F 446 -24.00 33.58 26.45
CA LYS F 446 -22.92 34.58 26.38
C LYS F 446 -22.01 34.59 27.61
N GLU F 447 -21.60 33.40 28.05
CA GLU F 447 -20.89 33.31 29.30
C GLU F 447 -19.42 33.66 29.13
N ASP F 448 -18.80 34.05 30.24
CA ASP F 448 -17.39 34.45 30.25
C ASP F 448 -16.70 33.60 31.32
N VAL F 449 -16.28 32.41 30.93
CA VAL F 449 -15.69 31.45 31.84
C VAL F 449 -14.19 31.48 31.64
N ALA F 450 -13.44 31.53 32.74
CA ALA F 450 -11.99 31.49 32.66
C ALA F 450 -11.52 30.12 32.18
N HIS F 451 -10.31 30.12 31.60
CA HIS F 451 -9.72 28.98 30.90
C HIS F 451 -10.67 28.41 29.85
N LEU F 452 -11.31 29.31 29.14
CA LEU F 452 -12.41 29.12 28.22
C LEU F 452 -12.62 30.50 27.62
N ALA F 453 -13.25 30.57 26.47
CA ALA F 453 -13.30 31.87 25.81
C ALA F 453 -14.48 32.66 26.35
N LYS F 454 -14.71 33.84 25.78
CA LYS F 454 -15.59 34.82 26.38
C LYS F 454 -15.97 35.84 25.31
N SER F 455 -16.67 36.89 25.74
CA SER F 455 -16.90 38.01 24.85
C SER F 455 -15.63 38.82 24.67
N VAL F 456 -15.51 39.42 23.50
CA VAL F 456 -14.53 40.47 23.28
C VAL F 456 -15.31 41.71 22.88
N ALA F 457 -14.65 42.85 23.00
CA ALA F 457 -15.23 44.06 22.45
C ALA F 457 -15.03 44.09 20.95
N PHE F 458 -16.00 44.67 20.26
CA PHE F 458 -15.81 44.95 18.84
C PHE F 458 -14.70 45.97 18.63
N GLU F 459 -14.57 46.92 19.55
CA GLU F 459 -13.46 47.85 19.50
C GLU F 459 -12.14 47.15 19.75
N THR F 460 -12.15 46.10 20.56
CA THR F 460 -10.92 45.34 20.78
C THR F 460 -10.52 44.59 19.52
N VAL F 461 -11.49 43.98 18.83
CA VAL F 461 -11.15 43.15 17.70
C VAL F 461 -10.89 43.99 16.46
N VAL F 462 -11.37 45.23 16.42
CA VAL F 462 -10.89 46.12 15.36
C VAL F 462 -9.59 46.77 15.77
N ALA F 463 -9.36 46.90 17.08
CA ALA F 463 -8.03 47.29 17.55
C ALA F 463 -7.06 46.14 17.35
N ASN F 464 -7.54 44.91 17.54
CA ASN F 464 -6.81 43.77 17.03
C ASN F 464 -6.85 43.78 15.51
N ASP F 465 -5.95 43.03 14.91
CA ASP F 465 -6.04 42.91 13.46
C ASP F 465 -6.85 41.70 13.07
N TYR F 466 -8.07 41.59 13.63
CA TYR F 466 -9.16 40.76 13.09
C TYR F 466 -8.78 39.29 13.10
N ASN F 467 -8.55 38.78 14.31
CA ASN F 467 -7.83 37.54 14.48
C ASN F 467 -8.69 36.52 15.21
N LEU F 468 -8.22 35.27 15.19
CA LEU F 468 -8.87 34.17 15.88
C LEU F 468 -7.83 33.10 16.11
N SER F 469 -7.71 32.59 17.35
CA SER F 469 -8.49 33.00 18.51
C SER F 469 -7.61 33.39 19.68
N VAL F 470 -6.66 34.30 19.42
CA VAL F 470 -5.61 34.65 20.37
C VAL F 470 -6.20 35.12 21.68
N SER F 471 -7.18 36.01 21.61
CA SER F 471 -8.12 36.16 22.69
C SER F 471 -9.04 34.94 22.67
N SER F 472 -9.02 34.11 23.71
CA SER F 472 -8.38 34.39 24.99
C SER F 472 -7.17 33.51 25.28
N TYR F 473 -7.32 32.19 25.15
CA TYR F 473 -6.24 31.19 25.27
C TYR F 473 -5.58 31.25 26.66
N VAL F 474 -6.36 30.89 27.68
CA VAL F 474 -6.04 31.27 29.06
C VAL F 474 -5.18 30.17 29.69
N GLU F 475 -3.87 30.34 29.57
CA GLU F 475 -2.85 30.14 30.62
C GLU F 475 -2.97 28.81 31.36
N ALA F 476 -2.71 27.74 30.64
CA ALA F 476 -2.63 26.45 31.30
C ALA F 476 -1.26 26.23 31.93
N LYS F 477 -1.21 25.31 32.91
CA LYS F 477 -0.03 24.66 33.51
C LYS F 477 1.06 25.65 33.95
N ASP F 478 0.68 26.47 34.92
CA ASP F 478 1.60 27.42 35.54
C ASP F 478 1.81 27.04 37.00
N ASN F 479 3.07 26.85 37.38
CA ASN F 479 3.41 26.32 38.70
C ASN F 479 4.60 27.06 39.27
N ARG F 480 4.64 27.14 40.60
CA ARG F 480 5.80 27.68 41.29
C ARG F 480 5.85 27.10 42.69
N GLU F 481 7.00 27.25 43.34
CA GLU F 481 7.29 26.52 44.56
C GLU F 481 7.82 27.50 45.60
N ILE F 482 8.35 26.97 46.70
CA ILE F 482 8.74 27.75 47.87
C ILE F 482 10.25 27.66 47.98
N ILE F 483 10.87 28.71 48.51
CA ILE F 483 12.33 28.87 48.46
C ILE F 483 13.01 27.83 49.34
N ASP F 484 12.52 27.71 50.59
CA ASP F 484 13.29 27.11 51.67
C ASP F 484 13.57 25.63 51.44
N ILE F 485 12.60 24.90 50.90
CA ILE F 485 12.81 23.47 50.59
C ILE F 485 13.93 23.33 49.57
N ALA F 486 13.88 24.16 48.52
CA ALA F 486 14.86 24.09 47.45
C ALA F 486 16.25 24.46 47.95
N GLU F 487 16.34 25.50 48.78
CA GLU F 487 17.66 25.91 49.22
C GLU F 487 18.23 25.00 50.31
N LEU F 488 17.37 24.34 51.09
CA LEU F 488 17.90 23.40 52.06
C LEU F 488 18.38 22.14 51.37
N ASN F 489 17.63 21.67 50.36
CA ASN F 489 18.09 20.58 49.52
C ASN F 489 19.38 20.96 48.82
N ALA F 490 19.47 22.22 48.40
CA ALA F 490 20.68 22.74 47.77
C ALA F 490 21.88 22.62 48.68
N GLU F 491 21.76 23.16 49.90
CA GLU F 491 22.91 23.15 50.80
C GLU F 491 23.27 21.74 51.26
N LEU F 492 22.28 20.86 51.47
CA LEU F 492 22.61 19.52 51.92
C LEU F 492 23.26 18.71 50.80
N LYS F 493 22.78 18.85 49.57
CA LYS F 493 23.40 18.14 48.48
C LYS F 493 24.76 18.71 48.14
N THR F 494 24.99 20.00 48.42
CA THR F 494 26.35 20.52 48.24
C THR F 494 27.28 19.95 49.29
N THR F 495 26.81 19.76 50.53
CA THR F 495 27.67 19.14 51.54
C THR F 495 27.99 17.71 51.20
N VAL F 496 26.99 16.96 50.71
CA VAL F 496 27.21 15.60 50.23
C VAL F 496 28.20 15.61 49.08
N SER F 497 28.07 16.59 48.19
CA SER F 497 28.96 16.71 47.04
C SER F 497 30.37 17.03 47.47
N LYS F 498 30.53 17.88 48.49
CA LYS F 498 31.86 18.28 48.94
C LYS F 498 32.57 17.14 49.63
N ILE F 499 31.86 16.38 50.48
CA ILE F 499 32.53 15.25 51.12
C ILE F 499 32.80 14.17 50.09
N ASP F 500 31.97 14.05 49.07
CA ASP F 500 32.27 13.14 47.98
C ASP F 500 33.43 13.64 47.13
N GLN F 501 33.60 14.96 47.03
CA GLN F 501 34.71 15.50 46.24
C GLN F 501 36.04 15.27 46.93
N LEU F 502 36.09 15.53 48.25
CA LEU F 502 37.32 15.24 48.98
C LEU F 502 37.56 13.73 49.07
N ARG F 503 36.50 12.93 49.10
CA ARG F 503 36.65 11.48 49.03
C ARG F 503 37.19 11.05 47.67
N LYS F 504 36.75 11.69 46.59
CA LYS F 504 37.31 11.45 45.27
C LYS F 504 38.78 11.84 45.23
N ASP F 505 39.13 12.91 45.93
CA ASP F 505 40.53 13.33 46.02
C ASP F 505 41.36 12.28 46.73
N ILE F 506 40.79 11.64 47.76
CA ILE F 506 41.42 10.46 48.33
C ILE F 506 41.51 9.34 47.31
N ASP F 507 40.47 9.20 46.49
CA ASP F 507 40.46 8.16 45.47
C ASP F 507 41.38 8.48 44.31
N ALA F 508 41.86 9.71 44.21
CA ALA F 508 42.86 10.07 43.21
C ALA F 508 44.19 9.45 43.64
N ILE F 509 44.32 8.15 43.35
CA ILE F 509 45.47 7.36 43.74
C ILE F 509 46.26 7.05 42.49
N VAL F 510 47.47 7.60 42.41
CA VAL F 510 48.30 7.42 41.24
C VAL F 510 49.56 6.65 41.62
#